data_5ITJ
# 
_entry.id   5ITJ 
# 
_audit_conform.dict_name       mmcif_pdbx.dic 
_audit_conform.dict_version    5.387 
_audit_conform.dict_location   http://mmcif.pdb.org/dictionaries/ascii/mmcif_pdbx.dic 
# 
loop_
_database_2.database_id 
_database_2.database_code 
_database_2.pdbx_database_accession 
_database_2.pdbx_DOI 
PDB   5ITJ         pdb_00005itj 10.2210/pdb5itj/pdb 
WWPDB D_1000216553 ?            ?                   
# 
loop_
_pdbx_audit_revision_history.ordinal 
_pdbx_audit_revision_history.data_content_type 
_pdbx_audit_revision_history.major_revision 
_pdbx_audit_revision_history.minor_revision 
_pdbx_audit_revision_history.revision_date 
1 'Structure model' 1 0 2017-01-25 
2 'Structure model' 1 1 2024-03-20 
# 
_pdbx_audit_revision_details.ordinal             1 
_pdbx_audit_revision_details.revision_ordinal    1 
_pdbx_audit_revision_details.data_content_type   'Structure model' 
_pdbx_audit_revision_details.provider            repository 
_pdbx_audit_revision_details.type                'Initial release' 
_pdbx_audit_revision_details.description         ? 
_pdbx_audit_revision_details.details             ? 
# 
loop_
_pdbx_audit_revision_group.ordinal 
_pdbx_audit_revision_group.revision_ordinal 
_pdbx_audit_revision_group.data_content_type 
_pdbx_audit_revision_group.group 
1 2 'Structure model' 'Data collection'     
2 2 'Structure model' 'Database references' 
# 
loop_
_pdbx_audit_revision_category.ordinal 
_pdbx_audit_revision_category.revision_ordinal 
_pdbx_audit_revision_category.data_content_type 
_pdbx_audit_revision_category.category 
1 2 'Structure model' chem_comp_atom 
2 2 'Structure model' chem_comp_bond 
3 2 'Structure model' database_2     
# 
loop_
_pdbx_audit_revision_item.ordinal 
_pdbx_audit_revision_item.revision_ordinal 
_pdbx_audit_revision_item.data_content_type 
_pdbx_audit_revision_item.item 
1 2 'Structure model' '_database_2.pdbx_DOI'                
2 2 'Structure model' '_database_2.pdbx_database_accession' 
# 
_pdbx_database_status.status_code                     REL 
_pdbx_database_status.status_code_sf                  REL 
_pdbx_database_status.status_code_mr                  ? 
_pdbx_database_status.entry_id                        5ITJ 
_pdbx_database_status.recvd_initial_deposition_date   2016-03-17 
_pdbx_database_status.SG_entry                        N 
_pdbx_database_status.deposit_site                    RCSB 
_pdbx_database_status.process_site                    PDBJ 
_pdbx_database_status.status_code_cs                  ? 
_pdbx_database_status.methods_development_category    ? 
_pdbx_database_status.pdb_format_compatible           Y 
_pdbx_database_status.status_code_nmr_data            ? 
# 
_pdbx_database_related.content_type   unspecified 
_pdbx_database_related.db_id          5ITM 
_pdbx_database_related.db_name        PDB 
_pdbx_database_related.details        . 
# 
loop_
_audit_author.name 
_audit_author.pdbx_ordinal 
_audit_author.identifier_ORCID 
'Lin, B.L.'    1  ? 
'Chen, C.Y.'   2  ? 
'Huang, C.H.'  3  ? 
'Ko, T.P.'     4  ? 
'Chiang, C.H.' 5  ? 
'Lin, K.F.'    6  ? 
'Chang, Y.C.'  7  ? 
'Lin, P.Y.'    8  ? 
'Tsai, H.H.G.' 9  ? 
'Wang, A.H.J.' 10 ? 
# 
_citation.abstract                  ? 
_citation.abstract_id_CAS           ? 
_citation.book_id_ISBN              ? 
_citation.book_publisher            ? 
_citation.book_publisher_city       ? 
_citation.book_title                ? 
_citation.coordinate_linkage        ? 
_citation.country                   US 
_citation.database_id_Medline       ? 
_citation.details                   ? 
_citation.id                        primary 
_citation.journal_abbrev            'PLoS ONE' 
_citation.journal_id_ASTM           ? 
_citation.journal_id_CSD            ? 
_citation.journal_id_ISSN           1932-6203 
_citation.journal_full              ? 
_citation.journal_issue             ? 
_citation.journal_volume            12 
_citation.language                  ? 
_citation.page_first                e0169627 
_citation.page_last                 e0169627 
_citation.title                     
'The Arginine Pairs and C-Termini of the Sso7c4 from Sulfolobus solfataricus Participate in Binding and Bending DNA.' 
_citation.year                      2017 
_citation.database_id_CSD           ? 
_citation.pdbx_database_id_DOI      10.1371/journal.pone.0169627 
_citation.pdbx_database_id_PubMed   28068385 
_citation.unpublished_flag          ? 
# 
loop_
_citation_author.citation_id 
_citation_author.name 
_citation_author.ordinal 
_citation_author.identifier_ORCID 
primary 'Lin, B.L.'    1  ? 
primary 'Chen, C.Y.'   2  ? 
primary 'Huang, C.H.'  3  ? 
primary 'Ko, T.P.'     4  ? 
primary 'Chiang, C.H.' 5  ? 
primary 'Lin, K.F.'    6  ? 
primary 'Chang, Y.C.'  7  ? 
primary 'Lin, P.Y.'    8  ? 
primary 'Tsai, H.H.G.' 9  ? 
primary 'Wang, A.H.J.' 10 ? 
# 
loop_
_entity.id 
_entity.type 
_entity.src_method 
_entity.pdbx_description 
_entity.formula_weight 
_entity.pdbx_number_of_molecules 
_entity.pdbx_ec 
_entity.pdbx_mutation 
_entity.pdbx_fragment 
_entity.details 
1 polymer     man 'AbrB family transcriptional regulator' 6283.376 2   ? ? ? ? 
2 non-polymer syn 'SULFATE ION'                           96.063   3   ? ? ? ? 
3 non-polymer syn 'TETRAETHYLENE GLYCOL'                  194.226  2   ? ? ? ? 
4 water       nat water                                   18.015   153 ? ? ? ? 
# 
_entity_name_com.entity_id   1 
_entity_name_com.name        'Histone-like protein' 
# 
_entity_poly.entity_id                      1 
_entity_poly.type                           'polypeptide(L)' 
_entity_poly.nstd_linkage                   no 
_entity_poly.nstd_monomer                   no 
_entity_poly.pdbx_seq_one_letter_code       MAVEEIVKVSRNYQVTIPAKVRQKFQIKEGDLVKVTFDESEGVVKIQLLKEPWK 
_entity_poly.pdbx_seq_one_letter_code_can   MAVEEIVKVSRNYQVTIPAKVRQKFQIKEGDLVKVTFDESEGVVKIQLLKEPWK 
_entity_poly.pdbx_strand_id                 A,B 
_entity_poly.pdbx_target_identifier         ? 
# 
loop_
_pdbx_entity_nonpoly.entity_id 
_pdbx_entity_nonpoly.name 
_pdbx_entity_nonpoly.comp_id 
2 'SULFATE ION'          SO4 
3 'TETRAETHYLENE GLYCOL' PG4 
4 water                  HOH 
# 
loop_
_entity_poly_seq.entity_id 
_entity_poly_seq.num 
_entity_poly_seq.mon_id 
_entity_poly_seq.hetero 
1 1  MET n 
1 2  ALA n 
1 3  VAL n 
1 4  GLU n 
1 5  GLU n 
1 6  ILE n 
1 7  VAL n 
1 8  LYS n 
1 9  VAL n 
1 10 SER n 
1 11 ARG n 
1 12 ASN n 
1 13 TYR n 
1 14 GLN n 
1 15 VAL n 
1 16 THR n 
1 17 ILE n 
1 18 PRO n 
1 19 ALA n 
1 20 LYS n 
1 21 VAL n 
1 22 ARG n 
1 23 GLN n 
1 24 LYS n 
1 25 PHE n 
1 26 GLN n 
1 27 ILE n 
1 28 LYS n 
1 29 GLU n 
1 30 GLY n 
1 31 ASP n 
1 32 LEU n 
1 33 VAL n 
1 34 LYS n 
1 35 VAL n 
1 36 THR n 
1 37 PHE n 
1 38 ASP n 
1 39 GLU n 
1 40 SER n 
1 41 GLU n 
1 42 GLY n 
1 43 VAL n 
1 44 VAL n 
1 45 LYS n 
1 46 ILE n 
1 47 GLN n 
1 48 LEU n 
1 49 LEU n 
1 50 LYS n 
1 51 GLU n 
1 52 PRO n 
1 53 TRP n 
1 54 LYS n 
# 
_entity_src_gen.entity_id                          1 
_entity_src_gen.pdbx_src_id                        1 
_entity_src_gen.pdbx_alt_source_flag               sample 
_entity_src_gen.pdbx_seq_type                      'Biological sequence' 
_entity_src_gen.pdbx_beg_seq_num                   1 
_entity_src_gen.pdbx_end_seq_num                   54 
_entity_src_gen.gene_src_common_name               ? 
_entity_src_gen.gene_src_genus                     ? 
_entity_src_gen.pdbx_gene_src_gene                 'SULA_1064, SULB_1065, SULC_1064' 
_entity_src_gen.gene_src_species                   ? 
_entity_src_gen.gene_src_strain                    ? 
_entity_src_gen.gene_src_tissue                    ? 
_entity_src_gen.gene_src_tissue_fraction           ? 
_entity_src_gen.gene_src_details                   ? 
_entity_src_gen.pdbx_gene_src_fragment             ? 
_entity_src_gen.pdbx_gene_src_scientific_name      'Sulfolobus solfataricus' 
_entity_src_gen.pdbx_gene_src_ncbi_taxonomy_id     2287 
_entity_src_gen.pdbx_gene_src_variant              ? 
_entity_src_gen.pdbx_gene_src_cell_line            ? 
_entity_src_gen.pdbx_gene_src_atcc                 ? 
_entity_src_gen.pdbx_gene_src_organ                ? 
_entity_src_gen.pdbx_gene_src_organelle            ? 
_entity_src_gen.pdbx_gene_src_cell                 ? 
_entity_src_gen.pdbx_gene_src_cellular_location    ? 
_entity_src_gen.host_org_common_name               ? 
_entity_src_gen.pdbx_host_org_scientific_name      'Escherichia coli' 
_entity_src_gen.pdbx_host_org_ncbi_taxonomy_id     562 
_entity_src_gen.host_org_genus                     ? 
_entity_src_gen.pdbx_host_org_gene                 ? 
_entity_src_gen.pdbx_host_org_organ                ? 
_entity_src_gen.host_org_species                   ? 
_entity_src_gen.pdbx_host_org_tissue               ? 
_entity_src_gen.pdbx_host_org_tissue_fraction      ? 
_entity_src_gen.pdbx_host_org_strain               ? 
_entity_src_gen.pdbx_host_org_variant              ? 
_entity_src_gen.pdbx_host_org_cell_line            ? 
_entity_src_gen.pdbx_host_org_atcc                 ? 
_entity_src_gen.pdbx_host_org_culture_collection   ? 
_entity_src_gen.pdbx_host_org_cell                 ? 
_entity_src_gen.pdbx_host_org_organelle            ? 
_entity_src_gen.pdbx_host_org_cellular_location    ? 
_entity_src_gen.pdbx_host_org_vector_type          plasmid 
_entity_src_gen.pdbx_host_org_vector               ? 
_entity_src_gen.host_org_details                   ? 
_entity_src_gen.expression_system_id               ? 
_entity_src_gen.plasmid_name                       pET-29a 
_entity_src_gen.plasmid_details                    ? 
_entity_src_gen.pdbx_description                   ? 
# 
loop_
_chem_comp.id 
_chem_comp.type 
_chem_comp.mon_nstd_flag 
_chem_comp.name 
_chem_comp.pdbx_synonyms 
_chem_comp.formula 
_chem_comp.formula_weight 
ALA 'L-peptide linking' y ALANINE                ? 'C3 H7 N O2'     89.093  
ARG 'L-peptide linking' y ARGININE               ? 'C6 H15 N4 O2 1' 175.209 
ASN 'L-peptide linking' y ASPARAGINE             ? 'C4 H8 N2 O3'    132.118 
ASP 'L-peptide linking' y 'ASPARTIC ACID'        ? 'C4 H7 N O4'     133.103 
GLN 'L-peptide linking' y GLUTAMINE              ? 'C5 H10 N2 O3'   146.144 
GLU 'L-peptide linking' y 'GLUTAMIC ACID'        ? 'C5 H9 N O4'     147.129 
GLY 'peptide linking'   y GLYCINE                ? 'C2 H5 N O2'     75.067  
HOH non-polymer         . WATER                  ? 'H2 O'           18.015  
ILE 'L-peptide linking' y ISOLEUCINE             ? 'C6 H13 N O2'    131.173 
LEU 'L-peptide linking' y LEUCINE                ? 'C6 H13 N O2'    131.173 
LYS 'L-peptide linking' y LYSINE                 ? 'C6 H15 N2 O2 1' 147.195 
MET 'L-peptide linking' y METHIONINE             ? 'C5 H11 N O2 S'  149.211 
PG4 non-polymer         . 'TETRAETHYLENE GLYCOL' ? 'C8 H18 O5'      194.226 
PHE 'L-peptide linking' y PHENYLALANINE          ? 'C9 H11 N O2'    165.189 
PRO 'L-peptide linking' y PROLINE                ? 'C5 H9 N O2'     115.130 
SER 'L-peptide linking' y SERINE                 ? 'C3 H7 N O3'     105.093 
SO4 non-polymer         . 'SULFATE ION'          ? 'O4 S -2'        96.063  
THR 'L-peptide linking' y THREONINE              ? 'C4 H9 N O3'     119.119 
TRP 'L-peptide linking' y TRYPTOPHAN             ? 'C11 H12 N2 O2'  204.225 
TYR 'L-peptide linking' y TYROSINE               ? 'C9 H11 N O3'    181.189 
VAL 'L-peptide linking' y VALINE                 ? 'C5 H11 N O2'    117.146 
# 
loop_
_pdbx_poly_seq_scheme.asym_id 
_pdbx_poly_seq_scheme.entity_id 
_pdbx_poly_seq_scheme.seq_id 
_pdbx_poly_seq_scheme.mon_id 
_pdbx_poly_seq_scheme.ndb_seq_num 
_pdbx_poly_seq_scheme.pdb_seq_num 
_pdbx_poly_seq_scheme.auth_seq_num 
_pdbx_poly_seq_scheme.pdb_mon_id 
_pdbx_poly_seq_scheme.auth_mon_id 
_pdbx_poly_seq_scheme.pdb_strand_id 
_pdbx_poly_seq_scheme.pdb_ins_code 
_pdbx_poly_seq_scheme.hetero 
A 1 1  MET 1  1  ?  ?   ?   A . n 
A 1 2  ALA 2  2  2  ALA ALA A . n 
A 1 3  VAL 3  3  3  VAL VAL A . n 
A 1 4  GLU 4  4  4  GLU GLU A . n 
A 1 5  GLU 5  5  5  GLU GLU A . n 
A 1 6  ILE 6  6  6  ILE ILE A . n 
A 1 7  VAL 7  7  7  VAL VAL A . n 
A 1 8  LYS 8  8  8  LYS LYS A . n 
A 1 9  VAL 9  9  9  VAL VAL A . n 
A 1 10 SER 10 10 10 SER SER A . n 
A 1 11 ARG 11 11 11 ARG ARG A . n 
A 1 12 ASN 12 12 12 ASN ASN A . n 
A 1 13 TYR 13 13 13 TYR TYR A . n 
A 1 14 GLN 14 14 14 GLN GLN A . n 
A 1 15 VAL 15 15 15 VAL VAL A . n 
A 1 16 THR 16 16 16 THR THR A . n 
A 1 17 ILE 17 17 17 ILE ILE A . n 
A 1 18 PRO 18 18 18 PRO PRO A . n 
A 1 19 ALA 19 19 19 ALA ALA A . n 
A 1 20 LYS 20 20 20 LYS LYS A . n 
A 1 21 VAL 21 21 21 VAL VAL A . n 
A 1 22 ARG 22 22 22 ARG ARG A . n 
A 1 23 GLN 23 23 23 GLN GLN A . n 
A 1 24 LYS 24 24 24 LYS LYS A . n 
A 1 25 PHE 25 25 25 PHE PHE A . n 
A 1 26 GLN 26 26 26 GLN GLN A . n 
A 1 27 ILE 27 27 27 ILE ILE A . n 
A 1 28 LYS 28 28 28 LYS LYS A . n 
A 1 29 GLU 29 29 29 GLU GLU A . n 
A 1 30 GLY 30 30 30 GLY GLY A . n 
A 1 31 ASP 31 31 31 ASP ASP A . n 
A 1 32 LEU 32 32 32 LEU LEU A . n 
A 1 33 VAL 33 33 33 VAL VAL A . n 
A 1 34 LYS 34 34 34 LYS LYS A . n 
A 1 35 VAL 35 35 35 VAL VAL A . n 
A 1 36 THR 36 36 36 THR THR A . n 
A 1 37 PHE 37 37 37 PHE PHE A . n 
A 1 38 ASP 38 38 38 ASP ASP A . n 
A 1 39 GLU 39 39 39 GLU GLU A . n 
A 1 40 SER 40 40 40 SER SER A . n 
A 1 41 GLU 41 41 41 GLU GLU A . n 
A 1 42 GLY 42 42 42 GLY GLY A . n 
A 1 43 VAL 43 43 43 VAL VAL A . n 
A 1 44 VAL 44 44 44 VAL VAL A . n 
A 1 45 LYS 45 45 45 LYS LYS A . n 
A 1 46 ILE 46 46 46 ILE ILE A . n 
A 1 47 GLN 47 47 47 GLN GLN A . n 
A 1 48 LEU 48 48 48 LEU LEU A . n 
A 1 49 LEU 49 49 49 LEU LEU A . n 
A 1 50 LYS 50 50 ?  ?   ?   A . n 
A 1 51 GLU 51 51 ?  ?   ?   A . n 
A 1 52 PRO 52 52 ?  ?   ?   A . n 
A 1 53 TRP 53 53 ?  ?   ?   A . n 
A 1 54 LYS 54 54 ?  ?   ?   A . n 
B 1 1  MET 1  1  ?  ?   ?   B . n 
B 1 2  ALA 2  2  2  ALA ALA B . n 
B 1 3  VAL 3  3  3  VAL VAL B . n 
B 1 4  GLU 4  4  4  GLU GLU B . n 
B 1 5  GLU 5  5  5  GLU GLU B . n 
B 1 6  ILE 6  6  6  ILE ILE B . n 
B 1 7  VAL 7  7  7  VAL VAL B . n 
B 1 8  LYS 8  8  8  LYS LYS B . n 
B 1 9  VAL 9  9  9  VAL VAL B . n 
B 1 10 SER 10 10 10 SER SER B . n 
B 1 11 ARG 11 11 11 ARG ARG B . n 
B 1 12 ASN 12 12 12 ASN ASN B . n 
B 1 13 TYR 13 13 13 TYR TYR B . n 
B 1 14 GLN 14 14 14 GLN GLN B . n 
B 1 15 VAL 15 15 15 VAL VAL B . n 
B 1 16 THR 16 16 16 THR THR B . n 
B 1 17 ILE 17 17 17 ILE ILE B . n 
B 1 18 PRO 18 18 18 PRO PRO B . n 
B 1 19 ALA 19 19 19 ALA ALA B . n 
B 1 20 LYS 20 20 20 LYS LYS B . n 
B 1 21 VAL 21 21 21 VAL VAL B . n 
B 1 22 ARG 22 22 22 ARG ARG B . n 
B 1 23 GLN 23 23 23 GLN GLN B . n 
B 1 24 LYS 24 24 24 LYS LYS B . n 
B 1 25 PHE 25 25 25 PHE PHE B . n 
B 1 26 GLN 26 26 26 GLN GLN B . n 
B 1 27 ILE 27 27 27 ILE ILE B . n 
B 1 28 LYS 28 28 28 LYS LYS B . n 
B 1 29 GLU 29 29 29 GLU GLU B . n 
B 1 30 GLY 30 30 30 GLY GLY B . n 
B 1 31 ASP 31 31 31 ASP ASP B . n 
B 1 32 LEU 32 32 32 LEU LEU B . n 
B 1 33 VAL 33 33 33 VAL VAL B . n 
B 1 34 LYS 34 34 34 LYS LYS B . n 
B 1 35 VAL 35 35 35 VAL VAL B . n 
B 1 36 THR 36 36 36 THR THR B . n 
B 1 37 PHE 37 37 37 PHE PHE B . n 
B 1 38 ASP 38 38 38 ASP ASP B . n 
B 1 39 GLU 39 39 39 GLU GLU B . n 
B 1 40 SER 40 40 40 SER SER B . n 
B 1 41 GLU 41 41 41 GLU GLU B . n 
B 1 42 GLY 42 42 42 GLY GLY B . n 
B 1 43 VAL 43 43 43 VAL VAL B . n 
B 1 44 VAL 44 44 44 VAL VAL B . n 
B 1 45 LYS 45 45 45 LYS LYS B . n 
B 1 46 ILE 46 46 46 ILE ILE B . n 
B 1 47 GLN 47 47 47 GLN GLN B . n 
B 1 48 LEU 48 48 48 LEU LEU B . n 
B 1 49 LEU 49 49 49 LEU LEU B . n 
B 1 50 LYS 50 50 ?  ?   ?   B . n 
B 1 51 GLU 51 51 ?  ?   ?   B . n 
B 1 52 PRO 52 52 ?  ?   ?   B . n 
B 1 53 TRP 53 53 ?  ?   ?   B . n 
B 1 54 LYS 54 54 ?  ?   ?   B . n 
# 
loop_
_pdbx_nonpoly_scheme.asym_id 
_pdbx_nonpoly_scheme.entity_id 
_pdbx_nonpoly_scheme.mon_id 
_pdbx_nonpoly_scheme.ndb_seq_num 
_pdbx_nonpoly_scheme.pdb_seq_num 
_pdbx_nonpoly_scheme.auth_seq_num 
_pdbx_nonpoly_scheme.pdb_mon_id 
_pdbx_nonpoly_scheme.auth_mon_id 
_pdbx_nonpoly_scheme.pdb_strand_id 
_pdbx_nonpoly_scheme.pdb_ins_code 
C 2 SO4 1  201 201 SO4 SO4 A . 
D 3 PG4 1  202 1   PG4 PEG A . 
E 3 PG4 1  203 2   PG4 PEG A . 
F 2 SO4 1  101 202 SO4 SO4 B . 
G 2 SO4 1  102 203 SO4 SO4 B . 
H 4 HOH 1  301 119 HOH HOH A . 
H 4 HOH 2  302 36  HOH HOH A . 
H 4 HOH 3  303 126 HOH HOH A . 
H 4 HOH 4  304 101 HOH HOH A . 
H 4 HOH 5  305 50  HOH HOH A . 
H 4 HOH 6  306 45  HOH HOH A . 
H 4 HOH 7  307 75  HOH HOH A . 
H 4 HOH 8  308 22  HOH HOH A . 
H 4 HOH 9  309 5   HOH HOH A . 
H 4 HOH 10 310 54  HOH HOH A . 
H 4 HOH 11 311 3   HOH HOH A . 
H 4 HOH 12 312 124 HOH HOH A . 
H 4 HOH 13 313 123 HOH HOH A . 
H 4 HOH 14 314 51  HOH HOH A . 
H 4 HOH 15 315 142 HOH HOH A . 
H 4 HOH 16 316 4   HOH HOH A . 
H 4 HOH 17 317 23  HOH HOH A . 
H 4 HOH 18 318 80  HOH HOH A . 
H 4 HOH 19 319 103 HOH HOH A . 
H 4 HOH 20 320 111 HOH HOH A . 
H 4 HOH 21 321 53  HOH HOH A . 
H 4 HOH 22 322 33  HOH HOH A . 
H 4 HOH 23 323 62  HOH HOH A . 
H 4 HOH 24 324 16  HOH HOH A . 
H 4 HOH 25 325 58  HOH HOH A . 
H 4 HOH 26 326 69  HOH HOH A . 
H 4 HOH 27 327 97  HOH HOH A . 
H 4 HOH 28 328 77  HOH HOH A . 
H 4 HOH 29 329 28  HOH HOH A . 
H 4 HOH 30 330 24  HOH HOH A . 
H 4 HOH 31 331 67  HOH HOH A . 
H 4 HOH 32 332 8   HOH HOH A . 
H 4 HOH 33 333 118 HOH HOH A . 
H 4 HOH 34 334 20  HOH HOH A . 
H 4 HOH 35 335 12  HOH HOH A . 
H 4 HOH 36 336 39  HOH HOH A . 
H 4 HOH 37 337 27  HOH HOH A . 
H 4 HOH 38 338 55  HOH HOH A . 
H 4 HOH 39 339 93  HOH HOH A . 
H 4 HOH 40 340 63  HOH HOH A . 
H 4 HOH 41 341 19  HOH HOH A . 
H 4 HOH 42 342 11  HOH HOH A . 
H 4 HOH 43 343 42  HOH HOH A . 
H 4 HOH 44 344 100 HOH HOH A . 
H 4 HOH 45 345 18  HOH HOH A . 
H 4 HOH 46 346 74  HOH HOH A . 
H 4 HOH 47 347 25  HOH HOH A . 
H 4 HOH 48 348 144 HOH HOH A . 
H 4 HOH 49 349 35  HOH HOH A . 
H 4 HOH 50 350 113 HOH HOH A . 
H 4 HOH 51 351 46  HOH HOH A . 
H 4 HOH 52 352 38  HOH HOH A . 
H 4 HOH 53 353 114 HOH HOH A . 
H 4 HOH 54 354 128 HOH HOH A . 
H 4 HOH 55 355 73  HOH HOH A . 
H 4 HOH 56 356 127 HOH HOH A . 
H 4 HOH 57 357 130 HOH HOH A . 
H 4 HOH 58 358 81  HOH HOH A . 
H 4 HOH 59 359 86  HOH HOH A . 
H 4 HOH 60 360 90  HOH HOH A . 
H 4 HOH 61 361 85  HOH HOH A . 
H 4 HOH 62 362 91  HOH HOH A . 
H 4 HOH 63 363 137 HOH HOH A . 
H 4 HOH 64 364 104 HOH HOH A . 
H 4 HOH 65 365 79  HOH HOH A . 
H 4 HOH 66 366 115 HOH HOH A . 
H 4 HOH 67 367 129 HOH HOH A . 
H 4 HOH 68 368 87  HOH HOH A . 
H 4 HOH 69 369 125 HOH HOH A . 
H 4 HOH 70 370 117 HOH HOH A . 
H 4 HOH 71 371 106 HOH HOH A . 
H 4 HOH 72 372 146 HOH HOH A . 
H 4 HOH 73 373 148 HOH HOH A . 
H 4 HOH 74 374 145 HOH HOH A . 
H 4 HOH 75 375 147 HOH HOH A . 
I 4 HOH 1  201 89  HOH HOH B . 
I 4 HOH 2  202 143 HOH HOH B . 
I 4 HOH 3  203 131 HOH HOH B . 
I 4 HOH 4  204 68  HOH HOH B . 
I 4 HOH 5  205 6   HOH HOH B . 
I 4 HOH 6  206 32  HOH HOH B . 
I 4 HOH 7  207 9   HOH HOH B . 
I 4 HOH 8  208 59  HOH HOH B . 
I 4 HOH 9  209 26  HOH HOH B . 
I 4 HOH 10 210 34  HOH HOH B . 
I 4 HOH 11 211 120 HOH HOH B . 
I 4 HOH 12 212 49  HOH HOH B . 
I 4 HOH 13 213 2   HOH HOH B . 
I 4 HOH 14 214 72  HOH HOH B . 
I 4 HOH 15 215 10  HOH HOH B . 
I 4 HOH 16 216 1   HOH HOH B . 
I 4 HOH 17 217 30  HOH HOH B . 
I 4 HOH 18 218 13  HOH HOH B . 
I 4 HOH 19 219 7   HOH HOH B . 
I 4 HOH 20 220 48  HOH HOH B . 
I 4 HOH 21 221 40  HOH HOH B . 
I 4 HOH 22 222 141 HOH HOH B . 
I 4 HOH 23 223 37  HOH HOH B . 
I 4 HOH 24 224 52  HOH HOH B . 
I 4 HOH 25 225 132 HOH HOH B . 
I 4 HOH 26 226 29  HOH HOH B . 
I 4 HOH 27 227 140 HOH HOH B . 
I 4 HOH 28 228 57  HOH HOH B . 
I 4 HOH 29 229 76  HOH HOH B . 
I 4 HOH 30 230 44  HOH HOH B . 
I 4 HOH 31 231 21  HOH HOH B . 
I 4 HOH 32 232 64  HOH HOH B . 
I 4 HOH 33 233 71  HOH HOH B . 
I 4 HOH 34 234 65  HOH HOH B . 
I 4 HOH 35 235 17  HOH HOH B . 
I 4 HOH 36 236 41  HOH HOH B . 
I 4 HOH 37 237 15  HOH HOH B . 
I 4 HOH 38 238 94  HOH HOH B . 
I 4 HOH 39 239 56  HOH HOH B . 
I 4 HOH 40 240 107 HOH HOH B . 
I 4 HOH 41 241 121 HOH HOH B . 
I 4 HOH 42 242 14  HOH HOH B . 
I 4 HOH 43 243 47  HOH HOH B . 
I 4 HOH 44 244 61  HOH HOH B . 
I 4 HOH 45 245 105 HOH HOH B . 
I 4 HOH 46 246 138 HOH HOH B . 
I 4 HOH 47 247 95  HOH HOH B . 
I 4 HOH 48 248 31  HOH HOH B . 
I 4 HOH 49 249 96  HOH HOH B . 
I 4 HOH 50 250 43  HOH HOH B . 
I 4 HOH 51 251 135 HOH HOH B . 
I 4 HOH 52 252 84  HOH HOH B . 
I 4 HOH 53 253 60  HOH HOH B . 
I 4 HOH 54 254 139 HOH HOH B . 
I 4 HOH 55 255 70  HOH HOH B . 
I 4 HOH 56 256 98  HOH HOH B . 
I 4 HOH 57 257 92  HOH HOH B . 
I 4 HOH 58 258 102 HOH HOH B . 
I 4 HOH 59 259 78  HOH HOH B . 
I 4 HOH 60 260 83  HOH HOH B . 
I 4 HOH 61 261 149 HOH HOH B . 
I 4 HOH 62 262 133 HOH HOH B . 
I 4 HOH 63 263 134 HOH HOH B . 
I 4 HOH 64 264 109 HOH HOH B . 
I 4 HOH 65 265 122 HOH HOH B . 
I 4 HOH 66 266 88  HOH HOH B . 
I 4 HOH 67 267 99  HOH HOH B . 
I 4 HOH 68 268 116 HOH HOH B . 
I 4 HOH 69 269 66  HOH HOH B . 
I 4 HOH 70 270 110 HOH HOH B . 
I 4 HOH 71 271 82  HOH HOH B . 
I 4 HOH 72 272 112 HOH HOH B . 
I 4 HOH 73 273 108 HOH HOH B . 
I 4 HOH 74 274 136 HOH HOH B . 
I 4 HOH 75 275 153 HOH HOH B . 
I 4 HOH 76 276 150 HOH HOH B . 
I 4 HOH 77 277 152 HOH HOH B . 
I 4 HOH 78 278 151 HOH HOH B . 
# 
loop_
_pdbx_unobs_or_zero_occ_atoms.id 
_pdbx_unobs_or_zero_occ_atoms.PDB_model_num 
_pdbx_unobs_or_zero_occ_atoms.polymer_flag 
_pdbx_unobs_or_zero_occ_atoms.occupancy_flag 
_pdbx_unobs_or_zero_occ_atoms.auth_asym_id 
_pdbx_unobs_or_zero_occ_atoms.auth_comp_id 
_pdbx_unobs_or_zero_occ_atoms.auth_seq_id 
_pdbx_unobs_or_zero_occ_atoms.PDB_ins_code 
_pdbx_unobs_or_zero_occ_atoms.auth_atom_id 
_pdbx_unobs_or_zero_occ_atoms.label_alt_id 
_pdbx_unobs_or_zero_occ_atoms.label_asym_id 
_pdbx_unobs_or_zero_occ_atoms.label_comp_id 
_pdbx_unobs_or_zero_occ_atoms.label_seq_id 
_pdbx_unobs_or_zero_occ_atoms.label_atom_id 
1 1 N 1 A PG4 203 ? C8 ? E PG4 1 C8 
2 1 N 1 A PG4 203 ? O5 ? E PG4 1 O5 
# 
loop_
_software.citation_id 
_software.classification 
_software.compiler_name 
_software.compiler_version 
_software.contact_author 
_software.contact_author_email 
_software.date 
_software.description 
_software.dependencies 
_software.hardware 
_software.language 
_software.location 
_software.mods 
_software.name 
_software.os 
_software.os_version 
_software.type 
_software.version 
_software.pdbx_ordinal 
? refinement       ? ? ? ? ? ? ? ? ? ? ? REFMAC   ? ? ? 5.8.0135 1 
? 'data reduction' ? ? ? ? ? ? ? ? ? ? ? HKL-2000 ? ? ? .        2 
? 'data scaling'   ? ? ? ? ? ? ? ? ? ? ? HKL-2000 ? ? ? .        3 
? phasing          ? ? ? ? ? ? ? ? ? ? ? PHASER   ? ? ? .        4 
# 
_cell.angle_alpha                  90.00 
_cell.angle_alpha_esd              ? 
_cell.angle_beta                   90.00 
_cell.angle_beta_esd               ? 
_cell.angle_gamma                  90.00 
_cell.angle_gamma_esd              ? 
_cell.entry_id                     5ITJ 
_cell.details                      ? 
_cell.formula_units_Z              ? 
_cell.length_a                     41.464 
_cell.length_a_esd                 ? 
_cell.length_b                     48.538 
_cell.length_b_esd                 ? 
_cell.length_c                     55.990 
_cell.length_c_esd                 ? 
_cell.volume                       ? 
_cell.volume_esd                   ? 
_cell.Z_PDB                        8 
_cell.reciprocal_angle_alpha       ? 
_cell.reciprocal_angle_beta        ? 
_cell.reciprocal_angle_gamma       ? 
_cell.reciprocal_angle_alpha_esd   ? 
_cell.reciprocal_angle_beta_esd    ? 
_cell.reciprocal_angle_gamma_esd   ? 
_cell.reciprocal_length_a          ? 
_cell.reciprocal_length_b          ? 
_cell.reciprocal_length_c          ? 
_cell.reciprocal_length_a_esd      ? 
_cell.reciprocal_length_b_esd      ? 
_cell.reciprocal_length_c_esd      ? 
_cell.pdbx_unique_axis             ? 
# 
_symmetry.entry_id                         5ITJ 
_symmetry.cell_setting                     ? 
_symmetry.Int_Tables_number                19 
_symmetry.space_group_name_Hall            ? 
_symmetry.space_group_name_H-M             'P 21 21 21' 
_symmetry.pdbx_full_space_group_name_H-M   ? 
# 
_exptl.absorpt_coefficient_mu     ? 
_exptl.absorpt_correction_T_max   ? 
_exptl.absorpt_correction_T_min   ? 
_exptl.absorpt_correction_type    ? 
_exptl.absorpt_process_details    ? 
_exptl.entry_id                   5ITJ 
_exptl.crystals_number            1 
_exptl.details                    ? 
_exptl.method                     'X-RAY DIFFRACTION' 
_exptl.method_details             ? 
# 
_exptl_crystal.colour                      ? 
_exptl_crystal.density_diffrn              ? 
_exptl_crystal.density_Matthews            2.24 
_exptl_crystal.density_method              ? 
_exptl_crystal.density_percent_sol         45.13 
_exptl_crystal.description                 ? 
_exptl_crystal.F_000                       ? 
_exptl_crystal.id                          1 
_exptl_crystal.preparation                 ? 
_exptl_crystal.size_max                    ? 
_exptl_crystal.size_mid                    ? 
_exptl_crystal.size_min                    ? 
_exptl_crystal.size_rad                    ? 
_exptl_crystal.colour_lustre               ? 
_exptl_crystal.colour_modifier             ? 
_exptl_crystal.colour_primary              ? 
_exptl_crystal.density_meas                ? 
_exptl_crystal.density_meas_esd            ? 
_exptl_crystal.density_meas_gt             ? 
_exptl_crystal.density_meas_lt             ? 
_exptl_crystal.density_meas_temp           ? 
_exptl_crystal.density_meas_temp_esd       ? 
_exptl_crystal.density_meas_temp_gt        ? 
_exptl_crystal.density_meas_temp_lt        ? 
_exptl_crystal.pdbx_crystal_image_url      ? 
_exptl_crystal.pdbx_crystal_image_format   ? 
_exptl_crystal.pdbx_mosaicity              ? 
_exptl_crystal.pdbx_mosaicity_esd          ? 
# 
_exptl_crystal_grow.apparatus       ? 
_exptl_crystal_grow.atmosphere      ? 
_exptl_crystal_grow.crystal_id      1 
_exptl_crystal_grow.details         ? 
_exptl_crystal_grow.method          'VAPOR DIFFUSION, SITTING DROP' 
_exptl_crystal_grow.method_ref      ? 
_exptl_crystal_grow.pH              8.4 
_exptl_crystal_grow.pressure        ? 
_exptl_crystal_grow.pressure_esd    ? 
_exptl_crystal_grow.seeding         ? 
_exptl_crystal_grow.seeding_ref     ? 
_exptl_crystal_grow.temp            295 
_exptl_crystal_grow.temp_details    ? 
_exptl_crystal_grow.temp_esd        ? 
_exptl_crystal_grow.time            ? 
_exptl_crystal_grow.pdbx_details    '0.1 M Tris-Cl, 40% PEG 400, 0.2 M Li2SO4' 
_exptl_crystal_grow.pdbx_pH_range   ? 
# 
_diffrn.ambient_environment    ? 
_diffrn.ambient_temp           100 
_diffrn.ambient_temp_details   ? 
_diffrn.ambient_temp_esd       ? 
_diffrn.crystal_id             1 
_diffrn.crystal_support        ? 
_diffrn.crystal_treatment      ? 
_diffrn.details                ? 
_diffrn.id                     1 
_diffrn.ambient_pressure       ? 
_diffrn.ambient_pressure_esd   ? 
_diffrn.ambient_pressure_gt    ? 
_diffrn.ambient_pressure_lt    ? 
_diffrn.ambient_temp_gt        ? 
_diffrn.ambient_temp_lt        ? 
# 
_diffrn_detector.details                      ? 
_diffrn_detector.detector                     'IMAGE PLATE' 
_diffrn_detector.diffrn_id                    1 
_diffrn_detector.type                         'RIGAKU RAXIS HTC' 
_diffrn_detector.area_resol_mean              ? 
_diffrn_detector.dtime                        ? 
_diffrn_detector.pdbx_frames_total            ? 
_diffrn_detector.pdbx_collection_time_total   ? 
_diffrn_detector.pdbx_collection_date         2011-09-29 
# 
_diffrn_radiation.collimation                      ? 
_diffrn_radiation.diffrn_id                        1 
_diffrn_radiation.filter_edge                      ? 
_diffrn_radiation.inhomogeneity                    ? 
_diffrn_radiation.monochromator                    ? 
_diffrn_radiation.polarisn_norm                    ? 
_diffrn_radiation.polarisn_ratio                   ? 
_diffrn_radiation.probe                            ? 
_diffrn_radiation.type                             ? 
_diffrn_radiation.xray_symbol                      ? 
_diffrn_radiation.wavelength_id                    1 
_diffrn_radiation.pdbx_monochromatic_or_laue_m_l   M 
_diffrn_radiation.pdbx_wavelength_list             ? 
_diffrn_radiation.pdbx_wavelength                  ? 
_diffrn_radiation.pdbx_diffrn_protocol             'SINGLE WAVELENGTH' 
_diffrn_radiation.pdbx_analyzer                    ? 
_diffrn_radiation.pdbx_scattering_type             x-ray 
# 
_diffrn_radiation_wavelength.id           1 
_diffrn_radiation_wavelength.wavelength   1.54 
_diffrn_radiation_wavelength.wt           1.0 
# 
_diffrn_source.current                     ? 
_diffrn_source.details                     ? 
_diffrn_source.diffrn_id                   1 
_diffrn_source.power                       ? 
_diffrn_source.size                        ? 
_diffrn_source.source                      'ROTATING ANODE' 
_diffrn_source.target                      ? 
_diffrn_source.type                        'RIGAKU FR-E+ SUPERBRIGHT' 
_diffrn_source.voltage                     ? 
_diffrn_source.take-off_angle              ? 
_diffrn_source.pdbx_wavelength_list        1.54 
_diffrn_source.pdbx_wavelength             ? 
_diffrn_source.pdbx_synchrotron_beamline   ? 
_diffrn_source.pdbx_synchrotron_site       ? 
# 
_reflns.B_iso_Wilson_estimate            ? 
_reflns.entry_id                         5ITJ 
_reflns.data_reduction_details           ? 
_reflns.data_reduction_method            ? 
_reflns.d_resolution_high                1.63 
_reflns.d_resolution_low                 30.0 
_reflns.details                          ? 
_reflns.limit_h_max                      ? 
_reflns.limit_h_min                      ? 
_reflns.limit_k_max                      ? 
_reflns.limit_k_min                      ? 
_reflns.limit_l_max                      ? 
_reflns.limit_l_min                      ? 
_reflns.number_all                       ? 
_reflns.number_obs                       14365 
_reflns.observed_criterion               ? 
_reflns.observed_criterion_F_max         ? 
_reflns.observed_criterion_F_min         ? 
_reflns.observed_criterion_I_max         ? 
_reflns.observed_criterion_I_min         ? 
_reflns.observed_criterion_sigma_F       ? 
_reflns.observed_criterion_sigma_I       ? 
_reflns.percent_possible_obs             97.7 
_reflns.R_free_details                   ? 
_reflns.Rmerge_F_all                     ? 
_reflns.Rmerge_F_obs                     ? 
_reflns.Friedel_coverage                 ? 
_reflns.number_gt                        ? 
_reflns.threshold_expression             ? 
_reflns.pdbx_redundancy                  8.0 
_reflns.pdbx_Rmerge_I_obs                ? 
_reflns.pdbx_Rmerge_I_all                ? 
_reflns.pdbx_Rsym_value                  ? 
_reflns.pdbx_netI_over_av_sigmaI         ? 
_reflns.pdbx_netI_over_sigmaI            44.7 
_reflns.pdbx_res_netI_over_av_sigmaI_2   ? 
_reflns.pdbx_res_netI_over_sigmaI_2      ? 
_reflns.pdbx_chi_squared                 ? 
_reflns.pdbx_scaling_rejects             ? 
_reflns.pdbx_d_res_high_opt              ? 
_reflns.pdbx_d_res_low_opt               ? 
_reflns.pdbx_d_res_opt_method            ? 
_reflns.phase_calculation_details        ? 
_reflns.pdbx_Rrim_I_all                  ? 
_reflns.pdbx_Rpim_I_all                  ? 
_reflns.pdbx_d_opt                       ? 
_reflns.pdbx_number_measured_all         ? 
_reflns.pdbx_diffrn_id                   1 
_reflns.pdbx_ordinal                     1 
_reflns.pdbx_CC_half                     ? 
_reflns.pdbx_R_split                     ? 
# 
_reflns_shell.d_res_high                  1.63 
_reflns_shell.d_res_low                   1.69 
_reflns_shell.meanI_over_sigI_all         ? 
_reflns_shell.meanI_over_sigI_obs         ? 
_reflns_shell.number_measured_all         ? 
_reflns_shell.number_measured_obs         ? 
_reflns_shell.number_possible             ? 
_reflns_shell.number_unique_all           ? 
_reflns_shell.number_unique_obs           ? 
_reflns_shell.percent_possible_all        ? 
_reflns_shell.percent_possible_obs        ? 
_reflns_shell.Rmerge_F_all                ? 
_reflns_shell.Rmerge_F_obs                ? 
_reflns_shell.Rmerge_I_all                ? 
_reflns_shell.Rmerge_I_obs                ? 
_reflns_shell.meanI_over_sigI_gt          ? 
_reflns_shell.meanI_over_uI_all           ? 
_reflns_shell.meanI_over_uI_gt            ? 
_reflns_shell.number_measured_gt          ? 
_reflns_shell.number_unique_gt            ? 
_reflns_shell.percent_possible_gt         ? 
_reflns_shell.Rmerge_F_gt                 ? 
_reflns_shell.Rmerge_I_gt                 ? 
_reflns_shell.pdbx_redundancy             ? 
_reflns_shell.pdbx_Rsym_value             ? 
_reflns_shell.pdbx_chi_squared            ? 
_reflns_shell.pdbx_netI_over_sigmaI_all   ? 
_reflns_shell.pdbx_netI_over_sigmaI_obs   ? 
_reflns_shell.pdbx_Rrim_I_all             ? 
_reflns_shell.pdbx_Rpim_I_all             ? 
_reflns_shell.pdbx_rejects                ? 
_reflns_shell.pdbx_ordinal                1 
_reflns_shell.pdbx_diffrn_id              1 
_reflns_shell.pdbx_CC_half                ? 
_reflns_shell.pdbx_R_split                ? 
# 
_refine.aniso_B[1][1]                            0.29 
_refine.aniso_B[1][2]                            0.00 
_refine.aniso_B[1][3]                            0.00 
_refine.aniso_B[2][2]                            -0.17 
_refine.aniso_B[2][3]                            0.00 
_refine.aniso_B[3][3]                            -0.11 
_refine.B_iso_max                                ? 
_refine.B_iso_mean                               21.541 
_refine.B_iso_min                                ? 
_refine.correlation_coeff_Fo_to_Fc               0.961 
_refine.correlation_coeff_Fo_to_Fc_free          0.937 
_refine.details                                  'HYDROGENS HAVE BEEN ADDED IN THE RIDING POSITIONS' 
_refine.diff_density_max                         ? 
_refine.diff_density_max_esd                     ? 
_refine.diff_density_min                         ? 
_refine.diff_density_min_esd                     ? 
_refine.diff_density_rms                         ? 
_refine.diff_density_rms_esd                     ? 
_refine.entry_id                                 5ITJ 
_refine.pdbx_refine_id                           'X-RAY DIFFRACTION' 
_refine.ls_abs_structure_details                 ? 
_refine.ls_abs_structure_Flack                   ? 
_refine.ls_abs_structure_Flack_esd               ? 
_refine.ls_abs_structure_Rogers                  ? 
_refine.ls_abs_structure_Rogers_esd              ? 
_refine.ls_d_res_high                            1.63 
_refine.ls_d_res_low                             30 
_refine.ls_extinction_coef                       ? 
_refine.ls_extinction_coef_esd                   ? 
_refine.ls_extinction_expression                 ? 
_refine.ls_extinction_method                     ? 
_refine.ls_goodness_of_fit_all                   ? 
_refine.ls_goodness_of_fit_all_esd               ? 
_refine.ls_goodness_of_fit_obs                   ? 
_refine.ls_goodness_of_fit_obs_esd               ? 
_refine.ls_hydrogen_treatment                    ? 
_refine.ls_matrix_type                           ? 
_refine.ls_number_constraints                    ? 
_refine.ls_number_parameters                     ? 
_refine.ls_number_reflns_all                     ? 
_refine.ls_number_reflns_obs                     13605 
_refine.ls_number_reflns_R_free                  726 
_refine.ls_number_reflns_R_work                  ? 
_refine.ls_number_restraints                     ? 
_refine.ls_percent_reflns_obs                    97.84 
_refine.ls_percent_reflns_R_free                 5.1 
_refine.ls_R_factor_all                          ? 
_refine.ls_R_factor_obs                          0.18099 
_refine.ls_R_factor_R_free                       0.22875 
_refine.ls_R_factor_R_free_error                 ? 
_refine.ls_R_factor_R_free_error_details         ? 
_refine.ls_R_factor_R_work                       0.17826 
_refine.ls_R_Fsqd_factor_obs                     ? 
_refine.ls_R_I_factor_obs                        ? 
_refine.ls_redundancy_reflns_all                 ? 
_refine.ls_redundancy_reflns_obs                 ? 
_refine.ls_restrained_S_all                      ? 
_refine.ls_restrained_S_obs                      ? 
_refine.ls_shift_over_esd_max                    ? 
_refine.ls_shift_over_esd_mean                   ? 
_refine.ls_structure_factor_coef                 ? 
_refine.ls_weighting_details                     ? 
_refine.ls_weighting_scheme                      ? 
_refine.ls_wR_factor_all                         ? 
_refine.ls_wR_factor_obs                         ? 
_refine.ls_wR_factor_R_free                      ? 
_refine.ls_wR_factor_R_work                      ? 
_refine.occupancy_max                            ? 
_refine.occupancy_min                            ? 
_refine.solvent_model_details                    ? 
_refine.solvent_model_param_bsol                 ? 
_refine.solvent_model_param_ksol                 ? 
_refine.ls_R_factor_gt                           ? 
_refine.ls_goodness_of_fit_gt                    ? 
_refine.ls_goodness_of_fit_ref                   ? 
_refine.ls_shift_over_su_max                     ? 
_refine.ls_shift_over_su_max_lt                  ? 
_refine.ls_shift_over_su_mean                    ? 
_refine.ls_shift_over_su_mean_lt                 ? 
_refine.pdbx_ls_sigma_I                          ? 
_refine.pdbx_ls_sigma_F                          ? 
_refine.pdbx_ls_sigma_Fsqd                       ? 
_refine.pdbx_data_cutoff_high_absF               ? 
_refine.pdbx_data_cutoff_high_rms_absF           ? 
_refine.pdbx_data_cutoff_low_absF                ? 
_refine.pdbx_isotropic_thermal_model             ? 
_refine.pdbx_ls_cross_valid_method               THROUGHOUT 
_refine.pdbx_method_to_determine_struct          ? 
_refine.pdbx_starting_model                      ? 
_refine.pdbx_stereochemistry_target_values       ? 
_refine.pdbx_R_Free_selection_details            RANDOM 
_refine.pdbx_stereochem_target_val_spec_case     ? 
_refine.pdbx_overall_ESU_R                       0.094 
_refine.pdbx_overall_ESU_R_Free                  0.102 
_refine.pdbx_solvent_vdw_probe_radii             1.20 
_refine.pdbx_solvent_ion_probe_radii             0.80 
_refine.pdbx_solvent_shrinkage_radii             0.80 
_refine.pdbx_real_space_R                        ? 
_refine.pdbx_density_correlation                 ? 
_refine.pdbx_pd_number_of_powder_patterns        ? 
_refine.pdbx_pd_number_of_points                 ? 
_refine.pdbx_pd_meas_number_of_points            ? 
_refine.pdbx_pd_proc_ls_prof_R_factor            ? 
_refine.pdbx_pd_proc_ls_prof_wR_factor           ? 
_refine.pdbx_pd_Marquardt_correlation_coeff      ? 
_refine.pdbx_pd_Fsqrd_R_factor                   ? 
_refine.pdbx_pd_ls_matrix_band_width             ? 
_refine.pdbx_overall_phase_error                 ? 
_refine.pdbx_overall_SU_R_free_Cruickshank_DPI   ? 
_refine.pdbx_overall_SU_R_free_Blow_DPI          ? 
_refine.pdbx_overall_SU_R_Blow_DPI               ? 
_refine.pdbx_TLS_residual_ADP_flag               ? 
_refine.pdbx_diffrn_id                           1 
_refine.overall_SU_B                             1.540 
_refine.overall_SU_ML                            0.055 
_refine.overall_SU_R_Cruickshank_DPI             ? 
_refine.overall_SU_R_free                        ? 
_refine.overall_FOM_free_R_set                   ? 
_refine.overall_FOM_work_R_set                   ? 
_refine.pdbx_average_fsc_overall                 ? 
_refine.pdbx_average_fsc_work                    ? 
_refine.pdbx_average_fsc_free                    ? 
# 
_refine_hist.pdbx_refine_id                   'X-RAY DIFFRACTION' 
_refine_hist.cycle_id                         1 
_refine_hist.pdbx_number_atoms_protein        772 
_refine_hist.pdbx_number_atoms_nucleic_acid   0 
_refine_hist.pdbx_number_atoms_ligand         39 
_refine_hist.number_atoms_solvent             153 
_refine_hist.number_atoms_total               964 
_refine_hist.d_res_high                       1.63 
_refine_hist.d_res_low                        30 
# 
loop_
_refine_ls_restr.pdbx_refine_id 
_refine_ls_restr.criterion 
_refine_ls_restr.dev_ideal 
_refine_ls_restr.dev_ideal_target 
_refine_ls_restr.number 
_refine_ls_restr.rejects 
_refine_ls_restr.type 
_refine_ls_restr.weight 
_refine_ls_restr.pdbx_restraint_function 
'X-RAY DIFFRACTION' ? 0.024  0.020  812  ? r_bond_refined_d             ? ? 
'X-RAY DIFFRACTION' ? 0.005  0.020  848  ? r_bond_other_d               ? ? 
'X-RAY DIFFRACTION' ? 2.639  2.021  1084 ? r_angle_refined_deg          ? ? 
'X-RAY DIFFRACTION' ? 1.176  3.012  1954 ? r_angle_other_deg            ? ? 
'X-RAY DIFFRACTION' ? 6.952  5.000  94   ? r_dihedral_angle_1_deg       ? ? 
'X-RAY DIFFRACTION' ? 41.514 25.882 34   ? r_dihedral_angle_2_deg       ? ? 
'X-RAY DIFFRACTION' ? 13.821 15.000 162  ? r_dihedral_angle_3_deg       ? ? 
'X-RAY DIFFRACTION' ? 11.334 15.000 4    ? r_dihedral_angle_4_deg       ? ? 
'X-RAY DIFFRACTION' ? 0.150  0.200  131  ? r_chiral_restr               ? ? 
'X-RAY DIFFRACTION' ? 0.012  0.020  848  ? r_gen_planes_refined         ? ? 
'X-RAY DIFFRACTION' ? 0.002  0.020  156  ? r_gen_planes_other           ? ? 
'X-RAY DIFFRACTION' ? ?      ?      ?    ? r_nbd_refined                ? ? 
'X-RAY DIFFRACTION' ? ?      ?      ?    ? r_nbd_other                  ? ? 
'X-RAY DIFFRACTION' ? ?      ?      ?    ? r_nbtor_refined              ? ? 
'X-RAY DIFFRACTION' ? ?      ?      ?    ? r_nbtor_other                ? ? 
'X-RAY DIFFRACTION' ? ?      ?      ?    ? r_xyhbond_nbd_refined        ? ? 
'X-RAY DIFFRACTION' ? ?      ?      ?    ? r_xyhbond_nbd_other          ? ? 
'X-RAY DIFFRACTION' ? ?      ?      ?    ? r_metal_ion_refined          ? ? 
'X-RAY DIFFRACTION' ? ?      ?      ?    ? r_metal_ion_other            ? ? 
'X-RAY DIFFRACTION' ? ?      ?      ?    ? r_symmetry_vdw_refined       ? ? 
'X-RAY DIFFRACTION' ? ?      ?      ?    ? r_symmetry_vdw_other         ? ? 
'X-RAY DIFFRACTION' ? ?      ?      ?    ? r_symmetry_hbond_refined     ? ? 
'X-RAY DIFFRACTION' ? ?      ?      ?    ? r_symmetry_hbond_other       ? ? 
'X-RAY DIFFRACTION' ? ?      ?      ?    ? r_symmetry_metal_ion_refined ? ? 
'X-RAY DIFFRACTION' ? ?      ?      ?    ? r_symmetry_metal_ion_other   ? ? 
'X-RAY DIFFRACTION' ? 2.307  1.540  382  ? r_mcbond_it                  ? ? 
'X-RAY DIFFRACTION' ? 2.277  1.533  381  ? r_mcbond_other               ? ? 
'X-RAY DIFFRACTION' ? 3.448  2.287  474  ? r_mcangle_it                 ? ? 
'X-RAY DIFFRACTION' ? 3.457  2.293  475  ? r_mcangle_other              ? ? 
'X-RAY DIFFRACTION' ? 4.313  2.254  430  ? r_scbond_it                  ? ? 
'X-RAY DIFFRACTION' ? 4.316  2.255  431  ? r_scbond_other               ? ? 
'X-RAY DIFFRACTION' ? ?      ?      ?    ? r_scangle_it                 ? ? 
'X-RAY DIFFRACTION' ? 6.291  3.115  611  ? r_scangle_other              ? ? 
'X-RAY DIFFRACTION' ? 8.531  16.101 964  ? r_long_range_B_refined       ? ? 
'X-RAY DIFFRACTION' ? 8.529  16.139 965  ? r_long_range_B_other         ? ? 
'X-RAY DIFFRACTION' ? ?      ?      ?    ? r_rigid_bond_restr           ? ? 
'X-RAY DIFFRACTION' ? ?      ?      ?    ? r_sphericity_free            ? ? 
'X-RAY DIFFRACTION' ? ?      ?      ?    ? r_sphericity_bonded          ? ? 
# 
_refine_ls_shell.pdbx_refine_id                   'X-RAY DIFFRACTION' 
_refine_ls_shell.d_res_high                       1.630 
_refine_ls_shell.d_res_low                        1.672 
_refine_ls_shell.number_reflns_all                ? 
_refine_ls_shell.number_reflns_obs                ? 
_refine_ls_shell.number_reflns_R_free             47 
_refine_ls_shell.number_reflns_R_work             961 
_refine_ls_shell.percent_reflns_obs               94.83 
_refine_ls_shell.percent_reflns_R_free            ? 
_refine_ls_shell.R_factor_all                     ? 
_refine_ls_shell.R_factor_obs                     ? 
_refine_ls_shell.R_factor_R_free                  0.287 
_refine_ls_shell.R_factor_R_free_error            ? 
_refine_ls_shell.R_factor_R_work                  0.234 
_refine_ls_shell.redundancy_reflns_all            ? 
_refine_ls_shell.redundancy_reflns_obs            ? 
_refine_ls_shell.wR_factor_all                    ? 
_refine_ls_shell.wR_factor_obs                    ? 
_refine_ls_shell.wR_factor_R_free                 ? 
_refine_ls_shell.wR_factor_R_work                 ? 
_refine_ls_shell.pdbx_total_number_of_bins_used   20 
_refine_ls_shell.pdbx_phase_error                 ? 
_refine_ls_shell.pdbx_fsc_work                    ? 
_refine_ls_shell.pdbx_fsc_free                    ? 
# 
_struct.entry_id                     5ITJ 
_struct.title                        'The structure of histone-like protein' 
_struct.pdbx_model_details           ? 
_struct.pdbx_formula_weight          ? 
_struct.pdbx_formula_weight_method   ? 
_struct.pdbx_model_type_details      ? 
_struct.pdbx_CASP_flag               ? 
# 
_struct_keywords.entry_id        5ITJ 
_struct_keywords.text            'Histone-like protein, Complex, DNA-binding fold, DNA BINDING PROTEIN' 
_struct_keywords.pdbx_keywords   'DNA BINDING PROTEIN' 
# 
loop_
_struct_asym.id 
_struct_asym.pdbx_blank_PDB_chainid_flag 
_struct_asym.pdbx_modified 
_struct_asym.entity_id 
_struct_asym.details 
A N N 1 ? 
B N N 1 ? 
C N N 2 ? 
D N N 3 ? 
E N N 3 ? 
F N N 2 ? 
G N N 2 ? 
H N N 4 ? 
I N N 4 ? 
# 
_struct_ref.id                         1 
_struct_ref.db_name                    UNP 
_struct_ref.db_code                    A0A0E3K9N8_SULSF 
_struct_ref.pdbx_db_accession          A0A0E3K9N8 
_struct_ref.pdbx_db_isoform            ? 
_struct_ref.entity_id                  1 
_struct_ref.pdbx_seq_one_letter_code   MAVEEIVKVSRNYQVTIPAKVRQKFQIKEGDLVKVTFDESEGVVKIQLLKEPWK 
_struct_ref.pdbx_align_begin           1 
# 
loop_
_struct_ref_seq.align_id 
_struct_ref_seq.ref_id 
_struct_ref_seq.pdbx_PDB_id_code 
_struct_ref_seq.pdbx_strand_id 
_struct_ref_seq.seq_align_beg 
_struct_ref_seq.pdbx_seq_align_beg_ins_code 
_struct_ref_seq.seq_align_end 
_struct_ref_seq.pdbx_seq_align_end_ins_code 
_struct_ref_seq.pdbx_db_accession 
_struct_ref_seq.db_align_beg 
_struct_ref_seq.pdbx_db_align_beg_ins_code 
_struct_ref_seq.db_align_end 
_struct_ref_seq.pdbx_db_align_end_ins_code 
_struct_ref_seq.pdbx_auth_seq_align_beg 
_struct_ref_seq.pdbx_auth_seq_align_end 
1 1 5ITJ A 1 ? 54 ? A0A0E3K9N8 1 ? 54 ? 1 54 
2 1 5ITJ B 1 ? 54 ? A0A0E3K9N8 1 ? 54 ? 1 54 
# 
_pdbx_struct_assembly.id                   1 
_pdbx_struct_assembly.details              author_and_software_defined_assembly 
_pdbx_struct_assembly.method_details       PISA 
_pdbx_struct_assembly.oligomeric_details   dimeric 
_pdbx_struct_assembly.oligomeric_count     2 
# 
loop_
_pdbx_struct_assembly_prop.biol_id 
_pdbx_struct_assembly_prop.type 
_pdbx_struct_assembly_prop.value 
_pdbx_struct_assembly_prop.details 
1 'ABSA (A^2)' 4670 ? 
1 MORE         -54  ? 
1 'SSA (A^2)'  6130 ? 
# 
_pdbx_struct_assembly_gen.assembly_id       1 
_pdbx_struct_assembly_gen.oper_expression   1 
_pdbx_struct_assembly_gen.asym_id_list      A,B,C,D,E,F,G,H,I 
# 
_pdbx_struct_oper_list.id                   1 
_pdbx_struct_oper_list.type                 'identity operation' 
_pdbx_struct_oper_list.name                 1_555 
_pdbx_struct_oper_list.symmetry_operation   x,y,z 
_pdbx_struct_oper_list.matrix[1][1]         1.0000000000 
_pdbx_struct_oper_list.matrix[1][2]         0.0000000000 
_pdbx_struct_oper_list.matrix[1][3]         0.0000000000 
_pdbx_struct_oper_list.vector[1]            0.0000000000 
_pdbx_struct_oper_list.matrix[2][1]         0.0000000000 
_pdbx_struct_oper_list.matrix[2][2]         1.0000000000 
_pdbx_struct_oper_list.matrix[2][3]         0.0000000000 
_pdbx_struct_oper_list.vector[2]            0.0000000000 
_pdbx_struct_oper_list.matrix[3][1]         0.0000000000 
_pdbx_struct_oper_list.matrix[3][2]         0.0000000000 
_pdbx_struct_oper_list.matrix[3][3]         1.0000000000 
_pdbx_struct_oper_list.vector[3]            0.0000000000 
# 
loop_
_struct_conf.conf_type_id 
_struct_conf.id 
_struct_conf.pdbx_PDB_helix_id 
_struct_conf.beg_label_comp_id 
_struct_conf.beg_label_asym_id 
_struct_conf.beg_label_seq_id 
_struct_conf.pdbx_beg_PDB_ins_code 
_struct_conf.end_label_comp_id 
_struct_conf.end_label_asym_id 
_struct_conf.end_label_seq_id 
_struct_conf.pdbx_end_PDB_ins_code 
_struct_conf.beg_auth_comp_id 
_struct_conf.beg_auth_asym_id 
_struct_conf.beg_auth_seq_id 
_struct_conf.end_auth_comp_id 
_struct_conf.end_auth_asym_id 
_struct_conf.end_auth_seq_id 
_struct_conf.pdbx_PDB_helix_class 
_struct_conf.details 
_struct_conf.pdbx_PDB_helix_length 
HELX_P HELX_P1 AA1 SER A 10 ? ASN A 12 ? SER A 10 ASN A 12 5 ? 3 
HELX_P HELX_P2 AA2 PRO A 18 ? GLN A 23 ? PRO A 18 GLN A 23 1 ? 6 
HELX_P HELX_P3 AA3 PRO B 18 ? GLN B 23 ? PRO B 18 GLN B 23 1 ? 6 
# 
_struct_conf_type.id          HELX_P 
_struct_conf_type.criteria    ? 
_struct_conf_type.reference   ? 
# 
loop_
_struct_sheet.id 
_struct_sheet.type 
_struct_sheet.number_strands 
_struct_sheet.details 
AA1 ? 6 ? 
AA2 ? 2 ? 
# 
loop_
_struct_sheet_order.sheet_id 
_struct_sheet_order.range_id_1 
_struct_sheet_order.range_id_2 
_struct_sheet_order.offset 
_struct_sheet_order.sense 
AA1 1 2 ? anti-parallel 
AA1 2 3 ? anti-parallel 
AA1 3 4 ? anti-parallel 
AA1 4 5 ? anti-parallel 
AA1 5 6 ? anti-parallel 
AA2 1 2 ? anti-parallel 
# 
loop_
_struct_sheet_range.sheet_id 
_struct_sheet_range.id 
_struct_sheet_range.beg_label_comp_id 
_struct_sheet_range.beg_label_asym_id 
_struct_sheet_range.beg_label_seq_id 
_struct_sheet_range.pdbx_beg_PDB_ins_code 
_struct_sheet_range.end_label_comp_id 
_struct_sheet_range.end_label_asym_id 
_struct_sheet_range.end_label_seq_id 
_struct_sheet_range.pdbx_end_PDB_ins_code 
_struct_sheet_range.beg_auth_comp_id 
_struct_sheet_range.beg_auth_asym_id 
_struct_sheet_range.beg_auth_seq_id 
_struct_sheet_range.end_auth_comp_id 
_struct_sheet_range.end_auth_asym_id 
_struct_sheet_range.end_auth_seq_id 
AA1 1 VAL A 3  ? LYS A 8  ? VAL A 3  LYS A 8  
AA1 2 LEU B 32 ? ASP B 38 ? LEU B 32 ASP B 38 
AA1 3 VAL B 43 ? LEU B 48 ? VAL B 43 LEU B 48 
AA1 4 VAL A 43 ? LEU A 48 ? VAL A 43 LEU A 48 
AA1 5 LEU A 32 ? ASP A 38 ? LEU A 32 ASP A 38 
AA1 6 GLU B 4  ? LYS B 8  ? GLU B 4  LYS B 8  
AA2 1 GLN A 14 ? THR A 16 ? GLN A 14 THR A 16 
AA2 2 GLN B 14 ? THR B 16 ? GLN B 14 THR B 16 
# 
loop_
_pdbx_struct_sheet_hbond.sheet_id 
_pdbx_struct_sheet_hbond.range_id_1 
_pdbx_struct_sheet_hbond.range_id_2 
_pdbx_struct_sheet_hbond.range_1_label_atom_id 
_pdbx_struct_sheet_hbond.range_1_label_comp_id 
_pdbx_struct_sheet_hbond.range_1_label_asym_id 
_pdbx_struct_sheet_hbond.range_1_label_seq_id 
_pdbx_struct_sheet_hbond.range_1_PDB_ins_code 
_pdbx_struct_sheet_hbond.range_1_auth_atom_id 
_pdbx_struct_sheet_hbond.range_1_auth_comp_id 
_pdbx_struct_sheet_hbond.range_1_auth_asym_id 
_pdbx_struct_sheet_hbond.range_1_auth_seq_id 
_pdbx_struct_sheet_hbond.range_2_label_atom_id 
_pdbx_struct_sheet_hbond.range_2_label_comp_id 
_pdbx_struct_sheet_hbond.range_2_label_asym_id 
_pdbx_struct_sheet_hbond.range_2_label_seq_id 
_pdbx_struct_sheet_hbond.range_2_PDB_ins_code 
_pdbx_struct_sheet_hbond.range_2_auth_atom_id 
_pdbx_struct_sheet_hbond.range_2_auth_comp_id 
_pdbx_struct_sheet_hbond.range_2_auth_asym_id 
_pdbx_struct_sheet_hbond.range_2_auth_seq_id 
AA1 1 2 N VAL A 3  ? N VAL A 3  O PHE B 37 ? O PHE B 37 
AA1 2 3 N ASP B 38 ? N ASP B 38 O VAL B 43 ? O VAL B 43 
AA1 3 4 O VAL B 44 ? O VAL B 44 N ILE A 46 ? N ILE A 46 
AA1 4 5 O VAL A 43 ? O VAL A 43 N ASP A 38 ? N ASP A 38 
AA1 5 6 N VAL A 35 ? N VAL A 35 O GLU B 5  ? O GLU B 5  
AA2 1 2 N VAL A 15 ? N VAL A 15 O VAL B 15 ? O VAL B 15 
# 
loop_
_struct_site.id 
_struct_site.pdbx_evidence_code 
_struct_site.pdbx_auth_asym_id 
_struct_site.pdbx_auth_comp_id 
_struct_site.pdbx_auth_seq_id 
_struct_site.pdbx_auth_ins_code 
_struct_site.pdbx_num_residues 
_struct_site.details 
AC1 Software A SO4 201 ? 8 'binding site for residue SO4 A 201' 
AC2 Software A PG4 202 ? 4 'binding site for residue PG4 A 202' 
AC3 Software A PG4 203 ? 9 'binding site for residue PG4 A 203' 
AC4 Software B SO4 101 ? 9 'binding site for residue SO4 B 101' 
AC5 Software B SO4 102 ? 7 'binding site for residue SO4 B 102' 
# 
loop_
_struct_site_gen.id 
_struct_site_gen.site_id 
_struct_site_gen.pdbx_num_res 
_struct_site_gen.label_comp_id 
_struct_site_gen.label_asym_id 
_struct_site_gen.label_seq_id 
_struct_site_gen.pdbx_auth_ins_code 
_struct_site_gen.auth_comp_id 
_struct_site_gen.auth_asym_id 
_struct_site_gen.auth_seq_id 
_struct_site_gen.label_atom_id 
_struct_site_gen.label_alt_id 
_struct_site_gen.symmetry 
_struct_site_gen.details 
1  AC1 8 PRO A 18 ? PRO A 18  . ? 1_555 ? 
2  AC1 8 ALA A 19 ? ALA A 19  . ? 1_555 ? 
3  AC1 8 HOH H .  ? HOH A 301 . ? 1_555 ? 
4  AC1 8 HOH H .  ? HOH A 316 . ? 1_555 ? 
5  AC1 8 HOH H .  ? HOH A 327 . ? 1_555 ? 
6  AC1 8 HOH H .  ? HOH A 338 . ? 1_555 ? 
7  AC1 8 HOH H .  ? HOH A 339 . ? 1_555 ? 
8  AC1 8 LYS B 20 ? LYS B 20  . ? 2_554 ? 
9  AC2 4 VAL A 3  ? VAL A 3   . ? 1_555 ? 
10 AC2 4 GLN A 23 ? GLN A 23  . ? 1_555 ? 
11 AC2 4 LYS A 24 ? LYS A 24  . ? 1_555 ? 
12 AC2 4 GLU B 39 ? GLU B 39  . ? 1_555 ? 
13 AC3 9 LYS A 8  ? LYS A 8   . ? 1_555 ? 
14 AC3 9 VAL A 9  ? VAL A 9   . ? 1_555 ? 
15 AC3 9 SER A 10 ? SER A 10  . ? 1_555 ? 
16 AC3 9 ARG A 11 ? ARG A 11  . ? 1_555 ? 
17 AC3 9 LYS A 28 ? LYS A 28  . ? 4_445 ? 
18 AC3 9 GLU A 29 ? GLU A 29  . ? 4_445 ? 
19 AC3 9 HOH H .  ? HOH A 307 . ? 4_445 ? 
20 AC3 9 HOH H .  ? HOH A 342 . ? 4_445 ? 
21 AC3 9 HOH I .  ? HOH B 221 . ? 1_555 ? 
22 AC4 9 LYS A 20 ? LYS A 20  . ? 2_555 ? 
23 AC4 9 PRO B 18 ? PRO B 18  . ? 1_555 ? 
24 AC4 9 ALA B 19 ? ALA B 19  . ? 1_555 ? 
25 AC4 9 HOH I .  ? HOH B 201 . ? 1_555 ? 
26 AC4 9 HOH I .  ? HOH B 216 . ? 1_555 ? 
27 AC4 9 HOH I .  ? HOH B 227 . ? 1_555 ? 
28 AC4 9 HOH I .  ? HOH B 230 . ? 1_555 ? 
29 AC4 9 HOH I .  ? HOH B 234 . ? 1_555 ? 
30 AC4 9 HOH I .  ? HOH B 245 . ? 1_555 ? 
31 AC5 7 GLN A 14 ? GLN A 14  . ? 1_555 ? 
32 AC5 7 SER B 10 ? SER B 10  . ? 1_555 ? 
33 AC5 7 ARG B 11 ? ARG B 11  . ? 1_555 ? 
34 AC5 7 ASN B 12 ? ASN B 12  . ? 1_555 ? 
35 AC5 7 GLN B 14 ? GLN B 14  . ? 1_555 ? 
36 AC5 7 HOH I .  ? HOH B 222 . ? 1_555 ? 
37 AC5 7 HOH I .  ? HOH B 247 . ? 1_555 ? 
# 
loop_
_pdbx_validate_close_contact.id 
_pdbx_validate_close_contact.PDB_model_num 
_pdbx_validate_close_contact.auth_atom_id_1 
_pdbx_validate_close_contact.auth_asym_id_1 
_pdbx_validate_close_contact.auth_comp_id_1 
_pdbx_validate_close_contact.auth_seq_id_1 
_pdbx_validate_close_contact.PDB_ins_code_1 
_pdbx_validate_close_contact.label_alt_id_1 
_pdbx_validate_close_contact.auth_atom_id_2 
_pdbx_validate_close_contact.auth_asym_id_2 
_pdbx_validate_close_contact.auth_comp_id_2 
_pdbx_validate_close_contact.auth_seq_id_2 
_pdbx_validate_close_contact.PDB_ins_code_2 
_pdbx_validate_close_contact.label_alt_id_2 
_pdbx_validate_close_contact.dist 
1 1 NH1 A ARG 22  ? ? O A HOH 301 ? ? 2.09 
2 1 O   A HOH 325 ? ? O A HOH 340 ? ? 2.16 
3 1 O   A HOH 348 ? ? O A HOH 357 ? ? 2.17 
# 
_pdbx_validate_rmsd_bond.id                        1 
_pdbx_validate_rmsd_bond.PDB_model_num             1 
_pdbx_validate_rmsd_bond.auth_atom_id_1            CD 
_pdbx_validate_rmsd_bond.auth_asym_id_1            B 
_pdbx_validate_rmsd_bond.auth_comp_id_1            GLU 
_pdbx_validate_rmsd_bond.auth_seq_id_1             41 
_pdbx_validate_rmsd_bond.PDB_ins_code_1            ? 
_pdbx_validate_rmsd_bond.label_alt_id_1            ? 
_pdbx_validate_rmsd_bond.auth_atom_id_2            OE2 
_pdbx_validate_rmsd_bond.auth_asym_id_2            B 
_pdbx_validate_rmsd_bond.auth_comp_id_2            GLU 
_pdbx_validate_rmsd_bond.auth_seq_id_2             41 
_pdbx_validate_rmsd_bond.PDB_ins_code_2            ? 
_pdbx_validate_rmsd_bond.label_alt_id_2            ? 
_pdbx_validate_rmsd_bond.bond_value                1.321 
_pdbx_validate_rmsd_bond.bond_target_value         1.252 
_pdbx_validate_rmsd_bond.bond_deviation            0.069 
_pdbx_validate_rmsd_bond.bond_standard_deviation   0.011 
_pdbx_validate_rmsd_bond.linker_flag               N 
# 
_pdbx_validate_rmsd_angle.id                         1 
_pdbx_validate_rmsd_angle.PDB_model_num              1 
_pdbx_validate_rmsd_angle.auth_atom_id_1             NE 
_pdbx_validate_rmsd_angle.auth_asym_id_1             B 
_pdbx_validate_rmsd_angle.auth_comp_id_1             ARG 
_pdbx_validate_rmsd_angle.auth_seq_id_1              11 
_pdbx_validate_rmsd_angle.PDB_ins_code_1             ? 
_pdbx_validate_rmsd_angle.label_alt_id_1             ? 
_pdbx_validate_rmsd_angle.auth_atom_id_2             CZ 
_pdbx_validate_rmsd_angle.auth_asym_id_2             B 
_pdbx_validate_rmsd_angle.auth_comp_id_2             ARG 
_pdbx_validate_rmsd_angle.auth_seq_id_2              11 
_pdbx_validate_rmsd_angle.PDB_ins_code_2             ? 
_pdbx_validate_rmsd_angle.label_alt_id_2             ? 
_pdbx_validate_rmsd_angle.auth_atom_id_3             NH1 
_pdbx_validate_rmsd_angle.auth_asym_id_3             B 
_pdbx_validate_rmsd_angle.auth_comp_id_3             ARG 
_pdbx_validate_rmsd_angle.auth_seq_id_3              11 
_pdbx_validate_rmsd_angle.PDB_ins_code_3             ? 
_pdbx_validate_rmsd_angle.label_alt_id_3             ? 
_pdbx_validate_rmsd_angle.angle_value                116.72 
_pdbx_validate_rmsd_angle.angle_target_value         120.30 
_pdbx_validate_rmsd_angle.angle_deviation            -3.58 
_pdbx_validate_rmsd_angle.angle_standard_deviation   0.50 
_pdbx_validate_rmsd_angle.linker_flag                N 
# 
_pdbx_validate_main_chain_plane.id                       1 
_pdbx_validate_main_chain_plane.PDB_model_num            1 
_pdbx_validate_main_chain_plane.auth_comp_id             SER 
_pdbx_validate_main_chain_plane.auth_asym_id             B 
_pdbx_validate_main_chain_plane.auth_seq_id              40 
_pdbx_validate_main_chain_plane.PDB_ins_code             ? 
_pdbx_validate_main_chain_plane.label_alt_id             ? 
_pdbx_validate_main_chain_plane.improper_torsion_angle   10.06 
# 
loop_
_pdbx_distant_solvent_atoms.id 
_pdbx_distant_solvent_atoms.PDB_model_num 
_pdbx_distant_solvent_atoms.auth_atom_id 
_pdbx_distant_solvent_atoms.label_alt_id 
_pdbx_distant_solvent_atoms.auth_asym_id 
_pdbx_distant_solvent_atoms.auth_comp_id 
_pdbx_distant_solvent_atoms.auth_seq_id 
_pdbx_distant_solvent_atoms.PDB_ins_code 
_pdbx_distant_solvent_atoms.neighbor_macromolecule_distance 
_pdbx_distant_solvent_atoms.neighbor_ligand_distance 
1 1 O ? A HOH 372 ? 6.61 . 
2 1 O ? A HOH 373 ? 6.96 . 
3 1 O ? A HOH 374 ? 7.69 . 
4 1 O ? A HOH 375 ? 8.55 . 
5 1 O ? B HOH 275 ? 6.31 . 
6 1 O ? B HOH 276 ? 6.44 . 
7 1 O ? B HOH 277 ? 6.95 . 
8 1 O ? B HOH 278 ? 9.09 . 
# 
loop_
_pdbx_unobs_or_zero_occ_residues.id 
_pdbx_unobs_or_zero_occ_residues.PDB_model_num 
_pdbx_unobs_or_zero_occ_residues.polymer_flag 
_pdbx_unobs_or_zero_occ_residues.occupancy_flag 
_pdbx_unobs_or_zero_occ_residues.auth_asym_id 
_pdbx_unobs_or_zero_occ_residues.auth_comp_id 
_pdbx_unobs_or_zero_occ_residues.auth_seq_id 
_pdbx_unobs_or_zero_occ_residues.PDB_ins_code 
_pdbx_unobs_or_zero_occ_residues.label_asym_id 
_pdbx_unobs_or_zero_occ_residues.label_comp_id 
_pdbx_unobs_or_zero_occ_residues.label_seq_id 
1  1 Y 1 A MET 1  ? A MET 1  
2  1 Y 1 A LYS 50 ? A LYS 50 
3  1 Y 1 A GLU 51 ? A GLU 51 
4  1 Y 1 A PRO 52 ? A PRO 52 
5  1 Y 1 A TRP 53 ? A TRP 53 
6  1 Y 1 A LYS 54 ? A LYS 54 
7  1 Y 1 B MET 1  ? B MET 1  
8  1 Y 1 B LYS 50 ? B LYS 50 
9  1 Y 1 B GLU 51 ? B GLU 51 
10 1 Y 1 B PRO 52 ? B PRO 52 
11 1 Y 1 B TRP 53 ? B TRP 53 
12 1 Y 1 B LYS 54 ? B LYS 54 
# 
loop_
_chem_comp_atom.comp_id 
_chem_comp_atom.atom_id 
_chem_comp_atom.type_symbol 
_chem_comp_atom.pdbx_aromatic_flag 
_chem_comp_atom.pdbx_stereo_config 
_chem_comp_atom.pdbx_ordinal 
ALA N    N N N 1   
ALA CA   C N S 2   
ALA C    C N N 3   
ALA O    O N N 4   
ALA CB   C N N 5   
ALA OXT  O N N 6   
ALA H    H N N 7   
ALA H2   H N N 8   
ALA HA   H N N 9   
ALA HB1  H N N 10  
ALA HB2  H N N 11  
ALA HB3  H N N 12  
ALA HXT  H N N 13  
ARG N    N N N 14  
ARG CA   C N S 15  
ARG C    C N N 16  
ARG O    O N N 17  
ARG CB   C N N 18  
ARG CG   C N N 19  
ARG CD   C N N 20  
ARG NE   N N N 21  
ARG CZ   C N N 22  
ARG NH1  N N N 23  
ARG NH2  N N N 24  
ARG OXT  O N N 25  
ARG H    H N N 26  
ARG H2   H N N 27  
ARG HA   H N N 28  
ARG HB2  H N N 29  
ARG HB3  H N N 30  
ARG HG2  H N N 31  
ARG HG3  H N N 32  
ARG HD2  H N N 33  
ARG HD3  H N N 34  
ARG HE   H N N 35  
ARG HH11 H N N 36  
ARG HH12 H N N 37  
ARG HH21 H N N 38  
ARG HH22 H N N 39  
ARG HXT  H N N 40  
ASN N    N N N 41  
ASN CA   C N S 42  
ASN C    C N N 43  
ASN O    O N N 44  
ASN CB   C N N 45  
ASN CG   C N N 46  
ASN OD1  O N N 47  
ASN ND2  N N N 48  
ASN OXT  O N N 49  
ASN H    H N N 50  
ASN H2   H N N 51  
ASN HA   H N N 52  
ASN HB2  H N N 53  
ASN HB3  H N N 54  
ASN HD21 H N N 55  
ASN HD22 H N N 56  
ASN HXT  H N N 57  
ASP N    N N N 58  
ASP CA   C N S 59  
ASP C    C N N 60  
ASP O    O N N 61  
ASP CB   C N N 62  
ASP CG   C N N 63  
ASP OD1  O N N 64  
ASP OD2  O N N 65  
ASP OXT  O N N 66  
ASP H    H N N 67  
ASP H2   H N N 68  
ASP HA   H N N 69  
ASP HB2  H N N 70  
ASP HB3  H N N 71  
ASP HD2  H N N 72  
ASP HXT  H N N 73  
GLN N    N N N 74  
GLN CA   C N S 75  
GLN C    C N N 76  
GLN O    O N N 77  
GLN CB   C N N 78  
GLN CG   C N N 79  
GLN CD   C N N 80  
GLN OE1  O N N 81  
GLN NE2  N N N 82  
GLN OXT  O N N 83  
GLN H    H N N 84  
GLN H2   H N N 85  
GLN HA   H N N 86  
GLN HB2  H N N 87  
GLN HB3  H N N 88  
GLN HG2  H N N 89  
GLN HG3  H N N 90  
GLN HE21 H N N 91  
GLN HE22 H N N 92  
GLN HXT  H N N 93  
GLU N    N N N 94  
GLU CA   C N S 95  
GLU C    C N N 96  
GLU O    O N N 97  
GLU CB   C N N 98  
GLU CG   C N N 99  
GLU CD   C N N 100 
GLU OE1  O N N 101 
GLU OE2  O N N 102 
GLU OXT  O N N 103 
GLU H    H N N 104 
GLU H2   H N N 105 
GLU HA   H N N 106 
GLU HB2  H N N 107 
GLU HB3  H N N 108 
GLU HG2  H N N 109 
GLU HG3  H N N 110 
GLU HE2  H N N 111 
GLU HXT  H N N 112 
GLY N    N N N 113 
GLY CA   C N N 114 
GLY C    C N N 115 
GLY O    O N N 116 
GLY OXT  O N N 117 
GLY H    H N N 118 
GLY H2   H N N 119 
GLY HA2  H N N 120 
GLY HA3  H N N 121 
GLY HXT  H N N 122 
HOH O    O N N 123 
HOH H1   H N N 124 
HOH H2   H N N 125 
ILE N    N N N 126 
ILE CA   C N S 127 
ILE C    C N N 128 
ILE O    O N N 129 
ILE CB   C N S 130 
ILE CG1  C N N 131 
ILE CG2  C N N 132 
ILE CD1  C N N 133 
ILE OXT  O N N 134 
ILE H    H N N 135 
ILE H2   H N N 136 
ILE HA   H N N 137 
ILE HB   H N N 138 
ILE HG12 H N N 139 
ILE HG13 H N N 140 
ILE HG21 H N N 141 
ILE HG22 H N N 142 
ILE HG23 H N N 143 
ILE HD11 H N N 144 
ILE HD12 H N N 145 
ILE HD13 H N N 146 
ILE HXT  H N N 147 
LEU N    N N N 148 
LEU CA   C N S 149 
LEU C    C N N 150 
LEU O    O N N 151 
LEU CB   C N N 152 
LEU CG   C N N 153 
LEU CD1  C N N 154 
LEU CD2  C N N 155 
LEU OXT  O N N 156 
LEU H    H N N 157 
LEU H2   H N N 158 
LEU HA   H N N 159 
LEU HB2  H N N 160 
LEU HB3  H N N 161 
LEU HG   H N N 162 
LEU HD11 H N N 163 
LEU HD12 H N N 164 
LEU HD13 H N N 165 
LEU HD21 H N N 166 
LEU HD22 H N N 167 
LEU HD23 H N N 168 
LEU HXT  H N N 169 
LYS N    N N N 170 
LYS CA   C N S 171 
LYS C    C N N 172 
LYS O    O N N 173 
LYS CB   C N N 174 
LYS CG   C N N 175 
LYS CD   C N N 176 
LYS CE   C N N 177 
LYS NZ   N N N 178 
LYS OXT  O N N 179 
LYS H    H N N 180 
LYS H2   H N N 181 
LYS HA   H N N 182 
LYS HB2  H N N 183 
LYS HB3  H N N 184 
LYS HG2  H N N 185 
LYS HG3  H N N 186 
LYS HD2  H N N 187 
LYS HD3  H N N 188 
LYS HE2  H N N 189 
LYS HE3  H N N 190 
LYS HZ1  H N N 191 
LYS HZ2  H N N 192 
LYS HZ3  H N N 193 
LYS HXT  H N N 194 
MET N    N N N 195 
MET CA   C N S 196 
MET C    C N N 197 
MET O    O N N 198 
MET CB   C N N 199 
MET CG   C N N 200 
MET SD   S N N 201 
MET CE   C N N 202 
MET OXT  O N N 203 
MET H    H N N 204 
MET H2   H N N 205 
MET HA   H N N 206 
MET HB2  H N N 207 
MET HB3  H N N 208 
MET HG2  H N N 209 
MET HG3  H N N 210 
MET HE1  H N N 211 
MET HE2  H N N 212 
MET HE3  H N N 213 
MET HXT  H N N 214 
PG4 O1   O N N 215 
PG4 C1   C N N 216 
PG4 C2   C N N 217 
PG4 O2   O N N 218 
PG4 C3   C N N 219 
PG4 C4   C N N 220 
PG4 O3   O N N 221 
PG4 C5   C N N 222 
PG4 C6   C N N 223 
PG4 O4   O N N 224 
PG4 C7   C N N 225 
PG4 C8   C N N 226 
PG4 O5   O N N 227 
PG4 HO1  H N N 228 
PG4 H11  H N N 229 
PG4 H12  H N N 230 
PG4 H21  H N N 231 
PG4 H22  H N N 232 
PG4 H31  H N N 233 
PG4 H32  H N N 234 
PG4 H41  H N N 235 
PG4 H42  H N N 236 
PG4 H51  H N N 237 
PG4 H52  H N N 238 
PG4 H61  H N N 239 
PG4 H62  H N N 240 
PG4 H71  H N N 241 
PG4 H72  H N N 242 
PG4 H81  H N N 243 
PG4 H82  H N N 244 
PG4 HO5  H N N 245 
PHE N    N N N 246 
PHE CA   C N S 247 
PHE C    C N N 248 
PHE O    O N N 249 
PHE CB   C N N 250 
PHE CG   C Y N 251 
PHE CD1  C Y N 252 
PHE CD2  C Y N 253 
PHE CE1  C Y N 254 
PHE CE2  C Y N 255 
PHE CZ   C Y N 256 
PHE OXT  O N N 257 
PHE H    H N N 258 
PHE H2   H N N 259 
PHE HA   H N N 260 
PHE HB2  H N N 261 
PHE HB3  H N N 262 
PHE HD1  H N N 263 
PHE HD2  H N N 264 
PHE HE1  H N N 265 
PHE HE2  H N N 266 
PHE HZ   H N N 267 
PHE HXT  H N N 268 
PRO N    N N N 269 
PRO CA   C N S 270 
PRO C    C N N 271 
PRO O    O N N 272 
PRO CB   C N N 273 
PRO CG   C N N 274 
PRO CD   C N N 275 
PRO OXT  O N N 276 
PRO H    H N N 277 
PRO HA   H N N 278 
PRO HB2  H N N 279 
PRO HB3  H N N 280 
PRO HG2  H N N 281 
PRO HG3  H N N 282 
PRO HD2  H N N 283 
PRO HD3  H N N 284 
PRO HXT  H N N 285 
SER N    N N N 286 
SER CA   C N S 287 
SER C    C N N 288 
SER O    O N N 289 
SER CB   C N N 290 
SER OG   O N N 291 
SER OXT  O N N 292 
SER H    H N N 293 
SER H2   H N N 294 
SER HA   H N N 295 
SER HB2  H N N 296 
SER HB3  H N N 297 
SER HG   H N N 298 
SER HXT  H N N 299 
SO4 S    S N N 300 
SO4 O1   O N N 301 
SO4 O2   O N N 302 
SO4 O3   O N N 303 
SO4 O4   O N N 304 
THR N    N N N 305 
THR CA   C N S 306 
THR C    C N N 307 
THR O    O N N 308 
THR CB   C N R 309 
THR OG1  O N N 310 
THR CG2  C N N 311 
THR OXT  O N N 312 
THR H    H N N 313 
THR H2   H N N 314 
THR HA   H N N 315 
THR HB   H N N 316 
THR HG1  H N N 317 
THR HG21 H N N 318 
THR HG22 H N N 319 
THR HG23 H N N 320 
THR HXT  H N N 321 
TRP N    N N N 322 
TRP CA   C N S 323 
TRP C    C N N 324 
TRP O    O N N 325 
TRP CB   C N N 326 
TRP CG   C Y N 327 
TRP CD1  C Y N 328 
TRP CD2  C Y N 329 
TRP NE1  N Y N 330 
TRP CE2  C Y N 331 
TRP CE3  C Y N 332 
TRP CZ2  C Y N 333 
TRP CZ3  C Y N 334 
TRP CH2  C Y N 335 
TRP OXT  O N N 336 
TRP H    H N N 337 
TRP H2   H N N 338 
TRP HA   H N N 339 
TRP HB2  H N N 340 
TRP HB3  H N N 341 
TRP HD1  H N N 342 
TRP HE1  H N N 343 
TRP HE3  H N N 344 
TRP HZ2  H N N 345 
TRP HZ3  H N N 346 
TRP HH2  H N N 347 
TRP HXT  H N N 348 
TYR N    N N N 349 
TYR CA   C N S 350 
TYR C    C N N 351 
TYR O    O N N 352 
TYR CB   C N N 353 
TYR CG   C Y N 354 
TYR CD1  C Y N 355 
TYR CD2  C Y N 356 
TYR CE1  C Y N 357 
TYR CE2  C Y N 358 
TYR CZ   C Y N 359 
TYR OH   O N N 360 
TYR OXT  O N N 361 
TYR H    H N N 362 
TYR H2   H N N 363 
TYR HA   H N N 364 
TYR HB2  H N N 365 
TYR HB3  H N N 366 
TYR HD1  H N N 367 
TYR HD2  H N N 368 
TYR HE1  H N N 369 
TYR HE2  H N N 370 
TYR HH   H N N 371 
TYR HXT  H N N 372 
VAL N    N N N 373 
VAL CA   C N S 374 
VAL C    C N N 375 
VAL O    O N N 376 
VAL CB   C N N 377 
VAL CG1  C N N 378 
VAL CG2  C N N 379 
VAL OXT  O N N 380 
VAL H    H N N 381 
VAL H2   H N N 382 
VAL HA   H N N 383 
VAL HB   H N N 384 
VAL HG11 H N N 385 
VAL HG12 H N N 386 
VAL HG13 H N N 387 
VAL HG21 H N N 388 
VAL HG22 H N N 389 
VAL HG23 H N N 390 
VAL HXT  H N N 391 
# 
loop_
_chem_comp_bond.comp_id 
_chem_comp_bond.atom_id_1 
_chem_comp_bond.atom_id_2 
_chem_comp_bond.value_order 
_chem_comp_bond.pdbx_aromatic_flag 
_chem_comp_bond.pdbx_stereo_config 
_chem_comp_bond.pdbx_ordinal 
ALA N   CA   sing N N 1   
ALA N   H    sing N N 2   
ALA N   H2   sing N N 3   
ALA CA  C    sing N N 4   
ALA CA  CB   sing N N 5   
ALA CA  HA   sing N N 6   
ALA C   O    doub N N 7   
ALA C   OXT  sing N N 8   
ALA CB  HB1  sing N N 9   
ALA CB  HB2  sing N N 10  
ALA CB  HB3  sing N N 11  
ALA OXT HXT  sing N N 12  
ARG N   CA   sing N N 13  
ARG N   H    sing N N 14  
ARG N   H2   sing N N 15  
ARG CA  C    sing N N 16  
ARG CA  CB   sing N N 17  
ARG CA  HA   sing N N 18  
ARG C   O    doub N N 19  
ARG C   OXT  sing N N 20  
ARG CB  CG   sing N N 21  
ARG CB  HB2  sing N N 22  
ARG CB  HB3  sing N N 23  
ARG CG  CD   sing N N 24  
ARG CG  HG2  sing N N 25  
ARG CG  HG3  sing N N 26  
ARG CD  NE   sing N N 27  
ARG CD  HD2  sing N N 28  
ARG CD  HD3  sing N N 29  
ARG NE  CZ   sing N N 30  
ARG NE  HE   sing N N 31  
ARG CZ  NH1  sing N N 32  
ARG CZ  NH2  doub N N 33  
ARG NH1 HH11 sing N N 34  
ARG NH1 HH12 sing N N 35  
ARG NH2 HH21 sing N N 36  
ARG NH2 HH22 sing N N 37  
ARG OXT HXT  sing N N 38  
ASN N   CA   sing N N 39  
ASN N   H    sing N N 40  
ASN N   H2   sing N N 41  
ASN CA  C    sing N N 42  
ASN CA  CB   sing N N 43  
ASN CA  HA   sing N N 44  
ASN C   O    doub N N 45  
ASN C   OXT  sing N N 46  
ASN CB  CG   sing N N 47  
ASN CB  HB2  sing N N 48  
ASN CB  HB3  sing N N 49  
ASN CG  OD1  doub N N 50  
ASN CG  ND2  sing N N 51  
ASN ND2 HD21 sing N N 52  
ASN ND2 HD22 sing N N 53  
ASN OXT HXT  sing N N 54  
ASP N   CA   sing N N 55  
ASP N   H    sing N N 56  
ASP N   H2   sing N N 57  
ASP CA  C    sing N N 58  
ASP CA  CB   sing N N 59  
ASP CA  HA   sing N N 60  
ASP C   O    doub N N 61  
ASP C   OXT  sing N N 62  
ASP CB  CG   sing N N 63  
ASP CB  HB2  sing N N 64  
ASP CB  HB3  sing N N 65  
ASP CG  OD1  doub N N 66  
ASP CG  OD2  sing N N 67  
ASP OD2 HD2  sing N N 68  
ASP OXT HXT  sing N N 69  
GLN N   CA   sing N N 70  
GLN N   H    sing N N 71  
GLN N   H2   sing N N 72  
GLN CA  C    sing N N 73  
GLN CA  CB   sing N N 74  
GLN CA  HA   sing N N 75  
GLN C   O    doub N N 76  
GLN C   OXT  sing N N 77  
GLN CB  CG   sing N N 78  
GLN CB  HB2  sing N N 79  
GLN CB  HB3  sing N N 80  
GLN CG  CD   sing N N 81  
GLN CG  HG2  sing N N 82  
GLN CG  HG3  sing N N 83  
GLN CD  OE1  doub N N 84  
GLN CD  NE2  sing N N 85  
GLN NE2 HE21 sing N N 86  
GLN NE2 HE22 sing N N 87  
GLN OXT HXT  sing N N 88  
GLU N   CA   sing N N 89  
GLU N   H    sing N N 90  
GLU N   H2   sing N N 91  
GLU CA  C    sing N N 92  
GLU CA  CB   sing N N 93  
GLU CA  HA   sing N N 94  
GLU C   O    doub N N 95  
GLU C   OXT  sing N N 96  
GLU CB  CG   sing N N 97  
GLU CB  HB2  sing N N 98  
GLU CB  HB3  sing N N 99  
GLU CG  CD   sing N N 100 
GLU CG  HG2  sing N N 101 
GLU CG  HG3  sing N N 102 
GLU CD  OE1  doub N N 103 
GLU CD  OE2  sing N N 104 
GLU OE2 HE2  sing N N 105 
GLU OXT HXT  sing N N 106 
GLY N   CA   sing N N 107 
GLY N   H    sing N N 108 
GLY N   H2   sing N N 109 
GLY CA  C    sing N N 110 
GLY CA  HA2  sing N N 111 
GLY CA  HA3  sing N N 112 
GLY C   O    doub N N 113 
GLY C   OXT  sing N N 114 
GLY OXT HXT  sing N N 115 
HOH O   H1   sing N N 116 
HOH O   H2   sing N N 117 
ILE N   CA   sing N N 118 
ILE N   H    sing N N 119 
ILE N   H2   sing N N 120 
ILE CA  C    sing N N 121 
ILE CA  CB   sing N N 122 
ILE CA  HA   sing N N 123 
ILE C   O    doub N N 124 
ILE C   OXT  sing N N 125 
ILE CB  CG1  sing N N 126 
ILE CB  CG2  sing N N 127 
ILE CB  HB   sing N N 128 
ILE CG1 CD1  sing N N 129 
ILE CG1 HG12 sing N N 130 
ILE CG1 HG13 sing N N 131 
ILE CG2 HG21 sing N N 132 
ILE CG2 HG22 sing N N 133 
ILE CG2 HG23 sing N N 134 
ILE CD1 HD11 sing N N 135 
ILE CD1 HD12 sing N N 136 
ILE CD1 HD13 sing N N 137 
ILE OXT HXT  sing N N 138 
LEU N   CA   sing N N 139 
LEU N   H    sing N N 140 
LEU N   H2   sing N N 141 
LEU CA  C    sing N N 142 
LEU CA  CB   sing N N 143 
LEU CA  HA   sing N N 144 
LEU C   O    doub N N 145 
LEU C   OXT  sing N N 146 
LEU CB  CG   sing N N 147 
LEU CB  HB2  sing N N 148 
LEU CB  HB3  sing N N 149 
LEU CG  CD1  sing N N 150 
LEU CG  CD2  sing N N 151 
LEU CG  HG   sing N N 152 
LEU CD1 HD11 sing N N 153 
LEU CD1 HD12 sing N N 154 
LEU CD1 HD13 sing N N 155 
LEU CD2 HD21 sing N N 156 
LEU CD2 HD22 sing N N 157 
LEU CD2 HD23 sing N N 158 
LEU OXT HXT  sing N N 159 
LYS N   CA   sing N N 160 
LYS N   H    sing N N 161 
LYS N   H2   sing N N 162 
LYS CA  C    sing N N 163 
LYS CA  CB   sing N N 164 
LYS CA  HA   sing N N 165 
LYS C   O    doub N N 166 
LYS C   OXT  sing N N 167 
LYS CB  CG   sing N N 168 
LYS CB  HB2  sing N N 169 
LYS CB  HB3  sing N N 170 
LYS CG  CD   sing N N 171 
LYS CG  HG2  sing N N 172 
LYS CG  HG3  sing N N 173 
LYS CD  CE   sing N N 174 
LYS CD  HD2  sing N N 175 
LYS CD  HD3  sing N N 176 
LYS CE  NZ   sing N N 177 
LYS CE  HE2  sing N N 178 
LYS CE  HE3  sing N N 179 
LYS NZ  HZ1  sing N N 180 
LYS NZ  HZ2  sing N N 181 
LYS NZ  HZ3  sing N N 182 
LYS OXT HXT  sing N N 183 
MET N   CA   sing N N 184 
MET N   H    sing N N 185 
MET N   H2   sing N N 186 
MET CA  C    sing N N 187 
MET CA  CB   sing N N 188 
MET CA  HA   sing N N 189 
MET C   O    doub N N 190 
MET C   OXT  sing N N 191 
MET CB  CG   sing N N 192 
MET CB  HB2  sing N N 193 
MET CB  HB3  sing N N 194 
MET CG  SD   sing N N 195 
MET CG  HG2  sing N N 196 
MET CG  HG3  sing N N 197 
MET SD  CE   sing N N 198 
MET CE  HE1  sing N N 199 
MET CE  HE2  sing N N 200 
MET CE  HE3  sing N N 201 
MET OXT HXT  sing N N 202 
PG4 O1  C1   sing N N 203 
PG4 O1  HO1  sing N N 204 
PG4 C1  C2   sing N N 205 
PG4 C1  H11  sing N N 206 
PG4 C1  H12  sing N N 207 
PG4 C2  O2   sing N N 208 
PG4 C2  H21  sing N N 209 
PG4 C2  H22  sing N N 210 
PG4 O2  C3   sing N N 211 
PG4 C3  C4   sing N N 212 
PG4 C3  H31  sing N N 213 
PG4 C3  H32  sing N N 214 
PG4 C4  O3   sing N N 215 
PG4 C4  H41  sing N N 216 
PG4 C4  H42  sing N N 217 
PG4 O3  C5   sing N N 218 
PG4 C5  C6   sing N N 219 
PG4 C5  H51  sing N N 220 
PG4 C5  H52  sing N N 221 
PG4 C6  O4   sing N N 222 
PG4 C6  H61  sing N N 223 
PG4 C6  H62  sing N N 224 
PG4 O4  C7   sing N N 225 
PG4 C7  C8   sing N N 226 
PG4 C7  H71  sing N N 227 
PG4 C7  H72  sing N N 228 
PG4 C8  O5   sing N N 229 
PG4 C8  H81  sing N N 230 
PG4 C8  H82  sing N N 231 
PG4 O5  HO5  sing N N 232 
PHE N   CA   sing N N 233 
PHE N   H    sing N N 234 
PHE N   H2   sing N N 235 
PHE CA  C    sing N N 236 
PHE CA  CB   sing N N 237 
PHE CA  HA   sing N N 238 
PHE C   O    doub N N 239 
PHE C   OXT  sing N N 240 
PHE CB  CG   sing N N 241 
PHE CB  HB2  sing N N 242 
PHE CB  HB3  sing N N 243 
PHE CG  CD1  doub Y N 244 
PHE CG  CD2  sing Y N 245 
PHE CD1 CE1  sing Y N 246 
PHE CD1 HD1  sing N N 247 
PHE CD2 CE2  doub Y N 248 
PHE CD2 HD2  sing N N 249 
PHE CE1 CZ   doub Y N 250 
PHE CE1 HE1  sing N N 251 
PHE CE2 CZ   sing Y N 252 
PHE CE2 HE2  sing N N 253 
PHE CZ  HZ   sing N N 254 
PHE OXT HXT  sing N N 255 
PRO N   CA   sing N N 256 
PRO N   CD   sing N N 257 
PRO N   H    sing N N 258 
PRO CA  C    sing N N 259 
PRO CA  CB   sing N N 260 
PRO CA  HA   sing N N 261 
PRO C   O    doub N N 262 
PRO C   OXT  sing N N 263 
PRO CB  CG   sing N N 264 
PRO CB  HB2  sing N N 265 
PRO CB  HB3  sing N N 266 
PRO CG  CD   sing N N 267 
PRO CG  HG2  sing N N 268 
PRO CG  HG3  sing N N 269 
PRO CD  HD2  sing N N 270 
PRO CD  HD3  sing N N 271 
PRO OXT HXT  sing N N 272 
SER N   CA   sing N N 273 
SER N   H    sing N N 274 
SER N   H2   sing N N 275 
SER CA  C    sing N N 276 
SER CA  CB   sing N N 277 
SER CA  HA   sing N N 278 
SER C   O    doub N N 279 
SER C   OXT  sing N N 280 
SER CB  OG   sing N N 281 
SER CB  HB2  sing N N 282 
SER CB  HB3  sing N N 283 
SER OG  HG   sing N N 284 
SER OXT HXT  sing N N 285 
SO4 S   O1   doub N N 286 
SO4 S   O2   doub N N 287 
SO4 S   O3   sing N N 288 
SO4 S   O4   sing N N 289 
THR N   CA   sing N N 290 
THR N   H    sing N N 291 
THR N   H2   sing N N 292 
THR CA  C    sing N N 293 
THR CA  CB   sing N N 294 
THR CA  HA   sing N N 295 
THR C   O    doub N N 296 
THR C   OXT  sing N N 297 
THR CB  OG1  sing N N 298 
THR CB  CG2  sing N N 299 
THR CB  HB   sing N N 300 
THR OG1 HG1  sing N N 301 
THR CG2 HG21 sing N N 302 
THR CG2 HG22 sing N N 303 
THR CG2 HG23 sing N N 304 
THR OXT HXT  sing N N 305 
TRP N   CA   sing N N 306 
TRP N   H    sing N N 307 
TRP N   H2   sing N N 308 
TRP CA  C    sing N N 309 
TRP CA  CB   sing N N 310 
TRP CA  HA   sing N N 311 
TRP C   O    doub N N 312 
TRP C   OXT  sing N N 313 
TRP CB  CG   sing N N 314 
TRP CB  HB2  sing N N 315 
TRP CB  HB3  sing N N 316 
TRP CG  CD1  doub Y N 317 
TRP CG  CD2  sing Y N 318 
TRP CD1 NE1  sing Y N 319 
TRP CD1 HD1  sing N N 320 
TRP CD2 CE2  doub Y N 321 
TRP CD2 CE3  sing Y N 322 
TRP NE1 CE2  sing Y N 323 
TRP NE1 HE1  sing N N 324 
TRP CE2 CZ2  sing Y N 325 
TRP CE3 CZ3  doub Y N 326 
TRP CE3 HE3  sing N N 327 
TRP CZ2 CH2  doub Y N 328 
TRP CZ2 HZ2  sing N N 329 
TRP CZ3 CH2  sing Y N 330 
TRP CZ3 HZ3  sing N N 331 
TRP CH2 HH2  sing N N 332 
TRP OXT HXT  sing N N 333 
TYR N   CA   sing N N 334 
TYR N   H    sing N N 335 
TYR N   H2   sing N N 336 
TYR CA  C    sing N N 337 
TYR CA  CB   sing N N 338 
TYR CA  HA   sing N N 339 
TYR C   O    doub N N 340 
TYR C   OXT  sing N N 341 
TYR CB  CG   sing N N 342 
TYR CB  HB2  sing N N 343 
TYR CB  HB3  sing N N 344 
TYR CG  CD1  doub Y N 345 
TYR CG  CD2  sing Y N 346 
TYR CD1 CE1  sing Y N 347 
TYR CD1 HD1  sing N N 348 
TYR CD2 CE2  doub Y N 349 
TYR CD2 HD2  sing N N 350 
TYR CE1 CZ   doub Y N 351 
TYR CE1 HE1  sing N N 352 
TYR CE2 CZ   sing Y N 353 
TYR CE2 HE2  sing N N 354 
TYR CZ  OH   sing N N 355 
TYR OH  HH   sing N N 356 
TYR OXT HXT  sing N N 357 
VAL N   CA   sing N N 358 
VAL N   H    sing N N 359 
VAL N   H2   sing N N 360 
VAL CA  C    sing N N 361 
VAL CA  CB   sing N N 362 
VAL CA  HA   sing N N 363 
VAL C   O    doub N N 364 
VAL C   OXT  sing N N 365 
VAL CB  CG1  sing N N 366 
VAL CB  CG2  sing N N 367 
VAL CB  HB   sing N N 368 
VAL CG1 HG11 sing N N 369 
VAL CG1 HG12 sing N N 370 
VAL CG1 HG13 sing N N 371 
VAL CG2 HG21 sing N N 372 
VAL CG2 HG22 sing N N 373 
VAL CG2 HG23 sing N N 374 
VAL OXT HXT  sing N N 375 
# 
_atom_sites.entry_id                    5ITJ 
_atom_sites.fract_transf_matrix[1][1]   -0.00266065 
_atom_sites.fract_transf_matrix[1][2]   0.01636683 
_atom_sites.fract_transf_matrix[1][3]   -0.01751221 
_atom_sites.fract_transf_matrix[2][1]   -0.00116823 
_atom_sites.fract_transf_matrix[2][2]   0.01493866 
_atom_sites.fract_transf_matrix[2][3]   0.01413910 
_atom_sites.fract_transf_matrix[3][1]   0.01772207 
_atom_sites.fract_transf_matrix[3][2]   0.00208765 
_atom_sites.fract_transf_matrix[3][3]   -0.00074143 
_atom_sites.fract_transf_vector[1]      0.285062 
_atom_sites.fract_transf_vector[2]      0.040411 
_atom_sites.fract_transf_vector[3]      0.028719 
# 
loop_
_atom_type.symbol 
C 
N 
O 
S 
# 
loop_
_atom_site.group_PDB 
_atom_site.id 
_atom_site.type_symbol 
_atom_site.label_atom_id 
_atom_site.label_alt_id 
_atom_site.label_comp_id 
_atom_site.label_asym_id 
_atom_site.label_entity_id 
_atom_site.label_seq_id 
_atom_site.pdbx_PDB_ins_code 
_atom_site.Cartn_x 
_atom_site.Cartn_y 
_atom_site.Cartn_z 
_atom_site.occupancy 
_atom_site.B_iso_or_equiv 
_atom_site.pdbx_formal_charge 
_atom_site.auth_seq_id 
_atom_site.auth_comp_id 
_atom_site.auth_asym_id 
_atom_site.auth_atom_id 
_atom_site.pdbx_PDB_model_num 
ATOM   1   N N   . ALA A 1 2  ? -14.446 9.232   -2.978  1.00 33.74 ? 2   ALA A N   1 
ATOM   2   C CA  . ALA A 1 2  ? -13.138 8.510   -2.965  1.00 29.55 ? 2   ALA A CA  1 
ATOM   3   C C   . ALA A 1 2  ? -13.147 7.272   -3.822  1.00 27.27 ? 2   ALA A C   1 
ATOM   4   O O   . ALA A 1 2  ? -14.134 6.585   -3.870  1.00 29.97 ? 2   ALA A O   1 
ATOM   5   C CB  . ALA A 1 2  ? -12.768 8.116   -1.547  1.00 29.85 ? 2   ALA A CB  1 
ATOM   6   N N   . VAL A 1 3  ? -11.981 6.933   -4.387  1.00 19.52 ? 3   VAL A N   1 
ATOM   7   C CA  . VAL A 1 3  ? -11.717 5.704   -5.117  1.00 15.90 ? 3   VAL A CA  1 
ATOM   8   C C   . VAL A 1 3  ? -10.948 4.817   -4.102  1.00 16.49 ? 3   VAL A C   1 
ATOM   9   O O   . VAL A 1 3  ? -9.774  5.099   -3.773  1.00 15.81 ? 3   VAL A O   1 
ATOM   10  C CB  . VAL A 1 3  ? -10.799 5.943   -6.323  1.00 18.23 ? 3   VAL A CB  1 
ATOM   11  C CG1 . VAL A 1 3  ? -10.445 4.623   -6.987  1.00 23.05 ? 3   VAL A CG1 1 
ATOM   12  C CG2 . VAL A 1 3  ? -11.498 6.773   -7.415  1.00 20.04 ? 3   VAL A CG2 1 
ATOM   13  N N   . GLU A 1 4  ? -11.658 3.919   -3.458  1.00 15.53 ? 4   GLU A N   1 
ATOM   14  C CA  . GLU A 1 4  ? -11.095 3.175   -2.388  1.00 16.94 ? 4   GLU A CA  1 
ATOM   15  C C   . GLU A 1 4  ? -11.824 1.870   -2.159  1.00 16.68 ? 4   GLU A C   1 
ATOM   16  O O   . GLU A 1 4  ? -12.936 1.644   -2.676  1.00 14.58 ? 4   GLU A O   1 
ATOM   17  C CB  . GLU A 1 4  ? -11.099 3.915   -1.144  1.00 19.63 ? 4   GLU A CB  1 
ATOM   18  C CG  . GLU A 1 4  ? -12.408 4.205   -0.547  1.00 20.45 ? 4   GLU A CG  1 
ATOM   19  C CD  . GLU A 1 4  ? -12.340 5.258   0.534   1.00 28.20 ? 4   GLU A CD  1 
ATOM   20  O OE1 . GLU A 1 4  ? -13.402 5.401   1.077   1.00 25.05 ? 4   GLU A OE1 1 
ATOM   21  O OE2 . GLU A 1 4  ? -11.278 5.905   0.852   1.00 30.77 ? 4   GLU A OE2 1 
ATOM   22  N N   . GLU A 1 5  ? -11.116 0.958   -1.492  1.00 14.21 ? 5   GLU A N   1 
ATOM   23  C CA  . GLU A 1 5  ? -11.645 -0.375  -1.254  1.00 13.75 ? 5   GLU A CA  1 
ATOM   24  C C   . GLU A 1 5  ? -11.038 -0.931  0.019   1.00 13.47 ? 5   GLU A C   1 
ATOM   25  O O   . GLU A 1 5  ? -9.903  -0.673  0.315   1.00 13.84 ? 5   GLU A O   1 
ATOM   26  C CB  . GLU A 1 5  ? -11.305 -1.297  -2.419  1.00 14.57 ? 5   GLU A CB  1 
ATOM   27  C CG  . GLU A 1 5  ? -11.958 -2.684  -2.366  1.00 14.20 ? 5   GLU A CG  1 
ATOM   28  C CD  . GLU A 1 5  ? -11.985 -3.452  -3.636  1.00 16.00 ? 5   GLU A CD  1 
ATOM   29  O OE1 . GLU A 1 5  ? -12.012 -2.843  -4.701  1.00 18.56 ? 5   GLU A OE1 1 
ATOM   30  O OE2 . GLU A 1 5  ? -12.101 -4.723  -3.541  1.00 18.69 ? 5   GLU A OE2 1 
ATOM   31  N N   . ILE A 1 6  ? -11.816 -1.665  0.805   1.00 11.19 ? 6   ILE A N   1 
ATOM   32  C CA  . ILE A 1 6  ? -11.357 -2.371  1.979   1.00 12.45 ? 6   ILE A CA  1 
ATOM   33  C C   . ILE A 1 6  ? -10.857 -3.740  1.556   1.00 14.36 ? 6   ILE A C   1 
ATOM   34  O O   . ILE A 1 6  ? -11.525 -4.471  0.870   1.00 13.71 ? 6   ILE A O   1 
ATOM   35  C CB  . ILE A 1 6  ? -12.499 -2.527  2.991   1.00 12.50 ? 6   ILE A CB  1 
ATOM   36  C CG1 . ILE A 1 6  ? -13.009 -1.136  3.446   1.00 14.36 ? 6   ILE A CG1 1 
ATOM   37  C CG2 . ILE A 1 6  ? -12.127 -3.350  4.202   1.00 11.69 ? 6   ILE A CG2 1 
ATOM   38  C CD1 . ILE A 1 6  ? -14.317 -1.194  4.285   1.00 16.63 ? 6   ILE A CD1 1 
ATOM   39  N N   . VAL A 1 7  ? -9.642  -4.047  1.969   1.00 11.74 ? 7   VAL A N   1 
ATOM   40  C CA  . VAL A 1 7  ? -8.973  -5.330  1.614   1.00 13.18 ? 7   VAL A CA  1 
ATOM   41  C C   . VAL A 1 7  ? -8.412  -5.997  2.855   1.00 13.72 ? 7   VAL A C   1 
ATOM   42  O O   . VAL A 1 7  ? -8.060  -5.361  3.887   1.00 13.15 ? 7   VAL A O   1 
ATOM   43  C CB  . VAL A 1 7  ? -8.009  -5.230  0.418   1.00 21.83 ? 7   VAL A CB  1 
ATOM   44  C CG1 . VAL A 1 7  ? -8.349  -4.148  -0.605  1.00 23.32 ? 7   VAL A CG1 1 
ATOM   45  C CG2 . VAL A 1 7  ? -6.651  -4.986  0.764   1.00 18.17 ? 7   VAL A CG2 1 
ATOM   46  N N   . LYS A 1 8  ? -8.422  -7.306  2.837   1.00 14.97 ? 8   LYS A N   1 
ATOM   47  C CA  . LYS A 1 8  ? -7.740  -8.091  3.889   1.00 15.47 ? 8   LYS A CA  1 
ATOM   48  C C   . LYS A 1 8  ? -6.265  -8.293  3.562   1.00 11.90 ? 8   LYS A C   1 
ATOM   49  O O   . LYS A 1 8  ? -5.881  -8.594  2.396   1.00 16.32 ? 8   LYS A O   1 
ATOM   50  C CB  . LYS A 1 8  ? -8.459  -9.425  3.919   1.00 21.38 ? 8   LYS A CB  1 
ATOM   51  C CG  . LYS A 1 8  ? -8.228  -10.222 5.150   1.00 28.19 ? 8   LYS A CG  1 
ATOM   52  C CD  . LYS A 1 8  ? -9.179  -11.435 5.114   1.00 35.56 ? 8   LYS A CD  1 
ATOM   53  C CE  . LYS A 1 8  ? -9.152  -12.250 6.400   1.00 44.90 ? 8   LYS A CE  1 
ATOM   54  N NZ  . LYS A 1 8  ? -9.795  -11.516 7.546   1.00 40.60 ? 8   LYS A NZ  1 
ATOM   55  N N   . VAL A 1 9  ? -5.424  -8.057  4.587   1.00 11.15 ? 9   VAL A N   1 
ATOM   56  C CA  . VAL A 1 9  ? -3.978  -8.306  4.465   1.00 11.05 ? 9   VAL A CA  1 
ATOM   57  C C   . VAL A 1 9  ? -3.727  -9.787  4.275   1.00 13.57 ? 9   VAL A C   1 
ATOM   58  O O   . VAL A 1 9  ? -4.311  -10.615 4.971   1.00 13.86 ? 9   VAL A O   1 
ATOM   59  C CB  . VAL A 1 9  ? -3.193  -7.783  5.691   1.00 11.38 ? 9   VAL A CB  1 
ATOM   60  C CG1 . VAL A 1 9  ? -1.696  -8.131  5.653   1.00 13.31 ? 9   VAL A CG1 1 
ATOM   61  C CG2 . VAL A 1 9  ? -3.438  -6.247  5.893   1.00 11.34 ? 9   VAL A CG2 1 
ATOM   62  N N   . SER A 1 10 ? -2.933  -10.059 3.252   1.00 12.92 ? 10  SER A N   1 
ATOM   63  C CA  . SER A 1 10 ? -2.616  -11.409 2.812   1.00 16.50 ? 10  SER A CA  1 
ATOM   64  C C   . SER A 1 10 ? -1.518  -11.997 3.601   1.00 15.44 ? 10  SER A C   1 
ATOM   65  O O   . SER A 1 10 ? -0.717  -11.358 4.353   1.00 16.73 ? 10  SER A O   1 
ATOM   66  C CB  . SER A 1 10 ? -2.272  -11.314 1.306   1.00 18.58 ? 10  SER A CB  1 
ATOM   67  O OG  . SER A 1 10 ? -3.466  -11.008 0.590   1.00 18.94 ? 10  SER A OG  1 
ATOM   68  N N   . ARG A 1 11 ? -1.395  -13.342 3.483   1.00 15.96 ? 11  ARG A N   1 
ATOM   69  C CA  . ARG A 1 11 ? -0.306  -13.974 4.090   1.00 14.84 ? 11  ARG A CA  1 
ATOM   70  C C   . ARG A 1 11 ? 1.068   -13.307 3.620   1.00 15.27 ? 11  ARG A C   1 
ATOM   71  O O   . ARG A 1 11 ? 1.208   -12.803 2.507   1.00 15.67 ? 11  ARG A O   1 
ATOM   72  C CB  . ARG A 1 11 ? -0.356  -15.528 3.702   1.00 15.82 ? 11  ARG A CB  1 
ATOM   73  C CG  . ARG A 1 11 ? 0.622   -16.396 4.403   1.00 16.62 ? 11  ARG A CG  1 
ATOM   74  C CD  . ARG A 1 11 ? 0.307   -17.861 3.998   1.00 17.70 ? 11  ARG A CD  1 
ATOM   75  N NE  . ARG A 1 11 ? 1.198   -18.741 4.693   1.00 19.32 ? 11  ARG A NE  1 
ATOM   76  C CZ  . ARG A 1 11 ? 0.983   -20.071 4.769   1.00 16.19 ? 11  ARG A CZ  1 
ATOM   77  N NH1 . ARG A 1 11 ? -0.054  -20.572 4.172   1.00 16.90 ? 11  ARG A NH1 1 
ATOM   78  N NH2 . ARG A 1 11 ? 1.825   -20.793 5.362   1.00 18.69 ? 11  ARG A NH2 1 
ATOM   79  N N   . ASN A 1 12 ? 2.018   -13.281 4.501   1.00 14.55 ? 12  ASN A N   1 
ATOM   80  C CA  . ASN A 1 12 ? 3.337   -12.691 4.225   1.00 13.30 ? 12  ASN A CA  1 
ATOM   81  C C   . ASN A 1 12 ? 3.285   -11.168 4.044   1.00 11.68 ? 12  ASN A C   1 
ATOM   82  O O   . ASN A 1 12 ? 4.097   -10.596 3.373   1.00 14.03 ? 12  ASN A O   1 
ATOM   83  C CB  . ASN A 1 12 ? 4.076   -13.348 3.083   1.00 16.39 ? 12  ASN A CB  1 
ATOM   84  C CG  . ASN A 1 12 ? 4.225   -14.841 3.291   1.00 20.38 ? 12  ASN A CG  1 
ATOM   85  O OD1 . ASN A 1 12 ? 4.564   -15.279 4.383   1.00 25.39 ? 12  ASN A OD1 1 
ATOM   86  N ND2 . ASN A 1 12 ? 3.736   -15.616 2.309   1.00 24.01 ? 12  ASN A ND2 1 
ATOM   87  N N   . TYR A 1 13 ? 2.293   -10.564 4.689   1.00 11.31 ? 13  TYR A N   1 
ATOM   88  C CA  . TYR A 1 13 ? 2.300   -9.064  4.837   1.00 10.76 ? 13  TYR A CA  1 
ATOM   89  C C   . TYR A 1 13 ? 2.081   -8.357  3.517   1.00 14.04 ? 13  TYR A C   1 
ATOM   90  O O   . TYR A 1 13 ? 2.587   -7.199  3.316   1.00 14.38 ? 13  TYR A O   1 
ATOM   91  C CB  . TYR A 1 13 ? 3.456   -8.528  5.613   1.00 12.32 ? 13  TYR A CB  1 
ATOM   92  C CG  . TYR A 1 13 ? 3.661   -9.191  6.968   1.00 14.07 ? 13  TYR A CG  1 
ATOM   93  C CD1 . TYR A 1 13 ? 2.903   -8.848  8.047   1.00 17.79 ? 13  TYR A CD1 1 
ATOM   94  C CD2 . TYR A 1 13 ? 4.592   -10.159 7.064   1.00 15.02 ? 13  TYR A CD2 1 
ATOM   95  C CE1 . TYR A 1 13 ? 3.148   -9.447  9.287   1.00 17.72 ? 13  TYR A CE1 1 
ATOM   96  C CE2 . TYR A 1 13 ? 4.834   -10.771 8.266   1.00 18.65 ? 13  TYR A CE2 1 
ATOM   97  C CZ  . TYR A 1 13 ? 4.104   -10.417 9.338   1.00 21.30 ? 13  TYR A CZ  1 
ATOM   98  O OH  . TYR A 1 13 ? 4.424   -11.082 10.552  1.00 28.68 ? 13  TYR A OH  1 
ATOM   99  N N   . GLN A 1 14 ? 1.335   -8.987  2.633   1.00 13.66 ? 14  GLN A N   1 
ATOM   100 C CA  . GLN A 1 14 ? 1.061   -8.376  1.320   1.00 13.90 ? 14  GLN A CA  1 
ATOM   101 C C   . GLN A 1 14 ? -0.297  -7.712  1.300   1.00 13.35 ? 14  GLN A C   1 
ATOM   102 O O   . GLN A 1 14 ? -1.273  -8.238  1.814   1.00 13.66 ? 14  GLN A O   1 
ATOM   103 C CB  . GLN A 1 14 ? 1.205   -9.440  0.254   1.00 17.17 ? 14  GLN A CB  1 
ATOM   104 C CG  . GLN A 1 14 ? 2.560   -10.028 0.094   1.00 19.14 ? 14  GLN A CG  1 
ATOM   105 C CD  . GLN A 1 14 ? 2.453   -11.137 -0.909  1.00 27.81 ? 14  GLN A CD  1 
ATOM   106 O OE1 . GLN A 1 14 ? 1.880   -12.200 -0.645  1.00 33.71 ? 14  GLN A OE1 1 
ATOM   107 N NE2 . GLN A 1 14 ? 2.892   -10.855 -2.071  1.00 26.83 ? 14  GLN A NE2 1 
ATOM   108 N N   . VAL A 1 15 ? -0.420  -6.590  0.607   1.00 10.32 ? 15  VAL A N   1 
ATOM   109 C CA  . VAL A 1 15 ? -1.691  -5.914  0.464   1.00 10.65 ? 15  VAL A CA  1 
ATOM   110 C C   . VAL A 1 15 ? -1.945  -5.780  -1.074  1.00 10.82 ? 15  VAL A C   1 
ATOM   111 O O   . VAL A 1 15 ? -1.095  -5.229  -1.844  1.00 11.21 ? 15  VAL A O   1 
ATOM   112 C CB  . VAL A 1 15 ? -1.612  -4.526  1.022   1.00 12.49 ? 15  VAL A CB  1 
ATOM   113 C CG1 . VAL A 1 15 ? -2.902  -3.782  0.879   1.00 11.95 ? 15  VAL A CG1 1 
ATOM   114 C CG2 . VAL A 1 15 ? -1.286  -4.576  2.545   1.00 12.50 ? 15  VAL A CG2 1 
ATOM   115 N N   . THR A 1 16 ? -3.118  -6.281  -1.496  1.00 10.62 ? 16  THR A N   1 
ATOM   116 C CA  . THR A 1 16 ? -3.539  -6.128  -2.889  1.00 12.51 ? 16  THR A CA  1 
ATOM   117 C C   . THR A 1 16 ? -3.884  -4.681  -3.164  1.00 12.31 ? 16  THR A C   1 
ATOM   118 O O   . THR A 1 16 ? -4.591  -4.079  -2.378  1.00 13.02 ? 16  THR A O   1 
ATOM   119 C CB  . THR A 1 16 ? -4.749  -6.999  -3.170  1.00 15.46 ? 16  THR A CB  1 
ATOM   120 O OG1 . THR A 1 16 ? -4.405  -8.389  -3.018  1.00 16.05 ? 16  THR A OG1 1 
ATOM   121 C CG2 . THR A 1 16 ? -5.389  -6.700  -4.509  1.00 17.76 ? 16  THR A CG2 1 
ATOM   122 N N   . ILE A 1 17 ? -3.421  -4.160  -4.295  1.00 11.12 ? 17  ILE A N   1 
ATOM   123 C CA  . ILE A 1 17 ? -3.922  -2.884  -4.800  1.00 11.71 ? 17  ILE A CA  1 
ATOM   124 C C   . ILE A 1 17 ? -5.096  -3.197  -5.766  1.00 12.45 ? 17  ILE A C   1 
ATOM   125 O O   . ILE A 1 17 ? -4.856  -3.742  -6.846  1.00 13.75 ? 17  ILE A O   1 
ATOM   126 C CB  . ILE A 1 17 ? -2.816  -2.070  -5.513  1.00 12.58 ? 17  ILE A CB  1 
ATOM   127 C CG1 . ILE A 1 17 ? -1.549  -2.012  -4.609  1.00 14.76 ? 17  ILE A CG1 1 
ATOM   128 C CG2 . ILE A 1 17 ? -3.312  -0.699  -5.856  1.00 14.81 ? 17  ILE A CG2 1 
ATOM   129 C CD1 . ILE A 1 17 ? -1.809  -1.535  -3.231  1.00 16.51 ? 17  ILE A CD1 1 
ATOM   130 N N   . PRO A 1 18 ? -6.343  -2.941  -5.345  1.00 12.17 ? 18  PRO A N   1 
ATOM   131 C CA  . PRO A 1 18 ? -7.444  -3.448  -6.134  1.00 14.08 ? 18  PRO A CA  1 
ATOM   132 C C   . PRO A 1 18 ? -7.586  -2.807  -7.489  1.00 11.64 ? 18  PRO A C   1 
ATOM   133 O O   . PRO A 1 18 ? -7.141  -1.680  -7.700  1.00 13.29 ? 18  PRO A O   1 
ATOM   134 C CB  . PRO A 1 18 ? -8.677  -3.187  -5.263  1.00 16.85 ? 18  PRO A CB  1 
ATOM   135 C CG  . PRO A 1 18 ? -8.185  -2.724  -3.995  1.00 17.83 ? 18  PRO A CG  1 
ATOM   136 C CD  . PRO A 1 18 ? -6.732  -2.399  -4.046  1.00 14.88 ? 18  PRO A CD  1 
ATOM   137 N N   . ALA A 1 19 ? -8.338  -3.496  -8.359  1.00 12.36 ? 19  ALA A N   1 
ATOM   138 C CA  . ALA A 1 19 ? -8.506  -3.017  -9.715  1.00 13.85 ? 19  ALA A CA  1 
ATOM   139 C C   . ALA A 1 19 ? -9.037  -1.590  -9.758  1.00 14.55 ? 19  ALA A C   1 
ATOM   140 O O   . ALA A 1 19 ? -8.585  -0.816  -10.616 1.00 14.43 ? 19  ALA A O   1 
ATOM   141 C CB  . ALA A 1 19 ? -9.414  -3.943  -10.475 1.00 14.92 ? 19  ALA A CB  1 
ATOM   142 N N   . LYS A 1 20 ? -9.982  -1.247  -8.867  1.00 14.33 ? 20  LYS A N   1 
ATOM   143 C CA  . LYS A 1 20 ? -10.600 0.069   -8.809  1.00 16.55 ? 20  LYS A CA  1 
ATOM   144 C C   . LYS A 1 20 ? -9.516  1.135   -8.657  1.00 15.02 ? 20  LYS A C   1 
ATOM   145 O O   . LYS A 1 20 ? -9.525  2.230   -9.316  1.00 14.51 ? 20  LYS A O   1 
ATOM   146 C CB  . LYS A 1 20 ? -11.650 0.044   -7.634  1.00 17.79 ? 20  LYS A CB  1 
ATOM   147 C CG  . LYS A 1 20 ? -12.463 1.251   -7.393  1.00 25.93 ? 20  LYS A CG  1 
ATOM   148 C CD  . LYS A 1 20 ? -12.891 1.272   -5.926  1.00 22.86 ? 20  LYS A CD  1 
ATOM   149 C CE  . LYS A 1 20 ? -13.743 0.083   -5.545  1.00 20.42 ? 20  LYS A CE  1 
ATOM   150 N NZ  . LYS A 1 20 ? -14.664 0.507   -4.441  1.00 17.08 ? 20  LYS A NZ  1 
ATOM   151 N N   . VAL A 1 21 ? -8.554  0.825   -7.784  1.00 12.48 ? 21  VAL A N   1 
ATOM   152 C CA  . VAL A 1 21 ? -7.430  1.738   -7.517  1.00 12.27 ? 21  VAL A CA  1 
ATOM   153 C C   . VAL A 1 21 ? -6.408  1.767   -8.632  1.00 11.49 ? 21  VAL A C   1 
ATOM   154 O O   . VAL A 1 21 ? -5.915  2.825   -8.997  1.00 15.00 ? 21  VAL A O   1 
ATOM   155 C CB  . VAL A 1 21 ? -6.821  1.425   -6.132  1.00 11.97 ? 21  VAL A CB  1 
ATOM   156 C CG1 . VAL A 1 21 ? -5.613  2.290   -5.837  1.00 13.57 ? 21  VAL A CG1 1 
ATOM   157 C CG2 . VAL A 1 21 ? -7.899  1.604   -5.035  1.00 13.72 ? 21  VAL A CG2 1 
ATOM   158 N N   . ARG A 1 22 ? -6.160  0.610   -9.229  1.00 11.60 ? 22  ARG A N   1 
ATOM   159 C CA  . ARG A 1 22 ? -5.227  0.480   -10.370 1.00 13.03 ? 22  ARG A CA  1 
ATOM   160 C C   . ARG A 1 22 ? -5.677  1.223   -11.606 1.00 16.06 ? 22  ARG A C   1 
ATOM   161 O O   . ARG A 1 22 ? -4.792  1.612   -12.400 1.00 17.57 ? 22  ARG A O   1 
ATOM   162 C CB  . ARG A 1 22 ? -4.887  -0.947  -10.723 1.00 14.51 ? 22  ARG A CB  1 
ATOM   163 C CG  . ARG A 1 22 ? -4.252  -1.740  -9.558  1.00 17.05 ? 22  ARG A CG  1 
ATOM   164 C CD  . ARG A 1 22 ? -3.848  -3.163  -9.939  1.00 18.60 ? 22  ARG A CD  1 
ATOM   165 N NE  . ARG A 1 22 ? -4.766  -4.008  -10.814 1.00 21.46 ? 22  ARG A NE  1 
ATOM   166 C CZ  . ARG A 1 22 ? -5.509  -5.017  -10.379 1.00 21.94 ? 22  ARG A CZ  1 
ATOM   167 N NH1 . ARG A 1 22 ? -5.566  -5.347  -9.095  1.00 26.99 ? 22  ARG A NH1 1 
ATOM   168 N NH2 . ARG A 1 22 ? -6.192  -5.725  -11.232 1.00 24.96 ? 22  ARG A NH2 1 
ATOM   169 N N   . GLN A 1 23 ? -6.969  1.503   -11.702 1.00 16.42 ? 23  GLN A N   1 
ATOM   170 C CA  . GLN A 1 23 ? -7.426  2.362   -12.814 1.00 17.79 ? 23  GLN A CA  1 
ATOM   171 C C   . GLN A 1 23 ? -6.817  3.729   -12.743 1.00 20.10 ? 23  GLN A C   1 
ATOM   172 O O   . GLN A 1 23 ? -6.681  4.386   -13.758 1.00 22.43 ? 23  GLN A O   1 
ATOM   173 C CB  . GLN A 1 23 ? -8.926  2.527   -12.794 1.00 20.52 ? 23  GLN A CB  1 
ATOM   174 C CG  . GLN A 1 23 ? -9.674  1.274   -13.070 1.00 28.25 ? 23  GLN A CG  1 
ATOM   175 C CD  . GLN A 1 23 ? -11.149 1.572   -13.331 1.00 41.17 ? 23  GLN A CD  1 
ATOM   176 O OE1 . GLN A 1 23 ? -11.549 2.718   -13.547 1.00 44.39 ? 23  GLN A OE1 1 
ATOM   177 N NE2 . GLN A 1 23 ? -11.970 0.521   -13.313 1.00 54.85 ? 23  GLN A NE2 1 
ATOM   178 N N   . LYS A 1 24 ? -6.496  4.199   -11.546 1.00 16.35 ? 24  LYS A N   1 
ATOM   179 C CA  . LYS A 1 24 ? -5.892  5.502   -11.327 1.00 17.61 ? 24  LYS A CA  1 
ATOM   180 C C   . LYS A 1 24 ? -4.400  5.431   -11.113 1.00 19.48 ? 24  LYS A C   1 
ATOM   181 O O   . LYS A 1 24 ? -3.725  6.431   -11.295 1.00 21.32 ? 24  LYS A O   1 
ATOM   182 C CB  . LYS A 1 24 ? -6.498  6.188   -10.118 1.00 17.70 ? 24  LYS A CB  1 
ATOM   183 C CG  . LYS A 1 24 ? -8.037  6.224   -10.056 1.00 21.32 ? 24  LYS A CG  1 
ATOM   184 C CD  . LYS A 1 24 ? -8.711  6.687   -11.298 1.00 30.00 ? 24  LYS A CD  1 
ATOM   185 C CE  . LYS A 1 24 ? -8.472  8.137   -11.514 1.00 31.88 ? 24  LYS A CE  1 
ATOM   186 N NZ  . LYS A 1 24 ? -9.524  8.751   -12.448 1.00 33.74 ? 24  LYS A NZ  1 
ATOM   187 N N   . PHE A 1 25 ? -3.895  4.316   -10.584 1.00 19.81 ? 25  PHE A N   1 
ATOM   188 C CA  . PHE A 1 25 ? -2.532  4.199   -10.121 1.00 17.87 ? 25  PHE A CA  1 
ATOM   189 C C   . PHE A 1 25 ? -1.960  3.006   -10.918 1.00 20.21 ? 25  PHE A C   1 
ATOM   190 O O   . PHE A 1 25 ? -2.105  1.862   -10.533 1.00 18.30 ? 25  PHE A O   1 
ATOM   191 C CB  . PHE A 1 25 ? -2.492  3.884   -8.613  1.00 17.02 ? 25  PHE A CB  1 
ATOM   192 C CG  . PHE A 1 25 ? -1.111  3.871   -7.991  1.00 15.79 ? 25  PHE A CG  1 
ATOM   193 C CD1 . PHE A 1 25 ? -0.455  5.052   -7.645  1.00 16.20 ? 25  PHE A CD1 1 
ATOM   194 C CD2 . PHE A 1 25 ? -0.534  2.636   -7.609  1.00 15.79 ? 25  PHE A CD2 1 
ATOM   195 C CE1 . PHE A 1 25 ? 0.730   5.017   -6.957  1.00 16.04 ? 25  PHE A CE1 1 
ATOM   196 C CE2 . PHE A 1 25 ? 0.648   2.645   -6.892  1.00 20.65 ? 25  PHE A CE2 1 
ATOM   197 C CZ  . PHE A 1 25 ? 1.279   3.808   -6.600  1.00 16.05 ? 25  PHE A CZ  1 
ATOM   198 N N   . GLN A 1 26 ? -1.345  3.347   -12.057 1.00 27.19 ? 26  GLN A N   1 
ATOM   199 C CA  . GLN A 1 26 ? -0.902  2.375   -13.066 1.00 30.71 ? 26  GLN A CA  1 
ATOM   200 C C   . GLN A 1 26 ? 0.284   1.600   -12.533 1.00 27.24 ? 26  GLN A C   1 
ATOM   201 O O   . GLN A 1 26 ? 1.394   2.148   -12.315 1.00 34.96 ? 26  GLN A O   1 
ATOM   202 C CB  . GLN A 1 26 ? -0.509  3.044   -14.406 1.00 36.78 ? 26  GLN A CB  1 
ATOM   203 C CG  . GLN A 1 26 ? -1.423  4.136   -14.974 1.00 44.05 ? 26  GLN A CG  1 
ATOM   204 C CD  . GLN A 1 26 ? -2.795  3.637   -15.361 1.00 48.22 ? 26  GLN A CD  1 
ATOM   205 O OE1 . GLN A 1 26 ? -3.172  3.657   -16.536 1.00 53.77 ? 26  GLN A OE1 1 
ATOM   206 N NE2 . GLN A 1 26 ? -3.546  3.202   -14.386 1.00 41.09 ? 26  GLN A NE2 1 
ATOM   207 N N   . ILE A 1 27 ? 0.018   0.368   -12.138 1.00 23.71 ? 27  ILE A N   1 
ATOM   208 C CA  . ILE A 1 27 ? 1.107   -0.459  -11.696 1.00 20.99 ? 27  ILE A CA  1 
ATOM   209 C C   . ILE A 1 27 ? 1.047   -1.761  -12.445 1.00 20.92 ? 27  ILE A C   1 
ATOM   210 O O   . ILE A 1 27 ? -0.063  -2.299  -12.722 1.00 23.24 ? 27  ILE A O   1 
ATOM   211 C CB  . ILE A 1 27 ? 1.170   -0.767  -10.215 1.00 23.32 ? 27  ILE A CB  1 
ATOM   212 C CG1 . ILE A 1 27 ? -0.164  -1.274  -9.691  1.00 27.10 ? 27  ILE A CG1 1 
ATOM   213 C CG2 . ILE A 1 27 ? 1.698   0.391   -9.405  1.00 26.22 ? 27  ILE A CG2 1 
ATOM   214 C CD1 . ILE A 1 27 ? -0.015  -1.812  -8.281  1.00 26.18 ? 27  ILE A CD1 1 
ATOM   215 N N   . LYS A 1 28 ? 2.214   -2.302  -12.719 1.00 19.95 ? 28  LYS A N   1 
ATOM   216 C CA  . LYS A 1 28 ? 2.361   -3.623  -13.363 1.00 21.24 ? 28  LYS A CA  1 
ATOM   217 C C   . LYS A 1 28 ? 3.259   -4.525  -12.568 1.00 16.81 ? 28  LYS A C   1 
ATOM   218 O O   . LYS A 1 28 ? 4.079   -4.076  -11.728 1.00 16.59 ? 28  LYS A O   1 
ATOM   219 C CB  . LYS A 1 28 ? 2.937   -3.453  -14.800 1.00 25.27 ? 28  LYS A CB  1 
ATOM   220 C CG  . LYS A 1 28 ? 2.158   -2.426  -15.622 1.00 35.13 ? 28  LYS A CG  1 
ATOM   221 C CD  . LYS A 1 28 ? 2.278   -2.645  -17.128 1.00 45.83 ? 28  LYS A CD  1 
ATOM   222 C CE  . LYS A 1 28 ? 1.424   -1.642  -17.917 1.00 51.27 ? 28  LYS A CE  1 
ATOM   223 N NZ  . LYS A 1 28 ? 1.041   -2.124  -19.284 1.00 53.43 ? 28  LYS A NZ  1 
ATOM   224 N N   . GLU A 1 29 ? 3.110   -5.815  -12.808 1.00 17.00 ? 29  GLU A N   1 
ATOM   225 C CA  . GLU A 1 29 ? 3.994   -6.817  -12.270 1.00 16.10 ? 29  GLU A CA  1 
ATOM   226 C C   . GLU A 1 29 ? 5.409   -6.384  -12.431 1.00 16.21 ? 29  GLU A C   1 
ATOM   227 O O   . GLU A 1 29 ? 5.818   -6.025  -13.542 1.00 19.05 ? 29  GLU A O   1 
ATOM   228 C CB  . GLU A 1 29 ? 3.823   -8.163  -12.975 1.00 17.89 ? 29  GLU A CB  1 
ATOM   229 C CG  . GLU A 1 29 ? 4.744   -9.234  -12.439 1.00 21.11 ? 29  GLU A CG  1 
ATOM   230 C CD  . GLU A 1 29 ? 4.668   -10.554 -13.222 1.00 22.87 ? 29  GLU A CD  1 
ATOM   231 O OE1 . GLU A 1 29 ? 4.077   -10.526 -14.335 1.00 24.34 ? 29  GLU A OE1 1 
ATOM   232 O OE2 . GLU A 1 29 ? 5.173   -11.559 -12.622 1.00 24.94 ? 29  GLU A OE2 1 
ATOM   233 N N   . GLY A 1 30 ? 6.167   -6.404  -11.317 1.00 15.88 ? 30  GLY A N   1 
ATOM   234 C CA  . GLY A 1 30 ? 7.549   -6.078  -11.326 1.00 17.65 ? 30  GLY A CA  1 
ATOM   235 C C   . GLY A 1 30 ? 7.928   -4.622  -11.206 1.00 16.57 ? 30  GLY A C   1 
ATOM   236 O O   . GLY A 1 30 ? 9.131   -4.320  -11.089 1.00 19.21 ? 30  GLY A O   1 
ATOM   237 N N   . ASP A 1 31 ? 6.959   -3.711  -11.189 1.00 14.44 ? 31  ASP A N   1 
ATOM   238 C CA  . ASP A 1 31 ? 7.223   -2.336  -10.983 1.00 16.66 ? 31  ASP A CA  1 
ATOM   239 C C   . ASP A 1 31 ? 7.846   -2.163  -9.588  1.00 15.89 ? 31  ASP A C   1 
ATOM   240 O O   . ASP A 1 31 ? 7.519   -2.870  -8.647  1.00 15.93 ? 31  ASP A O   1 
ATOM   241 C CB  . ASP A 1 31 ? 5.992   -1.472  -11.086 1.00 16.78 ? 31  ASP A CB  1 
ATOM   242 C CG  . ASP A 1 31 ? 5.600   -1.117  -12.515 1.00 22.61 ? 31  ASP A CG  1 
ATOM   243 O OD1 . ASP A 1 31 ? 6.378   -1.477  -13.467 1.00 26.70 ? 31  ASP A OD1 1 
ATOM   244 O OD2 . ASP A 1 31 ? 4.485   -0.551  -12.663 1.00 21.73 ? 31  ASP A OD2 1 
ATOM   245 N N   . LEU A 1 32 ? 8.707   -1.176  -9.442  1.00 17.32 ? 32  LEU A N   1 
ATOM   246 C CA  . LEU A 1 32 ? 9.229   -0.795  -8.150  1.00 15.86 ? 32  LEU A CA  1 
ATOM   247 C C   . LEU A 1 32 ? 8.446   0.393   -7.624  1.00 14.52 ? 32  LEU A C   1 
ATOM   248 O O   . LEU A 1 32 ? 8.097   1.344   -8.279  1.00 16.73 ? 32  LEU A O   1 
ATOM   249 C CB  . LEU A 1 32 ? 10.695  -0.424  -8.201  1.00 19.87 ? 32  LEU A CB  1 
ATOM   250 C CG  . LEU A 1 32 ? 11.652  -1.537  -8.578  1.00 23.27 ? 32  LEU A CG  1 
ATOM   251 C CD1 . LEU A 1 32 ? 13.126  -1.171  -8.720  1.00 30.89 ? 32  LEU A CD1 1 
ATOM   252 C CD2 . LEU A 1 32 ? 11.541  -2.793  -7.710  1.00 24.87 ? 32  LEU A CD2 1 
ATOM   253 N N   . VAL A 1 33 ? 8.063   0.329   -6.329  1.00 12.78 ? 33  VAL A N   1 
ATOM   254 C CA  . VAL A 1 33 ? 7.247   1.368   -5.678  1.00 11.09 ? 33  VAL A CA  1 
ATOM   255 C C   . VAL A 1 33 ? 7.946   1.657   -4.346  1.00 11.47 ? 33  VAL A C   1 
ATOM   256 O O   . VAL A 1 33 ? 8.633   0.793   -3.764  1.00 11.17 ? 33  VAL A O   1 
ATOM   257 C CB  . VAL A 1 33 ? 5.739   0.968   -5.411  1.00 10.84 ? 33  VAL A CB  1 
ATOM   258 C CG1 . VAL A 1 33 ? 5.034   0.863   -6.716  1.00 13.10 ? 33  VAL A CG1 1 
ATOM   259 C CG2 . VAL A 1 33 ? 5.628   -0.274  -4.540  1.00 11.41 ? 33  VAL A CG2 1 
ATOM   260 N N   . LYS A 1 34 ? 7.755   2.871   -3.826  1.00 10.53 ? 34  LYS A N   1 
ATOM   261 C CA  . LYS A 1 34 ? 8.238   3.274   -2.544  1.00 12.18 ? 34  LYS A CA  1 
ATOM   262 C C   . LYS A 1 34 ? 7.102   3.117   -1.558  1.00 12.64 ? 34  LYS A C   1 
ATOM   263 O O   . LYS A 1 34 ? 6.012   3.679   -1.784  1.00 14.08 ? 34  LYS A O   1 
ATOM   264 C CB  . LYS A 1 34 ? 8.812   4.694   -2.525  1.00 16.00 ? 34  LYS A CB  1 
ATOM   265 C CG  . LYS A 1 34 ? 9.543   5.146   -1.305  1.00 20.95 ? 34  LYS A CG  1 
ATOM   266 C CD  . LYS A 1 34 ? 10.065  6.639   -1.443  1.00 25.53 ? 34  LYS A CD  1 
ATOM   267 C CE  . LYS A 1 34 ? 10.493  6.990   -2.877  1.00 32.56 ? 34  LYS A CE  1 
ATOM   268 N NZ  . LYS A 1 34 ? 11.449  8.148   -2.873  1.00 42.70 ? 34  LYS A NZ  1 
ATOM   269 N N   . VAL A 1 35 ? 7.347   2.472   -0.445  1.00 9.96  ? 35  VAL A N   1 
ATOM   270 C CA  . VAL A 1 35 ? 6.396   2.292   0.624   1.00 10.59 ? 35  VAL A CA  1 
ATOM   271 C C   . VAL A 1 35 ? 6.865   3.106   1.827   1.00 10.22 ? 35  VAL A C   1 
ATOM   272 O O   . VAL A 1 35 ? 7.938   2.845   2.355   1.00 10.96 ? 35  VAL A O   1 
ATOM   273 C CB  . VAL A 1 35 ? 6.268   0.827   1.000   1.00 10.56 ? 35  VAL A CB  1 
ATOM   274 C CG1 . VAL A 1 35 ? 5.253   0.611   2.128   1.00 10.82 ? 35  VAL A CG1 1 
ATOM   275 C CG2 . VAL A 1 35 ? 5.938   -0.025  -0.175  1.00 11.35 ? 35  VAL A CG2 1 
ATOM   276 N N   . THR A 1 36 ? 6.078   4.111   2.207   1.00 9.47  ? 36  THR A N   1 
ATOM   277 C CA  . THR A 1 36 ? 6.491   5.116   3.196   1.00 13.05 ? 36  THR A CA  1 
ATOM   278 C C   . THR A 1 36 ? 5.489   5.173   4.324   1.00 12.64 ? 36  THR A C   1 
ATOM   279 O O   . THR A 1 36 ? 4.313   5.166   4.097   1.00 13.88 ? 36  THR A O   1 
ATOM   280 C CB  . THR A 1 36 ? 6.663   6.498   2.590   1.00 15.99 ? 36  THR A CB  1 
ATOM   281 O OG1 . THR A 1 36 ? 7.551   6.471   1.441   1.00 16.72 ? 36  THR A OG1 1 
ATOM   282 C CG2 . THR A 1 36 ? 7.182   7.423   3.593   1.00 17.64 ? 36  THR A CG2 1 
ATOM   283 N N   . PHE A 1 37 ? 5.940   5.309   5.544   1.00 11.66 ? 37  PHE A N   1 
ATOM   284 C CA  . PHE A 1 37 ? 5.037   5.656   6.611   1.00 12.56 ? 37  PHE A CA  1 
ATOM   285 C C   . PHE A 1 37 ? 4.971   7.143   6.772   1.00 14.60 ? 37  PHE A C   1 
ATOM   286 O O   . PHE A 1 37 ? 6.006   7.776   6.957   1.00 16.08 ? 37  PHE A O   1 
ATOM   287 C CB  . PHE A 1 37 ? 5.472   5.076   7.923   1.00 12.87 ? 37  PHE A CB  1 
ATOM   288 C CG  . PHE A 1 37 ? 4.498   5.329   9.039   1.00 15.77 ? 37  PHE A CG  1 
ATOM   289 C CD1 . PHE A 1 37 ? 3.237   4.736   9.037   1.00 14.01 ? 37  PHE A CD1 1 
ATOM   290 C CD2 . PHE A 1 37 ? 4.787   6.210   10.077  1.00 16.20 ? 37  PHE A CD2 1 
ATOM   291 C CE1 . PHE A 1 37 ? 2.290   4.957   10.044  1.00 17.82 ? 37  PHE A CE1 1 
ATOM   292 C CE2 . PHE A 1 37 ? 3.836   6.378   11.083  1.00 16.48 ? 37  PHE A CE2 1 
ATOM   293 C CZ  . PHE A 1 37 ? 2.632   5.778   11.045  1.00 17.12 ? 37  PHE A CZ  1 
ATOM   294 N N   . ASP A 1 38 ? 3.763   7.721   6.703   1.00 14.51 ? 38  ASP A N   1 
ATOM   295 C CA  . ASP A 1 38 ? 3.526   9.211   6.832   1.00 15.70 ? 38  ASP A CA  1 
ATOM   296 C C   . ASP A 1 38 ? 3.100   9.494   8.243   1.00 19.25 ? 38  ASP A C   1 
ATOM   297 O O   . ASP A 1 38 ? 2.009   9.128   8.672   1.00 16.77 ? 38  ASP A O   1 
ATOM   298 C CB  . ASP A 1 38 ? 2.464   9.699   5.897   1.00 17.66 ? 38  ASP A CB  1 
ATOM   299 C CG  . ASP A 1 38 ? 2.264   11.206  5.988   1.00 22.61 ? 38  ASP A CG  1 
ATOM   300 O OD1 . ASP A 1 38 ? 1.611   11.671  6.862   1.00 31.07 ? 38  ASP A OD1 1 
ATOM   301 O OD2 . ASP A 1 38 ? 2.821   11.901  5.100   1.00 28.84 ? 38  ASP A OD2 1 
ATOM   302 N N   . GLU A 1 39 ? 4.018   10.075  8.983   1.00 20.62 ? 39  GLU A N   1 
ATOM   303 C CA  . GLU A 1 39 ? 3.783   10.265  10.431  1.00 25.74 ? 39  GLU A CA  1 
ATOM   304 C C   . GLU A 1 39 ? 2.686   11.300  10.635  1.00 24.19 ? 39  GLU A C   1 
ATOM   305 O O   . GLU A 1 39 ? 1.975   11.187  11.616  1.00 30.32 ? 39  GLU A O   1 
ATOM   306 C CB  . GLU A 1 39 ? 5.040   10.797  11.152  1.00 32.80 ? 39  GLU A CB  1 
ATOM   307 C CG  . GLU A 1 39 ? 5.882   9.720   11.818  1.00 42.33 ? 39  GLU A CG  1 
ATOM   308 C CD  . GLU A 1 39 ? 7.200   9.405   11.117  1.00 53.65 ? 39  GLU A CD  1 
ATOM   309 O OE1 . GLU A 1 39 ? 7.577   10.108  10.142  1.00 65.77 ? 39  GLU A OE1 1 
ATOM   310 O OE2 . GLU A 1 39 ? 7.873   8.442   11.573  1.00 58.41 ? 39  GLU A OE2 1 
ATOM   311 N N   . SER A 1 40 ? 2.557   12.272  9.729   1.00 27.67 ? 40  SER A N   1 
ATOM   312 C CA  . SER A 1 40 ? 1.527   13.337  9.901   1.00 25.92 ? 40  SER A CA  1 
ATOM   313 C C   . SER A 1 40 ? 0.120   12.780  9.855   1.00 22.96 ? 40  SER A C   1 
ATOM   314 O O   . SER A 1 40 ? -0.831  13.349  10.402  1.00 26.88 ? 40  SER A O   1 
ATOM   315 C CB  . SER A 1 40 ? 1.685   14.474  8.851   1.00 26.10 ? 40  SER A CB  1 
ATOM   316 O OG  . SER A 1 40 ? 1.112   14.187  7.566   1.00 30.08 ? 40  SER A OG  1 
ATOM   317 N N   . GLU A 1 41 ? -0.062  11.661  9.125   1.00 21.45 ? 41  GLU A N   1 
ATOM   318 C CA  . GLU A 1 41 ? -1.353  11.119  8.881   1.00 17.56 ? 41  GLU A CA  1 
ATOM   319 C C   . GLU A 1 41 ? -1.586  9.744   9.572   1.00 16.83 ? 41  GLU A C   1 
ATOM   320 O O   . GLU A 1 41 ? -2.731  9.297   9.683   1.00 17.92 ? 41  GLU A O   1 
ATOM   321 C CB  . GLU A 1 41 ? -1.610  10.989  7.357   1.00 21.32 ? 41  GLU A CB  1 
ATOM   322 C CG  . GLU A 1 41 ? -1.639  12.303  6.602   1.00 24.90 ? 41  GLU A CG  1 
ATOM   323 C CD  . GLU A 1 41 ? -1.876  12.159  5.086   1.00 29.19 ? 41  GLU A CD  1 
ATOM   324 O OE1 . GLU A 1 41 ? -2.532  11.166  4.643   1.00 27.50 ? 41  GLU A OE1 1 
ATOM   325 O OE2 . GLU A 1 41 ? -1.449  13.072  4.290   1.00 34.03 ? 41  GLU A OE2 1 
ATOM   326 N N   . GLY A 1 42 ? -0.493  9.050   9.924   1.00 16.31 ? 42  GLY A N   1 
ATOM   327 C CA  . GLY A 1 42 ? -0.606  7.760   10.464  1.00 15.26 ? 42  GLY A CA  1 
ATOM   328 C C   . GLY A 1 42 ? -0.980  6.669   9.490   1.00 14.64 ? 42  GLY A C   1 
ATOM   329 O O   . GLY A 1 42 ? -1.658  5.754   9.862   1.00 13.27 ? 42  GLY A O   1 
ATOM   330 N N   . VAL A 1 43 ? -0.570  6.816   8.232   1.00 11.88 ? 43  VAL A N   1 
ATOM   331 C CA  . VAL A 1 43 ? -0.953  5.907   7.156   1.00 11.43 ? 43  VAL A CA  1 
ATOM   332 C C   . VAL A 1 43 ? 0.312   5.571   6.356   1.00 11.07 ? 43  VAL A C   1 
ATOM   333 O O   . VAL A 1 43 ? 1.346   6.250   6.456   1.00 11.97 ? 43  VAL A O   1 
ATOM   334 C CB  . VAL A 1 43 ? -2.016  6.423   6.137   1.00 11.86 ? 43  VAL A CB  1 
ATOM   335 C CG1 . VAL A 1 43 ? -3.269  6.851   6.938   1.00 13.33 ? 43  VAL A CG1 1 
ATOM   336 C CG2 . VAL A 1 43 ? -1.516  7.566   5.319   1.00 13.80 ? 43  VAL A CG2 1 
ATOM   337 N N   . VAL A 1 44 ? 0.215   4.485   5.590   1.00 10.14 ? 44  VAL A N   1 
ATOM   338 C CA  . VAL A 1 44 ? 1.239   4.129   4.620   1.00 10.25 ? 44  VAL A CA  1 
ATOM   339 C C   . VAL A 1 44 ? 0.889   4.710   3.281   1.00 10.50 ? 44  VAL A C   1 
ATOM   340 O O   . VAL A 1 44 ? -0.233  4.744   2.931   1.00 11.03 ? 44  VAL A O   1 
ATOM   341 C CB  . VAL A 1 44 ? 1.399   2.604   4.582   1.00 10.12 ? 44  VAL A CB  1 
ATOM   342 C CG1 . VAL A 1 44 ? 2.125   2.089   3.340   1.00 13.26 ? 44  VAL A CG1 1 
ATOM   343 C CG2 . VAL A 1 44 ? 2.072   2.155   5.858   1.00 11.76 ? 44  VAL A CG2 1 
ATOM   344 N N   . LYS A 1 45 ? 1.895   5.210   2.538   1.00 9.56  ? 45  LYS A N   1 
ATOM   345 C CA  . LYS A 1 45 ? 1.731   5.756   1.189   1.00 11.62 ? 45  LYS A CA  1 
ATOM   346 C C   . LYS A 1 45 ? 2.568   4.869   0.269   1.00 11.91 ? 45  LYS A C   1 
ATOM   347 O O   . LYS A 1 45 ? 3.733   4.542   0.580   1.00 14.18 ? 45  LYS A O   1 
ATOM   348 C CB  . LYS A 1 45 ? 2.155   7.250   1.102   1.00 13.65 ? 45  LYS A CB  1 
ATOM   349 C CG  . LYS A 1 45 ? 1.267   8.095   2.013   1.00 17.17 ? 45  LYS A CG  1 
ATOM   350 C CD  . LYS A 1 45 ? 1.608   9.581   1.973   1.00 20.65 ? 45  LYS A CD  1 
ATOM   351 C CE  . LYS A 1 45 ? 0.549   10.323  2.761   1.00 24.79 ? 45  LYS A CE  1 
ATOM   352 N NZ  . LYS A 1 45 ? 0.718   11.807  2.547   1.00 26.56 ? 45  LYS A NZ  1 
ATOM   353 N N   . ILE A 1 46 ? 1.977   4.510   -0.849  1.00 9.89  ? 46  ILE A N   1 
ATOM   354 C CA  . ILE A 1 46 ? 2.671   3.793   -1.915  1.00 11.59 ? 46  ILE A CA  1 
ATOM   355 C C   . ILE A 1 46 ? 2.828   4.750   -3.109  1.00 11.70 ? 46  ILE A C   1 
ATOM   356 O O   . ILE A 1 46 ? 1.852   5.264   -3.654  1.00 11.77 ? 46  ILE A O   1 
ATOM   357 C CB  . ILE A 1 46 ? 1.879   2.598   -2.408  1.00 13.24 ? 46  ILE A CB  1 
ATOM   358 C CG1 . ILE A 1 46 ? 1.398   1.695   -1.287  1.00 16.94 ? 46  ILE A CG1 1 
ATOM   359 C CG2 . ILE A 1 46 ? 2.778   1.815   -3.352  1.00 13.08 ? 46  ILE A CG2 1 
ATOM   360 C CD1 . ILE A 1 46 ? 2.369   1.101   -0.401  1.00 18.41 ? 46  ILE A CD1 1 
ATOM   361 N N   . GLN A 1 47 ? 4.111   5.013   -3.483  1.00 11.18 ? 47  GLN A N   1 
ATOM   362 C CA  . GLN A 1 47 ? 4.456   6.002   -4.497  1.00 12.29 ? 47  GLN A CA  1 
ATOM   363 C C   . GLN A 1 47 ? 5.101   5.312   -5.674  1.00 12.56 ? 47  GLN A C   1 
ATOM   364 O O   . GLN A 1 47 ? 5.957   4.414   -5.517  1.00 12.97 ? 47  GLN A O   1 
ATOM   365 C CB  . GLN A 1 47 ? 5.397   7.043   -3.859  1.00 16.71 ? 47  GLN A CB  1 
ATOM   366 C CG  . GLN A 1 47 ? 4.891   7.682   -2.549  1.00 23.39 ? 47  GLN A CG  1 
ATOM   367 C CD  . GLN A 1 47 ? 5.889   7.568   -1.399  1.00 32.06 ? 47  GLN A CD  1 
ATOM   368 O OE1 . GLN A 1 47 ? 5.978   6.528   -0.663  1.00 25.81 ? 47  GLN A OE1 1 
ATOM   369 N NE2 . GLN A 1 47 ? 6.642   8.621   -1.234  1.00 33.92 ? 47  GLN A NE2 1 
ATOM   370 N N   . LEU A 1 48 ? 4.741   5.680   -6.898  1.00 15.61 ? 48  LEU A N   1 
ATOM   371 C CA  . LEU A 1 48 ? 5.397   5.220   -8.096  1.00 18.06 ? 48  LEU A CA  1 
ATOM   372 C C   . LEU A 1 48 ? 6.795   5.758   -8.165  1.00 20.24 ? 48  LEU A C   1 
ATOM   373 O O   . LEU A 1 48 ? 7.068   6.837   -7.635  1.00 24.24 ? 48  LEU A O   1 
ATOM   374 C CB  . LEU A 1 48 ? 4.774   5.912   -9.290  1.00 22.69 ? 48  LEU A CB  1 
ATOM   375 C CG  . LEU A 1 48 ? 3.360   5.497   -9.518  1.00 26.38 ? 48  LEU A CG  1 
ATOM   376 C CD1 . LEU A 1 48 ? 2.874   6.214   -10.777 1.00 31.42 ? 48  LEU A CD1 1 
ATOM   377 C CD2 . LEU A 1 48 ? 3.294   3.993   -9.528  1.00 27.15 ? 48  LEU A CD2 1 
ATOM   378 N N   . LEU A 1 49 ? 7.707   4.954   -8.696  1.00 18.46 ? 49  LEU A N   1 
ATOM   379 C CA  . LEU A 1 49 ? 9.063   5.383   -8.895  1.00 22.55 ? 49  LEU A CA  1 
ATOM   380 C C   . LEU A 1 49 ? 9.096   5.124   -10.428 1.00 32.29 ? 49  LEU A C   1 
ATOM   381 O O   . LEU A 1 49 ? 8.903   3.984   -10.917 1.00 38.78 ? 49  LEU A O   1 
ATOM   382 C CB  . LEU A 1 49 ? 10.168  4.540   -8.324  1.00 26.02 ? 49  LEU A CB  1 
ATOM   383 C CG  . LEU A 1 49 ? 10.382  4.271   -6.891  1.00 26.83 ? 49  LEU A CG  1 
ATOM   384 C CD1 . LEU A 1 49 ? 11.534  3.285   -6.753  1.00 28.51 ? 49  LEU A CD1 1 
ATOM   385 C CD2 . LEU A 1 49 ? 10.640  5.535   -6.090  1.00 31.71 ? 49  LEU A CD2 1 
ATOM   386 N N   . ALA B 1 2  ? 11.767  9.541   8.490   1.00 45.60 ? 2   ALA B N   1 
ATOM   387 C CA  . ALA B 1 2  ? 11.266  9.169   7.125   1.00 34.51 ? 2   ALA B CA  1 
ATOM   388 C C   . ALA B 1 2  ? 11.450  7.658   6.853   1.00 29.46 ? 2   ALA B C   1 
ATOM   389 O O   . ALA B 1 2  ? 12.396  7.259   6.165   1.00 31.27 ? 2   ALA B O   1 
ATOM   390 C CB  . ALA B 1 2  ? 11.980  10.001  6.093   1.00 36.26 ? 2   ALA B CB  1 
ATOM   391 N N   . VAL B 1 3  ? 10.550  6.853   7.418   1.00 18.30 ? 3   VAL B N   1 
ATOM   392 C CA  . VAL B 1 3  ? 10.657  5.424   7.377   1.00 16.64 ? 3   VAL B CA  1 
ATOM   393 C C   . VAL B 1 3  ? 10.040  4.949   6.061   1.00 16.13 ? 3   VAL B C   1 
ATOM   394 O O   . VAL B 1 3  ? 8.831   5.074   5.849   1.00 15.86 ? 3   VAL B O   1 
ATOM   395 C CB  . VAL B 1 3  ? 9.894   4.770   8.536   1.00 19.53 ? 3   VAL B CB  1 
ATOM   396 C CG1 . VAL B 1 3  ? 10.047  3.270   8.540   1.00 21.14 ? 3   VAL B CG1 1 
ATOM   397 C CG2 . VAL B 1 3  ? 10.437  5.240   9.902   1.00 26.17 ? 3   VAL B CG2 1 
ATOM   398 N N   . GLU B 1 4  ? 10.867  4.358   5.178   1.00 14.18 ? 4   GLU B N   1 
ATOM   399 C CA  . GLU B 1 4  ? 10.431  3.980   3.883   1.00 14.32 ? 4   GLU B CA  1 
ATOM   400 C C   . GLU B 1 4  ? 11.327  2.913   3.272   1.00 15.75 ? 4   GLU B C   1 
ATOM   401 O O   . GLU B 1 4  ? 12.457  2.721   3.683   1.00 14.65 ? 4   GLU B O   1 
ATOM   402 C CB  . GLU B 1 4  ? 10.298  5.074   2.884   1.00 17.77 ? 4   GLU B CB  1 
ATOM   403 C CG  . GLU B 1 4  ? 11.504  5.884   2.676   1.00 22.67 ? 4   GLU B CG  1 
ATOM   404 C CD  . GLU B 1 4  ? 11.203  7.176   1.949   1.00 29.19 ? 4   GLU B CD  1 
ATOM   405 O OE1 . GLU B 1 4  ? 12.236  7.662   1.474   1.00 30.89 ? 4   GLU B OE1 1 
ATOM   406 O OE2 . GLU B 1 4  ? 10.029  7.701   1.789   1.00 27.08 ? 4   GLU B OE2 1 
ATOM   407 N N   . GLU B 1 5  ? 10.739  2.162   2.353   1.00 13.79 ? 5   GLU B N   1 
ATOM   408 C CA  . GLU B 1 5  ? 11.456  1.099   1.699   1.00 13.42 ? 5   GLU B CA  1 
ATOM   409 C C   . GLU B 1 5  ? 10.938  0.864   0.334   1.00 13.12 ? 5   GLU B C   1 
ATOM   410 O O   . GLU B 1 5  ? 9.710   0.978   0.075   1.00 12.83 ? 5   GLU B O   1 
ATOM   411 C CB  . GLU B 1 5  ? 11.410  -0.203  2.510   1.00 14.31 ? 5   GLU B CB  1 
ATOM   412 C CG  . GLU B 1 5  ? 12.344  -1.292  1.952   1.00 14.34 ? 5   GLU B CG  1 
ATOM   413 C CD  . GLU B 1 5  ? 12.682  -2.373  2.931   1.00 15.69 ? 5   GLU B CD  1 
ATOM   414 O OE1 . GLU B 1 5  ? 12.512  -2.229  4.177   1.00 16.55 ? 5   GLU B OE1 1 
ATOM   415 O OE2 . GLU B 1 5  ? 13.100  -3.483  2.480   1.00 17.60 ? 5   GLU B OE2 1 
ATOM   416 N N   . ILE B 1 6  ? 11.833  0.546   -0.625  1.00 10.74 ? 6   ILE B N   1 
ATOM   417 C CA  . ILE B 1 6  ? 11.376  0.331   -2.020  1.00 11.32 ? 6   ILE B CA  1 
ATOM   418 C C   . ILE B 1 6  ? 11.164  -1.173  -2.225  1.00 11.81 ? 6   ILE B C   1 
ATOM   419 O O   . ILE B 1 6  ? 12.013  -1.971  -1.811  1.00 11.96 ? 6   ILE B O   1 
ATOM   420 C CB  . ILE B 1 6  ? 12.465  0.771   -2.999  1.00 11.69 ? 6   ILE B CB  1 
ATOM   421 C CG1 . ILE B 1 6  ? 12.685  2.270   -2.870  1.00 13.25 ? 6   ILE B CG1 1 
ATOM   422 C CG2 . ILE B 1 6  ? 12.187  0.312   -4.422  1.00 11.84 ? 6   ILE B CG2 1 
ATOM   423 C CD1 . ILE B 1 6  ? 13.909  2.802   -3.530  1.00 16.09 ? 6   ILE B CD1 1 
ATOM   424 N N   . VAL B 1 7  ? 10.044  -1.540  -2.841  1.00 11.04 ? 7   VAL B N   1 
ATOM   425 C CA  . VAL B 1 7  ? 9.622   -2.922  -3.041  1.00 12.30 ? 7   VAL B CA  1 
ATOM   426 C C   . VAL B 1 7  ? 9.146   -3.136  -4.473  1.00 12.23 ? 7   VAL B C   1 
ATOM   427 O O   . VAL B 1 7  ? 8.749   -2.207  -5.185  1.00 12.93 ? 7   VAL B O   1 
ATOM   428 C CB  . VAL B 1 7  ? 8.580   -3.396  -2.037  1.00 15.53 ? 7   VAL B CB  1 
ATOM   429 C CG1 . VAL B 1 7  ? 9.128   -3.186  -0.624  1.00 15.84 ? 7   VAL B CG1 1 
ATOM   430 C CG2 . VAL B 1 7  ? 7.238   -2.741  -2.207  1.00 14.73 ? 7   VAL B CG2 1 
ATOM   431 N N   . LYS B 1 8  ? 9.080   -4.452  -4.819  1.00 13.77 ? 8   LYS B N   1 
ATOM   432 C CA  . LYS B 1 8  ? 8.567   -4.869  -6.137  1.00 14.68 ? 8   LYS B CA  1 
ATOM   433 C C   . LYS B 1 8  ? 7.128   -5.305  -6.086  1.00 13.09 ? 8   LYS B C   1 
ATOM   434 O O   . LYS B 1 8  ? 6.777   -6.086  -5.199  1.00 18.27 ? 8   LYS B O   1 
ATOM   435 C CB  . LYS B 1 8  ? 9.480   -6.050  -6.554  1.00 19.17 ? 8   LYS B CB  1 
ATOM   436 C CG  . LYS B 1 8  ? 9.435   -6.390  -7.988  1.00 26.72 ? 8   LYS B CG  1 
ATOM   437 C CD  . LYS B 1 8  ? 10.400  -7.582  -8.110  1.00 30.69 ? 8   LYS B CD  1 
ATOM   438 C CE  . LYS B 1 8  ? 10.775  -7.950  -9.530  1.00 42.52 ? 8   LYS B CE  1 
ATOM   439 N NZ  . LYS B 1 8  ? 12.243  -7.789  -9.780  1.00 47.53 ? 8   LYS B NZ  1 
ATOM   440 N N   . VAL B 1 9  ? 6.326   -4.898  -7.056  1.00 11.62 ? 9   VAL B N   1 
ATOM   441 C CA  . VAL B 1 9  ? 4.925   -5.293  -7.201  1.00 12.82 ? 9   VAL B CA  1 
ATOM   442 C C   . VAL B 1 9  ? 4.836   -6.759  -7.670  1.00 14.64 ? 9   VAL B C   1 
ATOM   443 O O   . VAL B 1 9  ? 5.506   -7.136  -8.663  1.00 15.03 ? 9   VAL B O   1 
ATOM   444 C CB  . VAL B 1 9  ? 4.179   -4.388  -8.178  1.00 14.58 ? 9   VAL B CB  1 
ATOM   445 C CG1 . VAL B 1 9  ? 2.751   -4.857  -8.338  1.00 15.39 ? 9   VAL B CG1 1 
ATOM   446 C CG2 . VAL B 1 9  ? 4.154   -2.942  -7.716  1.00 14.10 ? 9   VAL B CG2 1 
ATOM   447 N N   . SER B 1 10 ? 4.008   -7.549  -7.012  1.00 11.99 ? 10  SER B N   1 
ATOM   448 C CA  . SER B 1 10 ? 3.863   -8.964  -7.393  1.00 13.52 ? 10  SER B CA  1 
ATOM   449 C C   . SER B 1 10 ? 3.039   -9.163  -8.652  1.00 13.41 ? 10  SER B C   1 
ATOM   450 O O   . SER B 1 10 ? 2.366   -8.282  -9.165  1.00 13.40 ? 10  SER B O   1 
ATOM   451 C CB  . SER B 1 10 ? 3.244   -9.761  -6.262  1.00 13.20 ? 10  SER B CB  1 
ATOM   452 O OG  . SER B 1 10 ? 1.855   -9.510  -6.129  1.00 15.48 ? 10  SER B OG  1 
ATOM   453 N N   . ARG B 1 11 ? 3.049   -10.413 -9.123  1.00 15.33 ? 11  ARG B N   1 
ATOM   454 C CA  . ARG B 1 11 ? 2.167   -10.801 -10.238 1.00 15.43 ? 11  ARG B CA  1 
ATOM   455 C C   . ARG B 1 11 ? 0.728   -10.456 -10.056 1.00 15.22 ? 11  ARG B C   1 
ATOM   456 O O   . ARG B 1 11 ? 0.098   -9.973  -10.997 1.00 17.59 ? 11  ARG B O   1 
ATOM   457 C CB  . ARG B 1 11 ? 2.298   -12.291 -10.495 1.00 17.89 ? 11  ARG B CB  1 
ATOM   458 C CG  . ARG B 1 11 ? 1.357   -12.837 -11.540 1.00 20.11 ? 11  ARG B CG  1 
ATOM   459 C CD  . ARG B 1 11 ? 1.820   -12.451 -12.905 1.00 18.67 ? 11  ARG B CD  1 
ATOM   460 N NE  . ARG B 1 11 ? 0.888   -12.996 -13.922 1.00 18.96 ? 11  ARG B NE  1 
ATOM   461 C CZ  . ARG B 1 11 ? 1.031   -12.728 -15.217 1.00 18.84 ? 11  ARG B CZ  1 
ATOM   462 N NH1 . ARG B 1 11 ? 0.149   -13.301 -16.054 1.00 20.48 ? 11  ARG B NH1 1 
ATOM   463 N NH2 . ARG B 1 11 ? 1.989   -11.973 -15.666 1.00 19.65 ? 11  ARG B NH2 1 
ATOM   464 N N   . ASN B 1 12 ? 0.185   -10.614 -8.833  1.00 12.68 ? 12  ASN B N   1 
ATOM   465 C CA  . ASN B 1 12 ? -1.213  -10.306 -8.617  1.00 16.04 ? 12  ASN B CA  1 
ATOM   466 C C   . ASN B 1 12 ? -1.415  -8.971  -7.912  1.00 13.06 ? 12  ASN B C   1 
ATOM   467 O O   . ASN B 1 12 ? -2.365  -8.789  -7.186  1.00 14.35 ? 12  ASN B O   1 
ATOM   468 C CB  . ASN B 1 12 ? -1.933  -11.402 -7.971  1.00 20.78 ? 12  ASN B CB  1 
ATOM   469 C CG  . ASN B 1 12 ? -2.076  -12.564 -8.958  1.00 24.39 ? 12  ASN B CG  1 
ATOM   470 O OD1 . ASN B 1 12 ? -2.569  -12.437 -10.132 1.00 31.61 ? 12  ASN B OD1 1 
ATOM   471 N ND2 . ASN B 1 12 ? -1.512  -13.605 -8.568  1.00 27.62 ? 12  ASN B ND2 1 
ATOM   472 N N   . TYR B 1 13 ? -0.505  -8.048  -8.200  1.00 11.89 ? 13  TYR B N   1 
ATOM   473 C CA  . TYR B 1 13 ? -0.625  -6.615  -7.888  1.00 12.31 ? 13  TYR B CA  1 
ATOM   474 C C   . TYR B 1 13 ? -0.611  -6.433  -6.380  1.00 13.91 ? 13  TYR B C   1 
ATOM   475 O O   . TYR B 1 13 ? -1.368  -5.580  -5.856  1.00 14.31 ? 13  TYR B O   1 
ATOM   476 C CB  . TYR B 1 13 ? -1.890  -6.015  -8.509  1.00 13.58 ? 13  TYR B CB  1 
ATOM   477 C CG  . TYR B 1 13 ? -1.944  -6.250  -10.038 1.00 14.09 ? 13  TYR B CG  1 
ATOM   478 C CD1 . TYR B 1 13 ? -1.161  -5.507  -10.886 1.00 17.17 ? 13  TYR B CD1 1 
ATOM   479 C CD2 . TYR B 1 13 ? -2.780  -7.126  -10.540 1.00 14.57 ? 13  TYR B CD2 1 
ATOM   480 C CE1 . TYR B 1 13 ? -1.225  -5.706  -12.261 1.00 20.35 ? 13  TYR B CE1 1 
ATOM   481 C CE2 . TYR B 1 13 ? -2.864  -7.336  -11.967 1.00 16.83 ? 13  TYR B CE2 1 
ATOM   482 C CZ  . TYR B 1 13 ? -2.118  -6.600  -12.757 1.00 18.08 ? 13  TYR B CZ  1 
ATOM   483 O OH  . TYR B 1 13 ? -2.242  -6.828  -14.161 1.00 21.27 ? 13  TYR B OH  1 
ATOM   484 N N   . GLN B 1 14 ? 0.186   -7.215  -5.703  1.00 11.67 ? 14  GLN B N   1 
ATOM   485 C CA  . GLN B 1 14 ? 0.280   -6.980  -4.239  1.00 11.42 ? 14  GLN B CA  1 
ATOM   486 C C   . GLN B 1 14 ? 1.583   -6.286  -3.952  1.00 11.64 ? 14  GLN B C   1 
ATOM   487 O O   . GLN B 1 14 ? 2.639   -6.546  -4.608  1.00 12.71 ? 14  GLN B O   1 
ATOM   488 C CB  . GLN B 1 14 ? 0.213   -8.264  -3.423  1.00 12.81 ? 14  GLN B CB  1 
ATOM   489 C CG  . GLN B 1 14 ? -1.059  -9.080  -3.740  1.00 15.88 ? 14  GLN B CG  1 
ATOM   490 C CD  . GLN B 1 14 ? -1.370  -10.084 -2.690  1.00 18.99 ? 14  GLN B CD  1 
ATOM   491 O OE1 . GLN B 1 14 ? -2.250  -9.871  -1.866  1.00 21.84 ? 14  GLN B OE1 1 
ATOM   492 N NE2 . GLN B 1 14 ? -0.614  -11.088 -2.639  1.00 17.07 ? 14  GLN B NE2 1 
ATOM   493 N N   . VAL B 1 15 ? 1.606   -5.547  -2.826  1.00 10.76 ? 15  VAL B N   1 
ATOM   494 C CA  . VAL B 1 15 ? 2.792   -4.888  -2.296  1.00 11.05 ? 15  VAL B CA  1 
ATOM   495 C C   . VAL B 1 15 ? 3.052   -5.384  -0.925  1.00 13.10 ? 15  VAL B C   1 
ATOM   496 O O   . VAL B 1 15 ? 2.134   -5.430  -0.141  1.00 12.93 ? 15  VAL B O   1 
ATOM   497 C CB  . VAL B 1 15 ? 2.539   -3.357  -2.314  1.00 14.89 ? 15  VAL B CB  1 
ATOM   498 C CG1 . VAL B 1 15 ? 3.632   -2.596  -1.630  1.00 19.02 ? 15  VAL B CG1 1 
ATOM   499 C CG2 . VAL B 1 15 ? 2.308   -2.845  -3.808  1.00 15.01 ? 15  VAL B CG2 1 
ATOM   500 N N   . THR B 1 16 ? 4.262   -5.809  -0.645  1.00 12.09 ? 16  THR B N   1 
ATOM   501 C CA  . THR B 1 16 ? 4.650   -6.274  0.706   1.00 13.34 ? 16  THR B CA  1 
ATOM   502 C C   . THR B 1 16 ? 4.891   -4.978  1.487   1.00 13.12 ? 16  THR B C   1 
ATOM   503 O O   . THR B 1 16 ? 5.482   -3.953  1.024   1.00 14.46 ? 16  THR B O   1 
ATOM   504 C CB  . THR B 1 16 ? 5.940   -7.046  0.708   1.00 17.30 ? 16  THR B CB  1 
ATOM   505 O OG1 . THR B 1 16 ? 5.731   -8.224  -0.022  1.00 21.60 ? 16  THR B OG1 1 
ATOM   506 C CG2 . THR B 1 16 ? 6.261   -7.458  2.068   1.00 18.47 ? 16  THR B CG2 1 
ATOM   507 N N   . ILE B 1 17 ? 4.348   -4.962  2.709   1.00 11.72 ? 17  ILE B N   1 
ATOM   508 C CA  . ILE B 1 17 ? 4.686   -3.868  3.629   1.00 11.91 ? 17  ILE B CA  1 
ATOM   509 C C   . ILE B 1 17 ? 5.873   -4.378  4.424   1.00 12.22 ? 17  ILE B C   1 
ATOM   510 O O   . ILE B 1 17 ? 5.730   -5.268  5.246   1.00 14.70 ? 17  ILE B O   1 
ATOM   511 C CB  . ILE B 1 17 ? 3.498   -3.527  4.533   1.00 12.56 ? 17  ILE B CB  1 
ATOM   512 C CG1 . ILE B 1 17 ? 2.239   -3.334  3.670   1.00 14.71 ? 17  ILE B CG1 1 
ATOM   513 C CG2 . ILE B 1 17 ? 3.850   -2.337  5.383   1.00 14.35 ? 17  ILE B CG2 1 
ATOM   514 C CD1 . ILE B 1 17 ? 2.350   -2.280  2.657   1.00 15.38 ? 17  ILE B CD1 1 
ATOM   515 N N   . PRO B 1 18 ? 7.069   -3.830  4.187   1.00 12.50 ? 18  PRO B N   1 
ATOM   516 C CA  . PRO B 1 18 ? 8.257   -4.399  4.817   1.00 13.09 ? 18  PRO B CA  1 
ATOM   517 C C   . PRO B 1 18 ? 8.365   -4.139  6.314   1.00 12.26 ? 18  PRO B C   1 
ATOM   518 O O   . PRO B 1 18 ? 7.691   -3.309  6.860   1.00 11.60 ? 18  PRO B O   1 
ATOM   519 C CB  . PRO B 1 18 ? 9.449   -3.781  4.052   1.00 16.29 ? 18  PRO B CB  1 
ATOM   520 C CG  . PRO B 1 18 ? 8.858   -2.860  3.028   1.00 19.24 ? 18  PRO B CG  1 
ATOM   521 C CD  . PRO B 1 18 ? 7.374   -2.706  3.313   1.00 13.86 ? 18  PRO B CD  1 
ATOM   522 N N   . ALA B 1 19 ? 9.177   -4.974  6.929   1.00 13.07 ? 19  ALA B N   1 
ATOM   523 C CA  . ALA B 1 19 ? 9.356   -4.927  8.354   1.00 13.07 ? 19  ALA B CA  1 
ATOM   524 C C   . ALA B 1 19 ? 9.621   -3.579  8.937   1.00 12.66 ? 19  ALA B C   1 
ATOM   525 O O   . ALA B 1 19 ? 9.044   -3.240  9.971   1.00 12.63 ? 19  ALA B O   1 
ATOM   526 C CB  . ALA B 1 19 ? 10.371  -5.930  8.751   1.00 15.22 ? 19  ALA B CB  1 
ATOM   527 N N   . LYS B 1 20 ? 10.465  -2.787  8.227   1.00 14.08 ? 20  LYS B N   1 
ATOM   528 C CA  . LYS B 1 20 ? 10.825  -1.469  8.622   1.00 14.97 ? 20  LYS B CA  1 
ATOM   529 C C   . LYS B 1 20 ? 9.622   -0.577  8.818   1.00 14.98 ? 20  LYS B C   1 
ATOM   530 O O   . LYS B 1 20 ? 9.462   0.104   9.817   1.00 14.29 ? 20  LYS B O   1 
ATOM   531 C CB  . LYS B 1 20 ? 11.794  -0.873  7.582   1.00 18.09 ? 20  LYS B CB  1 
ATOM   532 C CG  . LYS B 1 20 ? 12.390  0.427   7.979   1.00 19.26 ? 20  LYS B CG  1 
ATOM   533 C CD  . LYS B 1 20 ? 12.936  1.202   6.808   1.00 18.51 ? 20  LYS B CD  1 
ATOM   534 C CE  . LYS B 1 20 ? 13.769  0.419   5.835   1.00 16.88 ? 20  LYS B CE  1 
ATOM   535 N NZ  . LYS B 1 20 ? 14.513  1.482   5.070   1.00 15.75 ? 20  LYS B NZ  1 
ATOM   536 N N   . VAL B 1 21 ? 8.676   -0.702  7.891   1.00 13.93 ? 21  VAL B N   1 
ATOM   537 C CA  . VAL B 1 21 ? 7.420   0.094   7.890   1.00 13.60 ? 21  VAL B CA  1 
ATOM   538 C C   . VAL B 1 21 ? 6.442   -0.478  8.886   1.00 13.99 ? 21  VAL B C   1 
ATOM   539 O O   . VAL B 1 21 ? 5.767   0.287   9.575   1.00 13.16 ? 21  VAL B O   1 
ATOM   540 C CB  . VAL B 1 21 ? 6.867   0.193   6.458   1.00 13.12 ? 21  VAL B CB  1 
ATOM   541 C CG1 . VAL B 1 21 ? 5.516   0.899   6.387   1.00 12.11 ? 21  VAL B CG1 1 
ATOM   542 C CG2 . VAL B 1 21 ? 7.896   0.871   5.560   1.00 13.51 ? 21  VAL B CG2 1 
ATOM   543 N N   . ARG B 1 22 ? 6.401   -1.802  9.035   1.00 12.84 ? 22  ARG B N   1 
ATOM   544 C CA  . ARG B 1 22 ? 5.493   -2.449  10.009  1.00 13.10 ? 22  ARG B CA  1 
ATOM   545 C C   . ARG B 1 22 ? 5.902   -2.157  11.447  1.00 13.77 ? 22  ARG B C   1 
ATOM   546 O O   . ARG B 1 22 ? 5.010   -2.303  12.310  1.00 16.67 ? 22  ARG B O   1 
ATOM   547 C CB  . ARG B 1 22 ? 5.449   -3.935  9.766   1.00 14.45 ? 22  ARG B CB  1 
ATOM   548 C CG  . ARG B 1 22 ? 4.775   -4.325  8.415   1.00 14.62 ? 22  ARG B CG  1 
ATOM   549 C CD  . ARG B 1 22 ? 4.648   -5.873  8.367   1.00 16.22 ? 22  ARG B CD  1 
ATOM   550 N NE  . ARG B 1 22 ? 5.733   -6.829  8.821   1.00 20.17 ? 22  ARG B NE  1 
ATOM   551 C CZ  . ARG B 1 22 ? 6.649   -7.429  8.100   1.00 21.63 ? 22  ARG B CZ  1 
ATOM   552 N NH1 . ARG B 1 22 ? 6.762   -7.232  6.791   1.00 27.69 ? 22  ARG B NH1 1 
ATOM   553 N NH2 . ARG B 1 22 ? 7.426   -8.254  8.676   1.00 23.96 ? 22  ARG B NH2 1 
ATOM   554 N N   . GLN B 1 23 ? 7.113   -1.692  11.695  1.00 14.16 ? 23  GLN B N   1 
ATOM   555 C CA  . GLN B 1 23 ? 7.392   -1.171  13.070  1.00 18.11 ? 23  GLN B CA  1 
ATOM   556 C C   . GLN B 1 23 ? 6.428   -0.015  13.414  1.00 17.42 ? 23  GLN B C   1 
ATOM   557 O O   . GLN B 1 23 ? 6.005   0.097   14.585  1.00 20.43 ? 23  GLN B O   1 
ATOM   558 C CB  . GLN B 1 23 ? 8.818   -0.682  13.134  1.00 19.24 ? 23  GLN B CB  1 
ATOM   559 C CG  . GLN B 1 23 ? 9.851   -1.779  13.109  1.00 24.47 ? 23  GLN B CG  1 
ATOM   560 C CD  . GLN B 1 23 ? 9.865   -2.423  14.462  1.00 31.64 ? 23  GLN B CD  1 
ATOM   561 O OE1 . GLN B 1 23 ? 10.314  -1.812  15.428  1.00 45.01 ? 23  GLN B OE1 1 
ATOM   562 N NE2 . GLN B 1 23 ? 9.274   -3.575  14.569  1.00 34.73 ? 23  GLN B NE2 1 
ATOM   563 N N   . LYS B 1 24 ? 6.005   0.778   12.434  1.00 15.15 ? 24  LYS B N   1 
ATOM   564 C CA  . LYS B 1 24 ? 5.120   1.957   12.629  1.00 16.94 ? 24  LYS B CA  1 
ATOM   565 C C   . LYS B 1 24 ? 3.663   1.612   12.328  1.00 16.78 ? 24  LYS B C   1 
ATOM   566 O O   . LYS B 1 24 ? 2.742   2.139   12.940  1.00 17.42 ? 24  LYS B O   1 
ATOM   567 C CB  . LYS B 1 24 ? 5.552   3.069   11.710  1.00 18.69 ? 24  LYS B CB  1 
ATOM   568 C CG  . LYS B 1 24 ? 7.027   3.439   11.643  1.00 25.70 ? 24  LYS B CG  1 
ATOM   569 C CD  . LYS B 1 24 ? 7.452   3.975   12.952  1.00 31.07 ? 24  LYS B CD  1 
ATOM   570 C CE  . LYS B 1 24 ? 7.394   5.463   13.052  1.00 38.01 ? 24  LYS B CE  1 
ATOM   571 N NZ  . LYS B 1 24 ? 7.897   5.727   14.452  1.00 42.45 ? 24  LYS B NZ  1 
ATOM   572 N N   . PHE B 1 25 ? 3.439   0.739   11.321  1.00 16.61 ? 25  PHE B N   1 
ATOM   573 C CA  . PHE B 1 25 ? 2.072   0.351   10.787  1.00 14.88 ? 25  PHE B CA  1 
ATOM   574 C C   . PHE B 1 25 ? 1.871   -1.184  10.994  1.00 16.72 ? 25  PHE B C   1 
ATOM   575 O O   . PHE B 1 25 ? 2.330   -2.013  10.173  1.00 15.23 ? 25  PHE B O   1 
ATOM   576 C CB  . PHE B 1 25 ? 2.070   0.713   9.359   1.00 14.47 ? 25  PHE B CB  1 
ATOM   577 C CG  . PHE B 1 25 ? 0.739   0.639   8.677   1.00 13.86 ? 25  PHE B CG  1 
ATOM   578 C CD1 . PHE B 1 25 ? -0.163  1.687   8.859   1.00 14.28 ? 25  PHE B CD1 1 
ATOM   579 C CD2 . PHE B 1 25 ? 0.434   -0.390  7.727   1.00 15.52 ? 25  PHE B CD2 1 
ATOM   580 C CE1 . PHE B 1 25 ? -1.393  1.721   8.233   1.00 15.09 ? 25  PHE B CE1 1 
ATOM   581 C CE2 . PHE B 1 25 ? -0.815  -0.357  7.088   1.00 15.65 ? 25  PHE B CE2 1 
ATOM   582 C CZ  . PHE B 1 25 ? -1.706  0.676   7.362   1.00 14.89 ? 25  PHE B CZ  1 
ATOM   583 N N   . GLN B 1 26 ? 1.323   -1.565  12.152  1.00 16.77 ? 26  GLN B N   1 
ATOM   584 C CA  . GLN B 1 26 ? 1.576   -2.917  12.676  1.00 15.80 ? 26  GLN B CA  1 
ATOM   585 C C   . GLN B 1 26 ? 0.523   -3.880  12.239  1.00 18.55 ? 26  GLN B C   1 
ATOM   586 O O   . GLN B 1 26 ? -0.323  -4.384  13.078  1.00 24.50 ? 26  GLN B O   1 
ATOM   587 C CB  . GLN B 1 26 ? 1.688   -2.880  14.228  1.00 18.87 ? 26  GLN B CB  1 
ATOM   588 C CG  . GLN B 1 26 ? 2.836   -1.953  14.692  1.00 19.71 ? 26  GLN B CG  1 
ATOM   589 C CD  . GLN B 1 26 ? 3.254   -2.174  16.141  1.00 26.75 ? 26  GLN B CD  1 
ATOM   590 O OE1 . GLN B 1 26 ? 2.418   -2.484  16.956  1.00 27.67 ? 26  GLN B OE1 1 
ATOM   591 N NE2 . GLN B 1 26 ? 4.534   -1.935  16.465  1.00 31.84 ? 26  GLN B NE2 1 
ATOM   592 N N   . ILE B 1 27 ? 0.544   -4.209  10.958  1.00 17.18 ? 27  ILE B N   1 
ATOM   593 C CA  . ILE B 1 27 ? -0.436  -5.065  10.361  1.00 16.99 ? 27  ILE B CA  1 
ATOM   594 C C   . ILE B 1 27 ? 0.027   -6.514  10.337  1.00 19.33 ? 27  ILE B C   1 
ATOM   595 O O   . ILE B 1 27 ? 1.213   -6.830  10.386  1.00 21.47 ? 27  ILE B O   1 
ATOM   596 C CB  . ILE B 1 27 ? -0.711  -4.732  8.888   1.00 18.64 ? 27  ILE B CB  1 
ATOM   597 C CG1 . ILE B 1 27 ? 0.590   -4.748  8.024   1.00 20.62 ? 27  ILE B CG1 1 
ATOM   598 C CG2 . ILE B 1 27 ? -1.477  -3.395  8.845   1.00 20.50 ? 27  ILE B CG2 1 
ATOM   599 C CD1 . ILE B 1 27 ? 0.306   -4.516  6.550   1.00 27.74 ? 27  ILE B CD1 1 
ATOM   600 N N   . LYS B 1 28 ? -0.975  -7.360  10.249  1.00 19.80 ? 28  LYS B N   1 
ATOM   601 C CA  . LYS B 1 28 ? -0.863  -8.849  10.389  1.00 25.60 ? 28  LYS B CA  1 
ATOM   602 C C   . LYS B 1 28 ? -1.761  -9.422  9.259   1.00 22.87 ? 28  LYS B C   1 
ATOM   603 O O   . LYS B 1 28 ? -2.802  -8.872  8.979   1.00 15.74 ? 28  LYS B O   1 
ATOM   604 C CB  . LYS B 1 28 ? -1.369  -9.395  11.778  1.00 26.30 ? 28  LYS B CB  1 
ATOM   605 C CG  . LYS B 1 28 ? -0.691  -8.967  13.072  1.00 33.55 ? 28  LYS B CG  1 
ATOM   606 C CD  . LYS B 1 28 ? 0.501   -9.853  13.412  1.00 35.94 ? 28  LYS B CD  1 
ATOM   607 C CE  . LYS B 1 28 ? 1.170   -9.440  14.722  1.00 39.80 ? 28  LYS B CE  1 
ATOM   608 N NZ  . LYS B 1 28 ? 2.656   -9.438  14.575  1.00 37.97 ? 28  LYS B NZ  1 
ATOM   609 N N   . GLU B 1 29 ? -1.400  -10.579 8.674   1.00 23.27 ? 29  GLU B N   1 
ATOM   610 C CA  . GLU B 1 29 ? -2.315  -11.393 7.876   1.00 19.49 ? 29  GLU B CA  1 
ATOM   611 C C   . GLU B 1 29 ? -3.683  -11.419 8.540   1.00 17.53 ? 29  GLU B C   1 
ATOM   612 O O   . GLU B 1 29 ? -3.822  -11.632 9.763   1.00 18.62 ? 29  GLU B O   1 
ATOM   613 C CB  . GLU B 1 29 ? -1.798  -12.818 7.876   1.00 19.02 ? 29  GLU B CB  1 
ATOM   614 C CG  . GLU B 1 29 ? -2.630  -13.748 6.995   1.00 19.37 ? 29  GLU B CG  1 
ATOM   615 C CD  . GLU B 1 29 ? -2.048  -15.154 7.021   1.00 22.27 ? 29  GLU B CD  1 
ATOM   616 O OE1 . GLU B 1 29 ? -0.973  -15.334 7.609   1.00 21.89 ? 29  GLU B OE1 1 
ATOM   617 O OE2 . GLU B 1 29 ? -2.745  -16.074 6.527   1.00 24.01 ? 29  GLU B OE2 1 
ATOM   618 N N   . GLY B 1 30 ? -4.715  -11.091 7.761   1.00 13.98 ? 30  GLY B N   1 
ATOM   619 C CA  . GLY B 1 30 ? -6.088  -11.029 8.207   1.00 16.17 ? 30  GLY B CA  1 
ATOM   620 C C   . GLY B 1 30 ? -6.641  -9.708  8.646   1.00 17.20 ? 30  GLY B C   1 
ATOM   621 O O   . GLY B 1 30 ? -7.878  -9.556  8.749   1.00 18.01 ? 30  GLY B O   1 
ATOM   622 N N   . ASP B 1 31 ? -5.774  -8.766  9.022   1.00 14.11 ? 31  ASP B N   1 
ATOM   623 C CA  . ASP B 1 31 ? -6.243  -7.429  9.298   1.00 14.28 ? 31  ASP B CA  1 
ATOM   624 C C   . ASP B 1 31 ? -6.951  -6.876  8.043   1.00 13.82 ? 31  ASP B C   1 
ATOM   625 O O   . ASP B 1 31 ? -6.679  -7.214  6.905   1.00 15.74 ? 31  ASP B O   1 
ATOM   626 C CB  . ASP B 1 31 ? -5.058  -6.546  9.658   1.00 16.25 ? 31  ASP B CB  1 
ATOM   627 C CG  . ASP B 1 31 ? -4.533  -6.760  11.066  1.00 21.18 ? 31  ASP B CG  1 
ATOM   628 O OD1 . ASP B 1 31 ? -5.133  -7.573  11.834  1.00 27.38 ? 31  ASP B OD1 1 
ATOM   629 O OD2 . ASP B 1 31 ? -3.450  -6.258  11.332  1.00 23.83 ? 31  ASP B OD2 1 
ATOM   630 N N   . LEU B 1 32 ? -7.857  -5.948  8.284   1.00 13.16 ? 32  LEU B N   1 
ATOM   631 C CA  . LEU B 1 32 ? -8.521  -5.182  7.234   1.00 14.10 ? 32  LEU B CA  1 
ATOM   632 C C   . LEU B 1 32 ? -7.939  -3.780  7.187   1.00 13.43 ? 32  LEU B C   1 
ATOM   633 O O   . LEU B 1 32 ? -7.708  -3.082  8.211   1.00 16.79 ? 32  LEU B O   1 
ATOM   634 C CB  . LEU B 1 32 ? -10.036 -5.057  7.453   1.00 17.09 ? 32  LEU B CB  1 
ATOM   635 C CG  . LEU B 1 32 ? -10.735 -6.414  7.531   1.00 19.81 ? 32  LEU B CG  1 
ATOM   636 C CD1 . LEU B 1 32 ? -12.198 -6.343  7.845   1.00 24.94 ? 32  LEU B CD1 1 
ATOM   637 C CD2 . LEU B 1 32 ? -10.539 -7.259  6.319   1.00 23.85 ? 32  LEU B CD2 1 
ATOM   638 N N   . VAL B 1 33 ? -7.678  -3.351  5.959   1.00 11.60 ? 33  VAL B N   1 
ATOM   639 C CA  . VAL B 1 33 ? -7.117  -2.065  5.750   1.00 11.18 ? 33  VAL B CA  1 
ATOM   640 C C   . VAL B 1 33 ? -7.918  -1.405  4.628   1.00 11.25 ? 33  VAL B C   1 
ATOM   641 O O   . VAL B 1 33 ? -8.521  -2.061  3.767   1.00 13.21 ? 33  VAL B O   1 
ATOM   642 C CB  . VAL B 1 33 ? -5.642  -2.096  5.290   1.00 11.21 ? 33  VAL B CB  1 
ATOM   643 C CG1 . VAL B 1 33 ? -4.799  -2.552  6.454   1.00 13.70 ? 33  VAL B CG1 1 
ATOM   644 C CG2 . VAL B 1 33 ? -5.377  -2.895  4.075   1.00 11.38 ? 33  VAL B CG2 1 
ATOM   645 N N   . LYS B 1 34 ? -7.904  -0.069  4.555   1.00 10.21 ? 34  LYS B N   1 
ATOM   646 C CA  . LYS B 1 34 ? -8.578  0.670   3.492   1.00 11.67 ? 34  LYS B CA  1 
ATOM   647 C C   . LYS B 1 34 ? -7.523  1.172   2.558   1.00 11.40 ? 34  LYS B C   1 
ATOM   648 O O   . LYS B 1 34 ? -6.556  1.778   3.024   1.00 12.39 ? 34  LYS B O   1 
ATOM   649 C CB  . LYS B 1 34 ? -9.424  1.846   4.077   1.00 14.56 ? 34  LYS B CB  1 
ATOM   650 C CG  . LYS B 1 34 ? -10.193 2.614   3.060   1.00 20.76 ? 34  LYS B CG  1 
ATOM   651 C CD  . LYS B 1 34 ? -11.095 3.695   3.671   1.00 26.22 ? 34  LYS B CD  1 
ATOM   652 C CE  . LYS B 1 34 ? -10.349 4.795   4.386   1.00 32.31 ? 34  LYS B CE  1 
ATOM   653 N NZ  . LYS B 1 34 ? -11.342 5.824   4.822   1.00 35.99 ? 34  LYS B NZ  1 
ATOM   654 N N   . VAL B 1 35 ? -7.658  0.940   1.292   1.00 9.86  ? 35  VAL B N   1 
ATOM   655 C CA  . VAL B 1 35 ? -6.733  1.292   0.240   1.00 10.10 ? 35  VAL B CA  1 
ATOM   656 C C   . VAL B 1 35 ? -7.372  2.329   -0.649  1.00 11.46 ? 35  VAL B C   1 
ATOM   657 O O   . VAL B 1 35 ? -8.411  2.063   -1.287  1.00 12.35 ? 35  VAL B O   1 
ATOM   658 C CB  . VAL B 1 35 ? -6.334  0.064   -0.593  1.00 10.78 ? 35  VAL B CB  1 
ATOM   659 C CG1 . VAL B 1 35 ? -5.300  0.410   -1.635  1.00 11.20 ? 35  VAL B CG1 1 
ATOM   660 C CG2 . VAL B 1 35 ? -5.773  -1.063  0.273   1.00 11.38 ? 35  VAL B CG2 1 
ATOM   661 N N   . THR B 1 36 ? -6.796  3.533   -0.663  1.00 9.94  ? 36  THR B N   1 
ATOM   662 C CA  . THR B 1 36 ? -7.401  4.674   -1.313  1.00 11.97 ? 36  THR B CA  1 
ATOM   663 C C   . THR B 1 36 ? -6.471  5.312   -2.347  1.00 12.71 ? 36  THR B C   1 
ATOM   664 O O   . THR B 1 36 ? -5.267  5.405   -2.077  1.00 13.65 ? 36  THR B O   1 
ATOM   665 C CB  . THR B 1 36 ? -7.779  5.736   -0.234  1.00 14.72 ? 36  THR B CB  1 
ATOM   666 O OG1 . THR B 1 36 ? -8.635  5.147   0.749   1.00 16.49 ? 36  THR B OG1 1 
ATOM   667 C CG2 . THR B 1 36 ? -8.430  6.913   -0.831  1.00 18.97 ? 36  THR B CG2 1 
ATOM   668 N N   . PHE B 1 37 ? -6.945  5.720   -3.495  1.00 12.86 ? 37  PHE B N   1 
ATOM   669 C CA  . PHE B 1 37 ? -6.121  6.529   -4.413  1.00 13.59 ? 37  PHE B CA  1 
ATOM   670 C C   . PHE B 1 37 ? -6.288  7.989   -3.955  1.00 13.94 ? 37  PHE B C   1 
ATOM   671 O O   . PHE B 1 37 ? -7.448  8.519   -3.973  1.00 13.69 ? 37  PHE B O   1 
ATOM   672 C CB  . PHE B 1 37 ? -6.582  6.408   -5.812  1.00 14.40 ? 37  PHE B CB  1 
ATOM   673 C CG  . PHE B 1 37 ? -5.794  7.268   -6.782  1.00 14.60 ? 37  PHE B CG  1 
ATOM   674 C CD1 . PHE B 1 37 ? -4.453  7.008   -6.997  1.00 17.29 ? 37  PHE B CD1 1 
ATOM   675 C CD2 . PHE B 1 37 ? -6.366  8.366   -7.370  1.00 16.19 ? 37  PHE B CD2 1 
ATOM   676 C CE1 . PHE B 1 37 ? -3.710  7.771   -7.894  1.00 18.68 ? 37  PHE B CE1 1 
ATOM   677 C CE2 . PHE B 1 37 ? -5.582  9.185   -8.161  1.00 16.58 ? 37  PHE B CE2 1 
ATOM   678 C CZ  . PHE B 1 37 ? -4.293  8.885   -8.448  1.00 17.55 ? 37  PHE B CZ  1 
ATOM   679 N N   . ASP B 1 38 ? -5.166  8.672   -3.661  1.00 14.41 ? 38  ASP B N   1 
ATOM   680 C CA  . ASP B 1 38 ? -5.215  10.070  -3.228  1.00 15.68 ? 38  ASP B CA  1 
ATOM   681 C C   . ASP B 1 38 ? -5.057  10.980  -4.460  1.00 17.98 ? 38  ASP B C   1 
ATOM   682 O O   . ASP B 1 38 ? -4.044  10.939  -5.141  1.00 17.27 ? 38  ASP B O   1 
ATOM   683 C CB  . ASP B 1 38 ? -4.158  10.357  -2.186  1.00 16.41 ? 38  ASP B CB  1 
ATOM   684 C CG  . ASP B 1 38 ? -4.375  11.711  -1.578  1.00 23.07 ? 38  ASP B CG  1 
ATOM   685 O OD1 . ASP B 1 38 ? -4.277  12.667  -2.387  1.00 21.45 ? 38  ASP B OD1 1 
ATOM   686 O OD2 . ASP B 1 38 ? -4.800  11.797  -0.412  1.00 25.84 ? 38  ASP B OD2 1 
ATOM   687 N N   . GLU B 1 39 ? -6.124  11.707  -4.782  1.00 17.56 ? 39  GLU B N   1 
ATOM   688 C CA  . GLU B 1 39 ? -6.253  12.425  -6.008  1.00 20.73 ? 39  GLU B CA  1 
ATOM   689 C C   . GLU B 1 39 ? -5.439  13.704  -5.993  1.00 23.39 ? 39  GLU B C   1 
ATOM   690 O O   . GLU B 1 39 ? -5.245  14.333  -7.032  1.00 26.65 ? 39  GLU B O   1 
ATOM   691 C CB  . GLU B 1 39 ? -7.766  12.749  -6.208  1.00 22.44 ? 39  GLU B CB  1 
ATOM   692 C CG  . GLU B 1 39 ? -8.598  11.529  -6.504  1.00 26.01 ? 39  GLU B CG  1 
ATOM   693 C CD  . GLU B 1 39 ? -10.122 11.760  -6.379  1.00 31.24 ? 39  GLU B CD  1 
ATOM   694 O OE1 . GLU B 1 39 ? -10.577 12.844  -6.811  1.00 28.72 ? 39  GLU B OE1 1 
ATOM   695 O OE2 . GLU B 1 39 ? -10.861 10.862  -5.895  1.00 31.36 ? 39  GLU B OE2 1 
ATOM   696 N N   . SER B 1 40 ? -4.949  14.145  -4.874  1.00 18.81 ? 40  SER B N   1 
ATOM   697 C CA  . SER B 1 40 ? -4.093  15.281  -4.919  1.00 21.00 ? 40  SER B CA  1 
ATOM   698 C C   . SER B 1 40 ? -2.625  14.988  -4.815  1.00 21.51 ? 40  SER B C   1 
ATOM   699 O O   . SER B 1 40 ? -1.766  15.889  -4.903  1.00 26.29 ? 40  SER B O   1 
ATOM   700 C CB  . SER B 1 40 ? -4.544  16.258  -3.843  1.00 20.94 ? 40  SER B CB  1 
ATOM   701 O OG  . SER B 1 40 ? -4.586  15.742  -2.538  1.00 31.23 ? 40  SER B OG  1 
ATOM   702 N N   . GLU B 1 41 ? -2.323  13.835  -4.246  1.00 15.46 ? 41  GLU B N   1 
ATOM   703 C CA  . GLU B 1 41 ? -0.904  13.433  -4.140  1.00 16.98 ? 41  GLU B CA  1 
ATOM   704 C C   . GLU B 1 41 ? -0.500  12.425  -5.200  1.00 16.78 ? 41  GLU B C   1 
ATOM   705 O O   . GLU B 1 41 ? 0.751   12.323  -5.424  1.00 18.33 ? 41  GLU B O   1 
ATOM   706 C CB  . GLU B 1 41 ? -0.671  12.848  -2.738  1.00 20.75 ? 41  GLU B CB  1 
ATOM   707 C CG  . GLU B 1 41 ? -0.942  13.830  -1.625  1.00 23.29 ? 41  GLU B CG  1 
ATOM   708 C CD  . GLU B 1 41 ? -0.886  13.268  -0.225  1.00 30.85 ? 41  GLU B CD  1 
ATOM   709 O OE1 . GLU B 1 41 ? 0.053   12.437  -0.045  1.00 26.66 ? 41  GLU B OE1 1 
ATOM   710 O OE2 . GLU B 1 41 ? -1.718  13.711  0.701   1.00 26.67 ? 41  GLU B OE2 1 
ATOM   711 N N   . GLY B 1 42 ? -1.419  11.675  -5.819  1.00 16.24 ? 42  GLY B N   1 
ATOM   712 C CA  . GLY B 1 42 ? -1.108  10.645  -6.853  1.00 16.25 ? 42  GLY B CA  1 
ATOM   713 C C   . GLY B 1 42 ? -0.436  9.451   -6.256  1.00 17.78 ? 42  GLY B C   1 
ATOM   714 O O   . GLY B 1 42 ? 0.376   8.833   -6.896  1.00 19.36 ? 42  GLY B O   1 
ATOM   715 N N   . VAL B 1 43 ? -0.714  9.208   -4.995  1.00 14.58 ? 43  VAL B N   1 
ATOM   716 C CA  . VAL B 1 43 ? -0.199  8.060   -4.330  1.00 12.53 ? 43  VAL B CA  1 
ATOM   717 C C   . VAL B 1 43 ? -1.354  7.179   -3.846  1.00 13.15 ? 43  VAL B C   1 
ATOM   718 O O   . VAL B 1 43 ? -2.497  7.640   -3.820  1.00 12.34 ? 43  VAL B O   1 
ATOM   719 C CB  . VAL B 1 43 ? 0.648   8.405   -3.083  1.00 14.77 ? 43  VAL B CB  1 
ATOM   720 C CG1 . VAL B 1 43 ? 1.850   9.303   -3.524  1.00 15.45 ? 43  VAL B CG1 1 
ATOM   721 C CG2 . VAL B 1 43 ? -0.155  9.019   -1.920  1.00 14.78 ? 43  VAL B CG2 1 
ATOM   722 N N   . VAL B 1 44 ? -1.067  5.938   -3.456  1.00 10.54 ? 44  VAL B N   1 
ATOM   723 C CA  . VAL B 1 44 ? -2.042  5.104   -2.812  1.00 10.43 ? 44  VAL B CA  1 
ATOM   724 C C   . VAL B 1 44 ? -1.826  5.157   -1.324  1.00 10.73 ? 44  VAL B C   1 
ATOM   725 O O   . VAL B 1 44 ? -0.721  5.110   -0.855  1.00 12.62 ? 44  VAL B O   1 
ATOM   726 C CB  . VAL B 1 44 ? -1.961  3.675   -3.335  1.00 11.96 ? 44  VAL B CB  1 
ATOM   727 C CG1 . VAL B 1 44 ? -2.785  2.726   -2.443  1.00 13.68 ? 44  VAL B CG1 1 
ATOM   728 C CG2 . VAL B 1 44 ? -2.424  3.661   -4.792  1.00 13.85 ? 44  VAL B CG2 1 
ATOM   729 N N   . LYS B 1 45 ? -2.900  5.338   -0.549  1.00 9.16  ? 45  LYS B N   1 
ATOM   730 C CA  . LYS B 1 45 ? -2.799  5.368   0.897   1.00 10.50 ? 45  LYS B CA  1 
ATOM   731 C C   . LYS B 1 45 ? -3.410  4.104   1.468   1.00 11.30 ? 45  LYS B C   1 
ATOM   732 O O   . LYS B 1 45 ? -4.419  3.601   0.986   1.00 11.60 ? 45  LYS B O   1 
ATOM   733 C CB  . LYS B 1 45 ? -3.507  6.595   1.509   1.00 12.51 ? 45  LYS B CB  1 
ATOM   734 C CG  . LYS B 1 45 ? -2.842  7.887   1.132   1.00 16.61 ? 45  LYS B CG  1 
ATOM   735 C CD  . LYS B 1 45 ? -3.437  9.108   1.804   1.00 18.70 ? 45  LYS B CD  1 
ATOM   736 C CE  . LYS B 1 45 ? -2.667  10.314  1.283   1.00 23.38 ? 45  LYS B CE  1 
ATOM   737 N NZ  . LYS B 1 45 ? -3.027  11.553  2.069   1.00 22.36 ? 45  LYS B NZ  1 
ATOM   738 N N   . ILE B 1 46 ? -2.749  3.525   2.434   1.00 9.53  ? 46  ILE B N   1 
ATOM   739 C CA  . ILE B 1 46 ? -3.239  2.340   3.183   1.00 10.99 ? 46  ILE B CA  1 
ATOM   740 C C   . ILE B 1 46 ? -3.447  2.722   4.625   1.00 10.49 ? 46  ILE B C   1 
ATOM   741 O O   . ILE B 1 46 ? -2.542  3.188   5.315   1.00 10.05 ? 46  ILE B O   1 
ATOM   742 C CB  . ILE B 1 46 ? -2.234  1.156   3.054   1.00 10.68 ? 46  ILE B CB  1 
ATOM   743 C CG1 . ILE B 1 46 ? -1.916  0.872   1.584   1.00 13.41 ? 46  ILE B CG1 1 
ATOM   744 C CG2 . ILE B 1 46 ? -2.842  -0.089  3.669   1.00 11.87 ? 46  ILE B CG2 1 
ATOM   745 C CD1 . ILE B 1 46 ? -0.972  -0.213  1.312   1.00 16.10 ? 46  ILE B CD1 1 
ATOM   746 N N   . GLN B 1 47 ? -4.692  2.574   5.099   1.00 11.71 ? 47  GLN B N   1 
ATOM   747 C CA  . GLN B 1 47 ? -5.119  2.983   6.435   1.00 12.15 ? 47  GLN B CA  1 
ATOM   748 C C   . GLN B 1 47 ? -5.667  1.833   7.220   1.00 12.88 ? 47  GLN B C   1 
ATOM   749 O O   . GLN B 1 47 ? -6.367  1.011   6.676   1.00 11.97 ? 47  GLN B O   1 
ATOM   750 C CB  . GLN B 1 47 ? -6.162  4.060   6.257   1.00 17.95 ? 47  GLN B CB  1 
ATOM   751 C CG  . GLN B 1 47 ? -6.719  4.629   7.545   1.00 24.76 ? 47  GLN B CG  1 
ATOM   752 C CD  . GLN B 1 47 ? -8.018  5.398   7.226   1.00 33.34 ? 47  GLN B CD  1 
ATOM   753 O OE1 . GLN B 1 47 ? -8.030  6.304   6.375   1.00 40.09 ? 47  GLN B OE1 1 
ATOM   754 N NE2 . GLN B 1 47 ? -9.120  4.959   7.820   1.00 38.73 ? 47  GLN B NE2 1 
ATOM   755 N N   . LEU B 1 48 ? -5.369  1.777   8.539   1.00 13.95 ? 48  LEU B N   1 
ATOM   756 C CA  . LEU B 1 48 ? -5.932  0.686   9.352   1.00 15.97 ? 48  LEU B CA  1 
ATOM   757 C C   . LEU B 1 48 ? -7.347  0.954   9.617   1.00 21.56 ? 48  LEU B C   1 
ATOM   758 O O   . LEU B 1 48 ? -7.786  2.084   9.659   1.00 23.88 ? 48  LEU B O   1 
ATOM   759 C CB  . LEU B 1 48 ? -5.309  0.665   10.736  1.00 22.26 ? 48  LEU B CB  1 
ATOM   760 C CG  . LEU B 1 48 ? -3.842  0.539   10.715  1.00 23.22 ? 48  LEU B CG  1 
ATOM   761 C CD1 . LEU B 1 48 ? -3.455  0.650   12.170  1.00 29.49 ? 48  LEU B CD1 1 
ATOM   762 C CD2 . LEU B 1 48 ? -3.391  -0.752  10.072  1.00 27.83 ? 48  LEU B CD2 1 
ATOM   763 N N   . LEU B 1 49 ? -8.120  -0.137  9.696   1.00 21.41 ? 49  LEU B N   1 
ATOM   764 C CA  . LEU B 1 49 ? -9.465  -0.054  10.196  1.00 29.80 ? 49  LEU B CA  1 
ATOM   765 C C   . LEU B 1 49 ? -9.322  -0.681  11.607  1.00 35.62 ? 49  LEU B C   1 
ATOM   766 O O   . LEU B 1 49 ? -8.884  -1.823  11.794  1.00 40.47 ? 49  LEU B O   1 
ATOM   767 C CB  . LEU B 1 49 ? -10.433 -0.822  9.312   1.00 31.22 ? 49  LEU B CB  1 
ATOM   768 C CG  . LEU B 1 49 ? -10.524 -0.376  7.866   1.00 32.19 ? 49  LEU B CG  1 
ATOM   769 C CD1 . LEU B 1 49 ? -11.793 -1.019  7.332   1.00 38.38 ? 49  LEU B CD1 1 
ATOM   770 C CD2 . LEU B 1 49 ? -10.653 1.140   7.791   1.00 36.77 ? 49  LEU B CD2 1 
HETATM 771 S S   . SO4 C 2 .  ? -10.278 -6.788  -7.675  1.00 25.94 ? 201 SO4 A S   1 
HETATM 772 O O1  . SO4 C 2 .  ? -11.326 -5.840  -8.118  1.00 24.76 ? 201 SO4 A O1  1 
HETATM 773 O O2  . SO4 C 2 .  ? -10.550 -7.662  -6.547  1.00 35.95 ? 201 SO4 A O2  1 
HETATM 774 O O3  . SO4 C 2 .  ? -10.373 -7.581  -8.898  1.00 30.96 ? 201 SO4 A O3  1 
HETATM 775 O O4  . SO4 C 2 .  ? -8.917  -6.175  -7.730  1.00 27.26 ? 201 SO4 A O4  1 
HETATM 776 O O1  . PG4 D 3 .  ? -9.168  11.675  -11.592 1.00 51.25 ? 202 PG4 A O1  1 
HETATM 777 C C1  . PG4 D 3 .  ? -10.428 11.769  -10.971 1.00 53.86 ? 202 PG4 A C1  1 
HETATM 778 C C2  . PG4 D 3 .  ? -10.540 10.725  -9.866  1.00 49.51 ? 202 PG4 A C2  1 
HETATM 779 O O2  . PG4 D 3 .  ? -11.893 10.280  -9.796  1.00 53.94 ? 202 PG4 A O2  1 
HETATM 780 C C3  . PG4 D 3 .  ? -12.161 8.856   -9.800  1.00 47.60 ? 202 PG4 A C3  1 
HETATM 781 C C4  . PG4 D 3 .  ? -13.358 8.492   -10.651 1.00 44.55 ? 202 PG4 A C4  1 
HETATM 782 O O3  . PG4 D 3 .  ? -13.185 7.209   -11.328 1.00 44.78 ? 202 PG4 A O3  1 
HETATM 783 C C5  . PG4 D 3 .  ? -12.376 7.238   -12.507 1.00 41.41 ? 202 PG4 A C5  1 
HETATM 784 C C6  . PG4 D 3 .  ? -12.802 6.206   -13.569 1.00 45.17 ? 202 PG4 A C6  1 
HETATM 785 O O4  . PG4 D 3 .  ? -11.619 5.601   -14.146 1.00 44.07 ? 202 PG4 A O4  1 
HETATM 786 C C7  . PG4 D 3 .  ? -10.838 6.479   -15.028 1.00 45.28 ? 202 PG4 A C7  1 
HETATM 787 C C8  . PG4 D 3 .  ? -9.390  6.026   -15.114 1.00 43.92 ? 202 PG4 A C8  1 
HETATM 788 O O5  . PG4 D 3 .  ? -8.578  7.190   -15.271 1.00 40.53 ? 202 PG4 A O5  1 
HETATM 789 O O1  . PG4 E 3 .  ? -4.042  -18.611 4.038   1.00 50.60 ? 203 PG4 A O1  1 
HETATM 790 C C1  . PG4 E 3 .  ? -3.154  -17.778 3.237   1.00 56.88 ? 203 PG4 A C1  1 
HETATM 791 C C2  . PG4 E 3 .  ? -3.660  -17.400 1.818   1.00 56.25 ? 203 PG4 A C2  1 
HETATM 792 O O2  . PG4 E 3 .  ? -2.796  -16.388 1.166   1.00 56.15 ? 203 PG4 A O2  1 
HETATM 793 C C3  . PG4 E 3 .  ? -3.359  -15.045 1.147   1.00 50.67 ? 203 PG4 A C3  1 
HETATM 794 C C4  . PG4 E 3 .  ? -4.321  -14.834 -0.050  1.00 55.98 ? 203 PG4 A C4  1 
HETATM 795 O O3  . PG4 E 3 .  ? -5.652  -14.360 0.325   1.00 60.75 ? 203 PG4 A O3  1 
HETATM 796 C C5  . PG4 E 3 .  ? -5.780  -13.079 0.974   1.00 49.66 ? 203 PG4 A C5  1 
HETATM 797 C C6  . PG4 E 3 .  ? -6.855  -13.091 2.118   1.00 43.54 ? 203 PG4 A C6  1 
HETATM 798 O O4  . PG4 E 3 .  ? -6.381  -12.396 3.332   1.00 47.93 ? 203 PG4 A O4  1 
HETATM 799 C C7  . PG4 E 3 .  ? -5.885  -12.981 4.602   1.00 23.62 ? 203 PG4 A C7  1 
HETATM 800 S S   . SO4 F 2 .  ? 11.729  -7.434  5.170   1.00 30.57 ? 101 SO4 B S   1 
HETATM 801 O O1  . SO4 F 2 .  ? 10.324  -7.032  5.387   1.00 30.74 ? 101 SO4 B O1  1 
HETATM 802 O O2  . SO4 F 2 .  ? 11.789  -8.738  5.910   1.00 36.08 ? 101 SO4 B O2  1 
HETATM 803 O O3  . SO4 F 2 .  ? 11.843  -7.565  3.704   1.00 43.74 ? 101 SO4 B O3  1 
HETATM 804 O O4  . SO4 F 2 .  ? 12.794  -6.646  5.674   1.00 33.77 ? 101 SO4 B O4  1 
HETATM 805 S S   . SO4 G 2 .  ? 1.055   -12.797 -5.594  1.00 50.33 ? 102 SO4 B S   1 
HETATM 806 O O1  . SO4 G 2 .  ? 0.765   -11.431 -5.018  1.00 43.37 ? 102 SO4 B O1  1 
HETATM 807 O O2  . SO4 G 2 .  ? -0.245  -13.516 -5.397  1.00 56.55 ? 102 SO4 B O2  1 
HETATM 808 O O3  . SO4 G 2 .  ? 1.464   -12.913 -7.033  1.00 35.12 ? 102 SO4 B O3  1 
HETATM 809 O O4  . SO4 G 2 .  ? 2.158   -13.271 -4.692  1.00 48.01 ? 102 SO4 B O4  1 
HETATM 810 O O   . HOH H 4 .  ? -6.421  -6.713  -7.763  1.00 35.89 ? 301 HOH A O   1 
HETATM 811 O O   . HOH H 4 .  ? -11.890 -1.388  -12.202 1.00 39.11 ? 302 HOH A O   1 
HETATM 812 O O   . HOH H 4 .  ? 11.151  9.066   -5.168  1.00 52.89 ? 303 HOH A O   1 
HETATM 813 O O   . HOH H 4 .  ? 2.250   9.451   13.380  1.00 41.24 ? 304 HOH A O   1 
HETATM 814 O O   . HOH H 4 .  ? 6.809   -11.533 11.119  1.00 47.67 ? 305 HOH A O   1 
HETATM 815 O O   . HOH H 4 .  ? -2.554  -2.255  -13.208 1.00 33.38 ? 306 HOH A O   1 
HETATM 816 O O   . HOH H 4 .  ? 5.313   -6.168  -16.106 1.00 35.80 ? 307 HOH A O   1 
HETATM 817 O O   . HOH H 4 .  ? 6.539   -11.742 -10.381 1.00 29.83 ? 308 HOH A O   1 
HETATM 818 O O   . HOH H 4 .  ? -4.400  -8.124  0.273   1.00 16.89 ? 309 HOH A O   1 
HETATM 819 O O   . HOH H 4 .  ? 5.865   -10.685 1.401   1.00 30.93 ? 310 HOH A O   1 
HETATM 820 O O   . HOH H 4 .  ? -12.815 -5.776  -1.054  1.00 16.28 ? 311 HOH A O   1 
HETATM 821 O O   . HOH H 4 .  ? 10.136  8.182   -9.784  1.00 41.33 ? 312 HOH A O   1 
HETATM 822 O O   . HOH H 4 .  ? -7.064  -10.257 0.680   1.00 30.01 ? 313 HOH A O   1 
HETATM 823 O O   . HOH H 4 .  ? 0.021   -13.917 0.234   1.00 36.38 ? 314 HOH A O   1 
HETATM 824 O O   . HOH H 4 .  ? -13.662 11.479  -1.731  1.00 47.48 ? 315 HOH A O   1 
HETATM 825 O O   . HOH H 4 .  ? -11.515 -3.272  -7.336  1.00 15.25 ? 316 HOH A O   1 
HETATM 826 O O   . HOH H 4 .  ? -4.029  -9.913  -5.226  1.00 26.78 ? 317 HOH A O   1 
HETATM 827 O O   . HOH H 4 .  ? 8.136   7.843   8.630   1.00 28.29 ? 318 HOH A O   1 
HETATM 828 O O   . HOH H 4 .  ? -9.766  -6.037  -3.970  1.00 33.44 ? 319 HOH A O   1 
HETATM 829 O O   . HOH H 4 .  ? -2.430  -0.017  -13.277 1.00 32.70 ? 320 HOH A O   1 
HETATM 830 O O   . HOH H 4 .  ? 5.037   10.982  3.794   1.00 36.52 ? 321 HOH A O   1 
HETATM 831 O O   . HOH H 4 .  ? 6.538   2.869   -10.034 1.00 29.51 ? 322 HOH A O   1 
HETATM 832 O O   . HOH H 4 .  ? 5.182   -14.153 -13.540 1.00 47.04 ? 323 HOH A O   1 
HETATM 833 O O   . HOH H 4 .  ? -11.622 3.590   -10.467 1.00 23.31 ? 324 HOH A O   1 
HETATM 834 O O   . HOH H 4 .  ? -0.237  5.804   -12.707 1.00 42.55 ? 325 HOH A O   1 
HETATM 835 O O   . HOH H 4 .  ? 7.445   -3.844  -14.463 1.00 32.26 ? 326 HOH A O   1 
HETATM 836 O O   . HOH H 4 .  ? -12.567 -5.753  -10.607 1.00 30.26 ? 327 HOH A O   1 
HETATM 837 O O   . HOH H 4 .  ? -6.674  3.129   -16.244 1.00 38.35 ? 328 HOH A O   1 
HETATM 838 O O   . HOH H 4 .  ? -7.833  -1.697  -13.152 1.00 28.29 ? 329 HOH A O   1 
HETATM 839 O O   . HOH H 4 .  ? 1.553   14.320  4.539   1.00 38.00 ? 330 HOH A O   1 
HETATM 840 O O   . HOH H 4 .  ? 11.285  -6.002  -11.753 1.00 47.34 ? 331 HOH A O   1 
HETATM 841 O O   . HOH H 4 .  ? -14.694 3.856   -4.263  1.00 19.89 ? 332 HOH A O   1 
HETATM 842 O O   . HOH H 4 .  ? 6.186   11.597  8.011   1.00 47.25 ? 333 HOH A O   1 
HETATM 843 O O   . HOH H 4 .  ? 1.633   -14.217 7.161   1.00 23.12 ? 334 HOH A O   1 
HETATM 844 O O   . HOH H 4 .  ? -3.855  3.928   9.698   1.00 20.59 ? 335 HOH A O   1 
HETATM 845 O O   . HOH H 4 .  ? 3.579   -17.670 5.882   1.00 29.25 ? 336 HOH A O   1 
HETATM 846 O O   . HOH H 4 .  ? 4.239   -8.460  -3.001  1.00 26.09 ? 337 HOH A O   1 
HETATM 847 O O   . HOH H 4 .  ? -7.932  -7.956  -10.499 1.00 37.74 ? 338 HOH A O   1 
HETATM 848 O O   . HOH H 4 .  ? -10.381 -7.534  -11.828 1.00 31.75 ? 339 HOH A O   1 
HETATM 849 O O   . HOH H 4 .  ? -0.907  7.259   -11.251 1.00 45.21 ? 340 HOH A O   1 
HETATM 850 O O   . HOH H 4 .  ? -9.448  -8.700  0.460   1.00 22.41 ? 341 HOH A O   1 
HETATM 851 O O   . HOH H 4 .  ? 1.297   -6.859  -14.889 1.00 21.34 ? 342 HOH A O   1 
HETATM 852 O O   . HOH H 4 .  ? 4.147   -20.207 7.088   1.00 44.52 ? 343 HOH A O   1 
HETATM 853 O O   . HOH H 4 .  ? -4.923  11.263  9.170   1.00 43.60 ? 344 HOH A O   1 
HETATM 854 O O   . HOH H 4 .  ? 7.098   -10.373 3.970   1.00 31.56 ? 345 HOH A O   1 
HETATM 855 O O   . HOH H 4 .  ? 6.032   -12.403 -15.798 1.00 48.22 ? 346 HOH A O   1 
HETATM 856 O O   . HOH H 4 .  ? -5.784  -5.844  -14.294 1.00 37.11 ? 347 HOH A O   1 
HETATM 857 O O   . HOH H 4 .  ? 11.003  3.260   -13.090 1.00 40.60 ? 348 HOH A O   1 
HETATM 858 O O   . HOH H 4 .  ? 1.380   -11.466 7.533   1.00 23.09 ? 349 HOH A O   1 
HETATM 859 O O   . HOH H 4 .  ? -12.147 -10.559 9.390   1.00 40.55 ? 350 HOH A O   1 
HETATM 860 O O   . HOH H 4 .  ? 6.411   -13.116 5.728   1.00 46.34 ? 351 HOH A O   1 
HETATM 861 O O   . HOH H 4 .  ? -6.986  -9.061  -1.279  1.00 37.62 ? 352 HOH A O   1 
HETATM 862 O O   . HOH H 4 .  ? -4.232  7.095   11.450  1.00 37.35 ? 353 HOH A O   1 
HETATM 863 O O   . HOH H 4 .  ? 8.813   0.793   -11.994 1.00 35.07 ? 354 HOH A O   1 
HETATM 864 O O   . HOH H 4 .  ? 14.386  6.734   -2.844  1.00 35.84 ? 355 HOH A O   1 
HETATM 865 O O   . HOH H 4 .  ? 12.091  8.082   -11.640 1.00 37.55 ? 356 HOH A O   1 
HETATM 866 O O   . HOH H 4 .  ? 12.454  4.104   -11.710 1.00 40.00 ? 357 HOH A O   1 
HETATM 867 O O   . HOH H 4 .  ? -13.239 -2.780  -9.428  1.00 21.49 ? 358 HOH A O   1 
HETATM 868 O O   . HOH H 4 .  ? -14.938 1.087   0.394   1.00 36.58 ? 359 HOH A O   1 
HETATM 869 O O   . HOH H 4 .  ? -5.810  7.043   9.460   1.00 49.17 ? 360 HOH A O   1 
HETATM 870 O O   . HOH H 4 .  ? 5.385   -19.787 4.003   1.00 44.21 ? 361 HOH A O   1 
HETATM 871 O O   . HOH H 4 .  ? -14.043 3.816   -9.426  1.00 34.40 ? 362 HOH A O   1 
HETATM 872 O O   . HOH H 4 .  ? -9.200  -4.582  -14.137 1.00 49.73 ? 363 HOH A O   1 
HETATM 873 O O   . HOH H 4 .  ? -9.037  -8.090  -2.436  1.00 44.37 ? 364 HOH A O   1 
HETATM 874 O O   . HOH H 4 .  ? -14.412 -7.840  -10.791 1.00 26.14 ? 365 HOH A O   1 
HETATM 875 O O   . HOH H 4 .  ? -11.080 -10.360 -12.378 1.00 50.63 ? 366 HOH A O   1 
HETATM 876 O O   . HOH H 4 .  ? 11.388  1.000   -13.215 1.00 39.07 ? 367 HOH A O   1 
HETATM 877 O O   . HOH H 4 .  ? -1.848  10.522  -10.727 1.00 36.20 ? 368 HOH A O   1 
HETATM 878 O O   . HOH H 4 .  ? -13.651 -14.093 7.334   1.00 42.41 ? 369 HOH A O   1 
HETATM 879 O O   . HOH H 4 .  ? -4.434  11.444  -11.095 1.00 43.09 ? 370 HOH A O   1 
HETATM 880 O O   . HOH H 4 .  ? -13.720 -10.188 -12.615 1.00 43.35 ? 371 HOH A O   1 
HETATM 881 O O   . HOH H 4 .  ? 13.984  5.029   -15.680 0.50 31.97 ? 372 HOH A O   1 
HETATM 882 O O   . HOH H 4 .  ? 13.059  0.357   -15.161 0.50 52.11 ? 373 HOH A O   1 
HETATM 883 O O   . HOH H 4 .  ? 12.748  2.236   -17.349 0.50 41.24 ? 374 HOH A O   1 
HETATM 884 O O   . HOH H 4 .  ? 13.684  -0.257  -17.732 0.50 36.56 ? 375 HOH A O   1 
HETATM 885 O O   . HOH I 4 .  ? 7.991   -8.265  5.191   1.00 32.84 ? 201 HOH B O   1 
HETATM 886 O O   . HOH I 4 .  ? 4.073   -9.418  12.664  1.00 39.76 ? 202 HOH B O   1 
HETATM 887 O O   . HOH I 4 .  ? -6.429  -2.712  10.320  1.00 35.77 ? 203 HOH B O   1 
HETATM 888 O O   . HOH I 4 .  ? 2.428   12.135  -0.805  1.00 36.29 ? 204 HOH B O   1 
HETATM 889 O O   . HOH I 4 .  ? -4.302  14.733  -0.205  1.00 23.41 ? 205 HOH B O   1 
HETATM 890 O O   . HOH I 4 .  ? -2.824  -6.525  13.863  1.00 31.51 ? 206 HOH B O   1 
HETATM 891 O O   . HOH I 4 .  ? 6.285   -6.308  -2.611  1.00 22.27 ? 207 HOH B O   1 
HETATM 892 O O   . HOH I 4 .  ? -0.834  -5.263  -15.784 1.00 34.10 ? 208 HOH B O   1 
HETATM 893 O O   . HOH I 4 .  ? -6.657  -6.194  13.530  1.00 40.02 ? 209 HOH B O   1 
HETATM 894 O O   . HOH I 4 .  ? -10.066 9.007   -4.046  1.00 29.33 ? 210 HOH B O   1 
HETATM 895 O O   . HOH I 4 .  ? 3.518   -6.552  11.705  1.00 27.57 ? 211 HOH B O   1 
HETATM 896 O O   . HOH I 4 .  ? -1.041  15.527  2.553   1.00 39.46 ? 212 HOH B O   1 
HETATM 897 O O   . HOH I 4 .  ? 13.728  -3.407  -0.323  1.00 15.90 ? 213 HOH B O   1 
HETATM 898 O O   . HOH I 4 .  ? 9.385   10.246  1.092   1.00 44.18 ? 214 HOH B O   1 
HETATM 899 O O   . HOH I 4 .  ? 2.942   7.917   -6.926  1.00 22.47 ? 215 HOH B O   1 
HETATM 900 O O   . HOH I 4 .  ? 12.270  -3.956  6.271   1.00 13.68 ? 216 HOH B O   1 
HETATM 901 O O   . HOH I 4 .  ? 7.304   -9.095  -9.291  1.00 28.28 ? 217 HOH B O   1 
HETATM 902 O O   . HOH I 4 .  ? 11.337  1.158   11.506  1.00 22.54 ? 218 HOH B O   1 
HETATM 903 O O   . HOH I 4 .  ? -6.849  4.792   2.795   1.00 19.43 ? 219 HOH B O   1 
HETATM 904 O O   . HOH I 4 .  ? -6.811  9.965   0.018   1.00 31.90 ? 220 HOH B O   1 
HETATM 905 O O   . HOH I 4 .  ? -4.457  -15.395 4.473   1.00 36.47 ? 221 HOH B O   1 
HETATM 906 O O   . HOH I 4 .  ? 2.354   -15.001 -8.608  1.00 42.63 ? 222 HOH B O   1 
HETATM 907 O O   . HOH I 4 .  ? -5.066  -10.549 11.994  1.00 35.17 ? 223 HOH B O   1 
HETATM 908 O O   . HOH I 4 .  ? 0.048   9.055   -9.644  1.00 40.38 ? 224 HOH B O   1 
HETATM 909 O O   . HOH I 4 .  ? -8.067  -5.114  10.947  1.00 28.96 ? 225 HOH B O   1 
HETATM 910 O O   . HOH I 4 .  ? -4.534  -8.180  -15.045 1.00 32.07 ? 226 HOH B O   1 
HETATM 911 O O   . HOH I 4 .  ? 11.641  -5.686  1.535   1.00 33.82 ? 227 HOH B O   1 
HETATM 912 O O   . HOH I 4 .  ? -5.478  -16.614 6.863   1.00 39.59 ? 228 HOH B O   1 
HETATM 913 O O   . HOH I 4 .  ? 6.937   -8.877  -5.568  1.00 41.22 ? 229 HOH B O   1 
HETATM 914 O O   . HOH I 4 .  ? 9.642   -9.809  7.430   1.00 44.54 ? 230 HOH B O   1 
HETATM 915 O O   . HOH I 4 .  ? 3.535   3.075   15.515  1.00 21.88 ? 231 HOH B O   1 
HETATM 916 O O   . HOH I 4 .  ? 14.292  -5.941  -10.545 1.00 45.23 ? 232 HOH B O   1 
HETATM 917 O O   . HOH I 4 .  ? -2.062  -13.380 -1.627  1.00 42.33 ? 233 HOH B O   1 
HETATM 918 O O   . HOH I 4 .  ? 13.801  -7.748  1.581   1.00 30.45 ? 234 HOH B O   1 
HETATM 919 O O   . HOH I 4 .  ? 13.746  4.680   6.062   1.00 19.14 ? 235 HOH B O   1 
HETATM 920 O O   . HOH I 4 .  ? 4.778   -4.570  14.130  1.00 51.63 ? 236 HOH B O   1 
HETATM 921 O O   . HOH I 4 .  ? 10.546  -6.395  -3.201  1.00 21.13 ? 237 HOH B O   1 
HETATM 922 O O   . HOH I 4 .  ? -13.631 9.947   -6.161  1.00 38.12 ? 238 HOH B O   1 
HETATM 923 O O   . HOH I 4 .  ? -5.279  -9.052  -7.559  1.00 36.72 ? 239 HOH B O   1 
HETATM 924 O O   . HOH I 4 .  ? 14.038  6.107   -0.276  1.00 51.23 ? 240 HOH B O   1 
HETATM 925 O O   . HOH I 4 .  ? -1.482  -14.480 -12.967 1.00 35.94 ? 241 HOH B O   1 
HETATM 926 O O   . HOH I 4 .  ? 4.937   -12.385 -7.965  1.00 26.31 ? 242 HOH B O   1 
HETATM 927 O O   . HOH I 4 .  ? -6.497  7.181   3.981   1.00 34.64 ? 243 HOH B O   1 
HETATM 928 O O   . HOH I 4 .  ? -4.525  -10.192 -10.544 1.00 31.03 ? 244 HOH B O   1 
HETATM 929 O O   . HOH I 4 .  ? 14.097  -6.766  8.395   1.00 32.84 ? 245 HOH B O   1 
HETATM 930 O O   . HOH I 4 .  ? 5.553   -7.424  11.795  1.00 37.40 ? 246 HOH B O   1 
HETATM 931 O O   . HOH I 4 .  ? -3.204  -13.105 -4.838  1.00 44.73 ? 247 HOH B O   1 
HETATM 932 O O   . HOH I 4 .  ? 14.999  4.514   3.191   1.00 30.92 ? 248 HOH B O   1 
HETATM 933 O O   . HOH I 4 .  ? 9.592   -9.638  2.850   1.00 48.25 ? 249 HOH B O   1 
HETATM 934 O O   . HOH I 4 .  ? 4.501   -1.273  19.612  1.00 31.17 ? 250 HOH B O   1 
HETATM 935 O O   . HOH I 4 .  ? -12.212 -1.586  13.461  1.00 50.94 ? 251 HOH B O   1 
HETATM 936 O O   . HOH I 4 .  ? 8.647   -7.363  -1.304  1.00 34.27 ? 252 HOH B O   1 
HETATM 937 O O   . HOH I 4 .  ? 0.770   -12.049 10.686  1.00 36.62 ? 253 HOH B O   1 
HETATM 938 O O   . HOH I 4 .  ? 6.913   -5.752  13.533  1.00 40.16 ? 254 HOH B O   1 
HETATM 939 O O   . HOH I 4 .  ? 2.295   -12.832 14.247  1.00 54.74 ? 255 HOH B O   1 
HETATM 940 O O   . HOH I 4 .  ? -1.932  -15.047 10.939  1.00 42.07 ? 256 HOH B O   1 
HETATM 941 O O   . HOH I 4 .  ? 15.204  -9.115  6.465   1.00 43.91 ? 257 HOH B O   1 
HETATM 942 O O   . HOH I 4 .  ? 11.014  7.231   15.129  1.00 52.49 ? 258 HOH B O   1 
HETATM 943 O O   . HOH I 4 .  ? 13.803  -4.059  8.550   1.00 21.99 ? 259 HOH B O   1 
HETATM 944 O O   . HOH I 4 .  ? 12.459  -3.619  11.108  1.00 29.60 ? 260 HOH B O   1 
HETATM 945 O O   . HOH I 4 .  ? -11.676 -3.736  13.029  1.00 40.75 ? 261 HOH B O   1 
HETATM 946 O O   . HOH I 4 .  ? -11.411 2.876   11.079  1.00 41.02 ? 262 HOH B O   1 
HETATM 947 O O   . HOH I 4 .  ? -12.425 3.905   9.212   1.00 34.68 ? 263 HOH B O   1 
HETATM 948 O O   . HOH I 4 .  ? 14.588  7.031   9.257   1.00 42.03 ? 264 HOH B O   1 
HETATM 949 O O   . HOH I 4 .  ? -1.121  14.019  -8.875  1.00 38.21 ? 265 HOH B O   1 
HETATM 950 O O   . HOH I 4 .  ? 14.438  3.729   0.497   1.00 34.94 ? 266 HOH B O   1 
HETATM 951 O O   . HOH I 4 .  ? 11.951  -5.852  12.619  1.00 45.05 ? 267 HOH B O   1 
HETATM 952 O O   . HOH I 4 .  ? 8.973   -9.391  -11.497 1.00 39.60 ? 268 HOH B O   1 
HETATM 953 O O   . HOH I 4 .  ? 10.657  2.672   13.530  1.00 28.36 ? 269 HOH B O   1 
HETATM 954 O O   . HOH I 4 .  ? -5.142  -13.787 -6.346  1.00 47.43 ? 270 HOH B O   1 
HETATM 955 O O   . HOH I 4 .  ? 13.183  -0.988  11.914  1.00 28.16 ? 271 HOH B O   1 
HETATM 956 O O   . HOH I 4 .  ? 10.225  -8.094  12.533  1.00 50.14 ? 272 HOH B O   1 
HETATM 957 O O   . HOH I 4 .  ? 6.492   -11.696 -5.913  1.00 41.88 ? 273 HOH B O   1 
HETATM 958 O O   . HOH I 4 .  ? -11.974 -5.784  12.163  1.00 37.10 ? 274 HOH B O   1 
HETATM 959 O O   . HOH I 4 .  ? -13.644 -5.209  14.167  0.50 34.38 ? 275 HOH B O   1 
HETATM 960 O O   . HOH I 4 .  ? -12.830 -3.209  17.086  0.50 43.90 ? 276 HOH B O   1 
HETATM 961 O O   . HOH I 4 .  ? -11.456 -10.307 14.658  0.50 47.91 ? 277 HOH B O   1 
HETATM 962 O O   . HOH I 4 .  ? -13.489 -8.054  16.551  0.50 40.44 ? 278 HOH B O   1 
# 
